data_5WAG
#
_entry.id   5WAG
#
_cell.length_a   88.665
_cell.length_b   80.896
_cell.length_c   105.338
_cell.angle_alpha   90.00
_cell.angle_beta   113.36
_cell.angle_gamma   90.00
#
_symmetry.space_group_name_H-M   'P 1 21 1'
#
loop_
_entity.id
_entity.type
_entity.pdbx_description
1 polymer Beta-lactamase
2 non-polymer '1-{[hydroxy(phosphonooxy)boranyl]methyl}-1H-1,2,3-triazole-4-carboxylic acid'
3 non-polymer 'SUCCINIC ACID'
4 water water
#
_entity_poly.entity_id   1
_entity_poly.type   'polypeptide(L)'
_entity_poly.pdbx_seq_one_letter_code
;MDNTPKDQEIKKLVDQNFKPLLEKYDVPGMAVGVIQNNKKYEMYYGLQSVQDKKAVNSNTIFELGSVSKLFTATAGGYAK
NKGKISFDDTPGKYWKELKNTPIDQVNLLQLATYTSGNLALQFPDEVQTDQQVLTFFKDWKPKNPIGEYRQYSNPSIGLF
GKVVALSMNKPFDQVLEKTIFPALGLKHSYVNVPKTQMQNYAFGYNQENQPIRVNPGPLDAPAYGVKSTLPDMLSFIHAN
LNPQKYPTDIQRAINETHQGRYQVNTMYQALGWEEFSYPATLQTLLDSNSEQIVMKPNKVTAISKEPSVKMYHKTGSTSG
FGTYVVFIPKENIGLVMLTNKRIPNEERIKAAYVVLNAIKK
;
_entity_poly.pdbx_strand_id   B,A,C,D
#
# COMPACT_ATOMS: atom_id res chain seq x y z
N ASN A 3 31.18 9.32 40.53
CA ASN A 3 32.05 10.02 39.52
C ASN A 3 31.24 10.90 38.55
N THR A 4 29.95 10.65 38.33
CA THR A 4 28.97 11.69 37.84
C THR A 4 27.69 11.56 38.68
N PRO A 5 27.27 12.64 39.34
CA PRO A 5 26.11 12.46 40.22
C PRO A 5 24.89 12.01 39.47
N LYS A 6 23.98 11.29 40.15
CA LYS A 6 22.78 10.74 39.49
C LYS A 6 21.92 11.79 38.77
N ASP A 7 21.65 12.94 39.39
CA ASP A 7 20.85 13.96 38.71
C ASP A 7 21.44 14.36 37.33
N GLN A 8 22.76 14.47 37.22
CA GLN A 8 23.39 14.85 35.95
C GLN A 8 23.32 13.72 34.96
N GLU A 9 23.43 12.50 35.43
CA GLU A 9 23.32 11.36 34.52
C GLU A 9 21.93 11.37 33.89
N ILE A 10 20.92 11.61 34.70
CA ILE A 10 19.52 11.52 34.22
C ILE A 10 19.27 12.72 33.27
N LYS A 11 19.78 13.89 33.64
CA LYS A 11 19.71 15.08 32.77
C LYS A 11 20.38 14.85 31.43
N LYS A 12 21.53 14.17 31.40
CA LYS A 12 22.21 13.87 30.12
C LYS A 12 21.29 12.98 29.28
N LEU A 13 20.74 11.94 29.86
CA LEU A 13 19.85 11.01 29.15
C LEU A 13 18.63 11.73 28.61
N VAL A 14 17.97 12.54 29.43
CA VAL A 14 16.89 13.38 28.91
C VAL A 14 17.36 14.36 27.78
N ASP A 15 18.56 14.95 27.88
CA ASP A 15 19.11 15.78 26.83
C ASP A 15 19.37 14.99 25.58
N GLN A 16 19.80 13.75 25.72
CA GLN A 16 20.05 12.90 24.56
C GLN A 16 18.82 12.43 23.83
N ASN A 17 17.75 12.21 24.57
CA ASN A 17 16.54 11.62 24.04
C ASN A 17 15.31 12.52 23.84
N PHE A 18 15.07 13.48 24.76
CA PHE A 18 13.89 14.31 24.69
C PHE A 18 14.22 15.68 24.05
N LYS A 19 15.31 16.31 24.47
CA LYS A 19 15.74 17.63 23.97
C LYS A 19 15.76 17.79 22.45
N PRO A 20 16.26 16.78 21.68
CA PRO A 20 16.23 16.93 20.22
C PRO A 20 14.81 16.91 19.56
N LEU A 21 13.80 16.44 20.28
CA LEU A 21 12.41 16.55 19.79
C LEU A 21 11.97 18.02 19.61
N LEU A 22 12.49 18.95 20.42
CA LEU A 22 12.08 20.34 20.38
C LEU A 22 12.43 20.96 19.05
N GLU A 23 13.71 20.85 18.64
CA GLU A 23 14.12 21.35 17.33
C GLU A 23 13.40 20.60 16.23
N LYS A 24 13.35 19.26 16.31
CA LYS A 24 12.74 18.46 15.25
C LYS A 24 11.28 18.78 14.93
N TYR A 25 10.44 18.93 15.97
CA TYR A 25 9.02 19.15 15.84
C TYR A 25 8.62 20.62 16.08
N ASP A 26 9.61 21.52 16.22
CA ASP A 26 9.40 22.96 16.52
C ASP A 26 8.46 23.21 17.76
N VAL A 27 8.83 22.60 18.88
CA VAL A 27 8.01 22.51 20.10
C VAL A 27 8.50 23.68 20.96
N PRO A 28 7.60 24.57 21.40
CA PRO A 28 8.19 25.71 22.09
C PRO A 28 8.67 25.40 23.52
N GLY A 29 7.93 24.57 24.24
CA GLY A 29 8.25 24.16 25.61
C GLY A 29 7.99 22.69 25.98
N MET A 30 8.79 22.23 26.95
CA MET A 30 8.65 20.85 27.44
C MET A 30 9.10 20.77 28.87
N ALA A 31 8.42 19.90 29.63
CA ALA A 31 8.84 19.49 31.00
C ALA A 31 8.94 17.97 30.99
N VAL A 32 10.09 17.49 31.42
CA VAL A 32 10.29 16.03 31.58
C VAL A 32 10.68 15.76 33.01
N GLY A 33 10.02 14.79 33.63
CA GLY A 33 10.34 14.44 34.98
C GLY A 33 10.57 12.98 35.13
N VAL A 34 11.45 12.61 36.06
CA VAL A 34 11.69 11.15 36.35
C VAL A 34 11.59 11.00 37.83
N ILE A 35 10.93 9.93 38.27
CA ILE A 35 10.96 9.58 39.68
C ILE A 35 11.65 8.22 39.78
N GLN A 36 12.58 8.08 40.71
CA GLN A 36 13.30 6.82 40.95
C GLN A 36 13.50 6.71 42.46
N ASN A 37 12.95 5.63 43.02
CA ASN A 37 13.03 5.37 44.44
C ASN A 37 12.70 6.59 45.28
N ASN A 38 11.54 7.23 45.10
CA ASN A 38 11.27 8.41 45.92
C ASN A 38 12.14 9.65 45.69
N LYS A 39 13.05 9.63 44.72
CA LYS A 39 13.79 10.84 44.31
C LYS A 39 13.22 11.36 42.97
N LYS A 40 12.98 12.66 42.97
CA LYS A 40 12.37 13.38 41.87
C LYS A 40 13.43 14.20 41.09
N TYR A 41 13.40 14.09 39.75
CA TYR A 41 14.30 14.80 38.85
C TYR A 41 13.42 15.55 37.82
N GLU A 42 13.47 16.89 37.88
CA GLU A 42 12.72 17.78 37.01
C GLU A 42 13.65 18.52 36.00
N MET A 43 13.33 18.36 34.73
CA MET A 43 13.95 19.09 33.60
C MET A 43 12.95 19.94 32.81
N TYR A 44 13.31 21.18 32.55
CA TYR A 44 12.41 22.11 31.87
C TYR A 44 13.13 22.77 30.70
N TYR A 45 12.42 22.93 29.59
CA TYR A 45 13.00 23.41 28.33
C TYR A 45 12.10 24.41 27.73
N GLY A 46 12.69 25.47 27.17
CA GLY A 46 11.90 26.33 26.34
C GLY A 46 10.89 27.21 27.03
N LEU A 47 9.78 27.42 26.34
CA LEU A 47 8.86 28.46 26.65
C LEU A 47 7.43 28.01 26.83
N GLN A 48 6.83 28.50 27.90
CA GLN A 48 5.38 28.30 28.13
C GLN A 48 4.49 29.19 27.33
N SER A 49 5.00 30.40 27.05
CA SER A 49 4.35 31.35 26.20
C SER A 49 5.45 32.00 25.38
N VAL A 50 5.43 31.73 24.09
CA VAL A 50 6.40 32.34 23.15
C VAL A 50 6.30 33.88 23.21
N GLN A 51 5.08 34.38 23.07
CA GLN A 51 4.93 35.82 22.91
C GLN A 51 5.24 36.55 24.18
N ASP A 52 5.02 35.93 25.34
CA ASP A 52 5.38 36.55 26.63
C ASP A 52 6.85 36.31 27.02
N LYS A 53 7.61 35.51 26.26
CA LYS A 53 8.97 35.10 26.66
C LYS A 53 9.05 34.43 28.05
N LYS A 54 8.01 33.71 28.41
CA LYS A 54 7.89 33.12 29.76
C LYS A 54 8.41 31.68 29.66
N ALA A 55 9.48 31.39 30.41
CA ALA A 55 10.17 30.10 30.38
C ALA A 55 9.30 29.00 31.04
N VAL A 56 9.42 27.77 30.57
CA VAL A 56 8.76 26.66 31.27
C VAL A 56 9.52 26.45 32.57
N ASN A 57 8.75 26.14 33.62
CA ASN A 57 9.29 25.95 34.96
C ASN A 57 8.32 25.07 35.79
N SER A 58 8.69 24.88 37.04
CA SER A 58 7.94 23.99 37.89
C SER A 58 6.55 24.47 38.22
N ASN A 59 6.26 25.77 38.03
CA ASN A 59 4.90 26.31 38.17
C ASN A 59 4.04 26.21 36.93
N THR A 60 4.66 25.90 35.76
CA THR A 60 3.90 25.78 34.51
C THR A 60 2.77 24.74 34.49
N ILE A 61 1.59 25.19 34.11
CA ILE A 61 0.39 24.38 34.02
C ILE A 61 0.15 24.00 32.56
N PHE A 62 0.14 22.69 32.29
CA PHE A 62 -0.12 22.14 30.93
C PHE A 62 -1.47 21.41 30.91
N GLU A 63 -2.10 21.33 29.72
CA GLU A 63 -3.24 20.51 29.53
C GLU A 63 -2.77 19.04 29.39
N LEU A 64 -3.39 18.17 30.16
CA LEU A 64 -3.07 16.77 30.17
C LEU A 64 -3.73 15.95 29.09
N GLY A 65 -4.77 16.52 28.45
CA GLY A 65 -5.60 15.75 27.56
C GLY A 65 -6.05 14.43 28.15
N SER A 66 -6.03 13.37 27.35
CA SER A 66 -6.52 12.05 27.82
C SER A 66 -5.85 11.50 29.07
N VAL A 67 -4.70 12.06 29.49
CA VAL A 67 -4.12 11.65 30.75
C VAL A 67 -5.10 11.98 31.90
N SER A 68 -6.02 12.91 31.65
CA SER A 68 -7.13 13.22 32.54
C SER A 68 -7.97 11.97 32.90
N LYS A 69 -8.06 11.01 31.97
CA LYS A 69 -8.77 9.77 32.18
C LYS A 69 -8.24 8.99 33.33
N LEU A 70 -6.96 9.18 33.67
CA LEU A 70 -6.40 8.50 34.85
C LEU A 70 -7.00 8.99 36.19
N PHE A 71 -7.33 10.27 36.25
CA PHE A 71 -7.94 10.89 37.41
C PHE A 71 -9.37 10.50 37.53
N THR A 72 -10.09 10.42 36.41
CA THR A 72 -11.45 9.86 36.36
C THR A 72 -11.53 8.40 36.82
N ALA A 73 -10.60 7.58 36.34
CA ALA A 73 -10.46 6.21 36.79
C ALA A 73 -10.18 6.17 38.26
N THR A 74 -9.31 7.05 38.76
CA THR A 74 -9.02 7.01 40.19
C THR A 74 -10.26 7.39 41.01
N ALA A 75 -11.00 8.38 40.54
CA ALA A 75 -12.26 8.77 41.18
C ALA A 75 -13.29 7.64 41.24
N GLY A 76 -13.43 6.91 40.14
CA GLY A 76 -14.24 5.71 40.12
C GLY A 76 -13.78 4.60 41.06
N GLY A 77 -12.50 4.39 41.12
CA GLY A 77 -11.97 3.47 42.08
C GLY A 77 -12.19 3.87 43.52
N TYR A 78 -12.18 5.17 43.78
CA TYR A 78 -12.44 5.73 45.14
C TYR A 78 -13.92 5.50 45.49
N ALA A 79 -14.78 5.85 44.57
CA ALA A 79 -16.20 5.62 44.70
C ALA A 79 -16.56 4.16 44.91
N LYS A 80 -15.96 3.28 44.15
CA LYS A 80 -16.26 1.87 44.24
C LYS A 80 -15.87 1.33 45.58
N ASN A 81 -14.65 1.66 46.01
CA ASN A 81 -14.10 1.04 47.20
C ASN A 81 -14.69 1.63 48.46
N LYS A 82 -15.28 2.83 48.36
CA LYS A 82 -16.14 3.37 49.40
C LYS A 82 -17.58 2.81 49.39
N GLY A 83 -17.90 1.86 48.50
CA GLY A 83 -19.24 1.35 48.35
C GLY A 83 -20.27 2.28 47.70
N LYS A 84 -19.84 3.39 47.04
CA LYS A 84 -20.80 4.36 46.45
C LYS A 84 -21.32 3.90 45.10
N ILE A 85 -20.53 3.09 44.40
CA ILE A 85 -20.94 2.45 43.15
C ILE A 85 -20.46 1.04 43.13
N SER A 86 -21.05 0.24 42.27
CA SER A 86 -20.47 -1.02 41.83
C SER A 86 -20.27 -0.89 40.33
N PHE A 87 -19.15 -1.44 39.82
CA PHE A 87 -18.88 -1.44 38.37
C PHE A 87 -19.86 -2.32 37.52
N ASP A 88 -20.64 -3.16 38.18
CA ASP A 88 -21.76 -3.93 37.54
C ASP A 88 -23.07 -3.15 37.49
N ASP A 89 -23.14 -1.96 38.11
CA ASP A 89 -24.27 -1.09 37.97
C ASP A 89 -24.35 -0.47 36.59
N THR A 90 -25.54 0.02 36.28
CA THR A 90 -25.78 0.70 35.02
C THR A 90 -26.04 2.18 35.31
N PRO A 91 -25.86 3.06 34.32
CA PRO A 91 -25.91 4.49 34.58
C PRO A 91 -27.22 5.01 35.03
N GLY A 92 -28.32 4.32 34.67
CA GLY A 92 -29.66 4.72 35.10
C GLY A 92 -29.89 4.71 36.60
N LYS A 93 -29.13 3.92 37.31
CA LYS A 93 -29.23 3.88 38.78
C LYS A 93 -28.88 5.19 39.47
N TYR A 94 -28.07 6.02 38.80
CA TYR A 94 -27.56 7.27 39.34
C TYR A 94 -28.07 8.45 38.57
N TRP A 95 -28.06 8.40 37.23
CA TRP A 95 -28.66 9.45 36.40
C TRP A 95 -30.06 8.96 36.04
N LYS A 96 -31.07 9.30 36.83
CA LYS A 96 -32.41 8.60 36.75
C LYS A 96 -33.17 8.76 35.41
N GLU A 97 -32.89 9.83 34.67
CA GLU A 97 -33.44 10.05 33.33
C GLU A 97 -32.90 9.04 32.28
N LEU A 98 -31.89 8.27 32.63
CA LEU A 98 -31.44 7.19 31.75
C LEU A 98 -31.99 5.83 32.17
N LYS A 99 -32.70 5.75 33.30
CA LYS A 99 -33.32 4.51 33.73
C LYS A 99 -34.16 3.89 32.61
N ASN A 100 -33.93 2.61 32.37
CA ASN A 100 -34.65 1.81 31.37
C ASN A 100 -34.51 2.26 29.90
N THR A 101 -33.56 3.13 29.58
CA THR A 101 -33.23 3.44 28.20
C THR A 101 -32.18 2.41 27.74
N PRO A 102 -31.95 2.33 26.42
CA PRO A 102 -30.95 1.34 25.95
C PRO A 102 -29.55 1.43 26.56
N ILE A 103 -29.02 2.65 26.76
CA ILE A 103 -27.69 2.86 27.41
C ILE A 103 -27.63 2.29 28.82
N ASP A 104 -28.79 2.15 29.47
CA ASP A 104 -28.86 1.54 30.79
C ASP A 104 -28.67 0.04 30.76
N GLN A 105 -28.47 -0.54 29.57
CA GLN A 105 -28.03 -1.94 29.50
C GLN A 105 -26.47 -2.06 29.58
N VAL A 106 -25.78 -0.94 29.54
CA VAL A 106 -24.29 -0.94 29.57
C VAL A 106 -23.83 -0.68 30.99
N ASN A 107 -22.89 -1.45 31.53
CA ASN A 107 -22.48 -1.28 32.94
C ASN A 107 -21.34 -0.28 33.06
N LEU A 108 -21.07 0.19 34.28
CA LEU A 108 -20.05 1.21 34.54
C LEU A 108 -18.68 0.86 34.04
N LEU A 109 -18.28 -0.40 34.21
CA LEU A 109 -16.95 -0.86 33.77
C LEU A 109 -16.83 -0.79 32.29
N GLN A 110 -17.92 -1.15 31.60
CA GLN A 110 -17.96 -1.12 30.13
C GLN A 110 -17.93 0.28 29.64
N LEU A 111 -18.56 1.20 30.37
CA LEU A 111 -18.36 2.58 30.01
C LEU A 111 -16.93 3.10 30.26
N ALA A 112 -16.33 2.81 31.41
CA ALA A 112 -14.92 3.23 31.71
C ALA A 112 -13.85 2.69 30.73
N THR A 113 -14.15 1.53 30.17
CA THR A 113 -13.19 0.78 29.34
C THR A 113 -13.64 0.68 27.87
N TYR A 114 -14.56 1.53 27.45
CA TYR A 114 -14.84 1.83 26.03
C TYR A 114 -15.50 0.68 25.28
N THR A 115 -16.31 -0.12 25.97
CA THR A 115 -16.94 -1.30 25.29
C THR A 115 -18.46 -1.28 25.19
N SER A 116 -19.08 -0.10 25.18
CA SER A 116 -20.52 -0.01 24.95
C SER A 116 -20.97 -0.62 23.63
N GLY A 117 -20.08 -0.59 22.64
CA GLY A 117 -20.35 -1.15 21.32
C GLY A 117 -20.90 -0.15 20.34
N ASN A 118 -21.14 1.09 20.78
CA ASN A 118 -21.58 2.15 19.90
C ASN A 118 -21.31 3.54 20.42
N LEU A 119 -20.05 3.83 20.74
CA LEU A 119 -19.68 5.17 21.17
C LEU A 119 -18.35 5.48 20.56
N ALA A 120 -18.31 6.56 19.84
CA ALA A 120 -17.21 6.92 18.97
C ALA A 120 -16.26 7.81 19.76
N LEU A 121 -15.15 8.25 19.15
CA LEU A 121 -14.16 9.04 19.84
C LEU A 121 -14.72 10.34 20.46
N GLN A 122 -15.59 11.04 19.75
CA GLN A 122 -16.13 12.36 20.17
C GLN A 122 -17.67 12.28 20.13
N PHE A 123 -18.32 13.11 20.93
CA PHE A 123 -19.68 13.48 20.68
C PHE A 123 -19.80 14.23 19.34
N PRO A 124 -21.00 14.24 18.74
CA PRO A 124 -21.26 15.18 17.66
C PRO A 124 -20.99 16.65 18.12
N ASP A 125 -20.48 17.50 17.24
CA ASP A 125 -20.21 18.95 17.53
C ASP A 125 -21.34 19.66 18.23
N GLU A 126 -22.56 19.41 17.78
CA GLU A 126 -23.74 20.13 18.27
C GLU A 126 -24.07 19.83 19.74
N VAL A 127 -23.60 18.68 20.25
CA VAL A 127 -23.84 18.35 21.66
C VAL A 127 -22.93 19.21 22.53
N GLN A 128 -23.49 20.20 23.22
CA GLN A 128 -22.70 21.05 24.11
C GLN A 128 -23.29 21.15 25.54
N THR A 129 -24.57 21.47 25.66
CA THR A 129 -25.17 21.69 26.97
C THR A 129 -25.48 20.36 27.66
N ASP A 130 -25.75 20.47 28.96
CA ASP A 130 -26.10 19.31 29.77
C ASP A 130 -27.38 18.65 29.23
N GLN A 131 -28.34 19.45 28.75
CA GLN A 131 -29.59 18.92 28.18
C GLN A 131 -29.33 18.12 26.88
N GLN A 132 -28.47 18.65 26.01
CA GLN A 132 -28.09 17.98 24.77
C GLN A 132 -27.34 16.66 25.01
N VAL A 133 -26.50 16.62 26.04
CA VAL A 133 -25.80 15.41 26.45
C VAL A 133 -26.83 14.41 26.91
N LEU A 134 -27.79 14.84 27.71
CA LEU A 134 -28.77 13.87 28.21
C LEU A 134 -29.59 13.27 27.05
N THR A 135 -30.08 14.15 26.17
CA THR A 135 -30.81 13.76 24.98
C THR A 135 -29.98 12.79 24.17
N PHE A 136 -28.69 13.08 24.01
CA PHE A 136 -27.80 12.17 23.26
C PHE A 136 -27.79 10.74 23.81
N PHE A 137 -27.63 10.60 25.12
CA PHE A 137 -27.66 9.26 25.75
C PHE A 137 -29.03 8.57 25.85
N LYS A 138 -30.08 9.37 25.96
CA LYS A 138 -31.49 8.86 25.89
C LYS A 138 -31.78 8.27 24.53
N ASP A 139 -31.24 8.90 23.50
CA ASP A 139 -31.48 8.53 22.09
C ASP A 139 -30.55 7.40 21.61
N TRP A 140 -29.49 7.12 22.38
CA TRP A 140 -28.51 6.09 22.04
C TRP A 140 -29.15 4.74 21.92
N LYS A 141 -28.68 4.00 20.94
CA LYS A 141 -29.05 2.61 20.71
C LYS A 141 -27.81 1.75 20.50
N PRO A 142 -27.88 0.46 20.90
CA PRO A 142 -26.73 -0.42 20.71
C PRO A 142 -26.35 -0.60 19.23
N LYS A 143 -25.13 -1.04 18.96
CA LYS A 143 -24.77 -1.56 17.65
C LYS A 143 -24.04 -2.92 17.85
N ASN A 144 -22.78 -2.88 18.24
CA ASN A 144 -22.06 -4.11 18.53
C ASN A 144 -22.49 -4.72 19.87
N PRO A 145 -22.37 -6.05 19.99
CA PRO A 145 -22.58 -6.72 21.24
C PRO A 145 -21.84 -6.01 22.42
N ILE A 146 -22.61 -5.70 23.45
CA ILE A 146 -22.12 -5.03 24.62
C ILE A 146 -20.99 -5.80 25.31
N GLY A 147 -19.92 -5.05 25.58
CA GLY A 147 -18.80 -5.55 26.26
C GLY A 147 -17.79 -6.28 25.39
N GLU A 148 -17.99 -6.39 24.09
CA GLU A 148 -17.06 -7.17 23.27
C GLU A 148 -16.09 -6.38 22.38
N TYR A 149 -16.44 -5.14 22.04
CA TYR A 149 -15.65 -4.31 21.15
C TYR A 149 -15.15 -3.04 21.81
N ARG A 150 -13.83 -2.84 21.80
CA ARG A 150 -13.27 -1.64 22.33
C ARG A 150 -13.22 -0.57 21.26
N GLN A 151 -13.87 0.57 21.53
CA GLN A 151 -13.62 1.74 20.70
C GLN A 151 -13.35 2.89 21.60
N TYR A 152 -12.13 3.40 21.57
CA TYR A 152 -11.70 4.42 22.46
C TYR A 152 -12.57 5.67 22.27
N SER A 153 -13.07 6.20 23.39
CA SER A 153 -14.21 7.09 23.37
C SER A 153 -14.27 8.12 24.52
N ASN A 154 -14.27 9.39 24.15
CA ASN A 154 -14.50 10.44 25.17
C ASN A 154 -15.87 10.39 25.83
N PRO A 155 -16.96 10.23 25.06
CA PRO A 155 -18.29 10.15 25.75
C PRO A 155 -18.49 8.93 26.62
N SER A 156 -17.85 7.80 26.28
CA SER A 156 -17.94 6.64 27.13
C SER A 156 -17.41 6.85 28.55
N ILE A 157 -16.15 7.26 28.68
CA ILE A 157 -15.55 7.48 30.00
C ILE A 157 -16.09 8.80 30.58
N GLY A 158 -16.53 9.77 29.74
CA GLY A 158 -17.28 10.96 30.19
C GLY A 158 -18.53 10.61 30.97
N LEU A 159 -19.33 9.72 30.43
CA LEU A 159 -20.54 9.24 31.16
C LEU A 159 -20.18 8.53 32.42
N PHE A 160 -19.15 7.69 32.35
CA PHE A 160 -18.63 7.09 33.56
C PHE A 160 -18.28 8.10 34.63
N GLY A 161 -17.52 9.09 34.23
CA GLY A 161 -17.17 10.19 35.14
C GLY A 161 -18.37 10.92 35.78
N LYS A 162 -19.30 11.29 34.93
CA LYS A 162 -20.59 11.87 35.36
C LYS A 162 -21.30 11.03 36.39
N VAL A 163 -21.43 9.72 36.18
CA VAL A 163 -22.08 8.83 37.13
C VAL A 163 -21.31 8.74 38.47
N VAL A 164 -19.99 8.65 38.37
CA VAL A 164 -19.18 8.63 39.53
C VAL A 164 -19.47 9.92 40.35
N ALA A 165 -19.48 11.06 39.70
CA ALA A 165 -19.76 12.34 40.38
C ALA A 165 -21.14 12.27 41.07
N LEU A 166 -22.18 11.89 40.35
CA LEU A 166 -23.53 11.69 40.94
C LEU A 166 -23.57 10.79 42.17
N SER A 167 -22.81 9.71 42.15
CA SER A 167 -22.77 8.81 43.29
C SER A 167 -22.10 9.43 44.49
N MET A 168 -21.25 10.47 44.30
CA MET A 168 -20.53 11.11 45.39
C MET A 168 -21.22 12.46 45.76
N ASN A 169 -22.40 12.71 45.17
CA ASN A 169 -23.20 13.97 45.32
C ASN A 169 -22.48 15.30 45.17
N LYS A 170 -21.59 15.38 44.19
CA LYS A 170 -20.79 16.58 43.92
C LYS A 170 -20.63 16.68 42.40
N PRO A 171 -20.54 17.91 41.83
CA PRO A 171 -20.15 17.94 40.41
C PRO A 171 -18.75 17.34 40.21
N PHE A 172 -18.51 16.74 39.06
CA PHE A 172 -17.26 16.12 38.71
C PHE A 172 -16.04 17.01 38.99
N ASP A 173 -16.03 18.28 38.56
CA ASP A 173 -14.93 19.18 38.93
C ASP A 173 -14.63 19.21 40.42
N GLN A 174 -15.67 19.14 41.26
CA GLN A 174 -15.50 19.15 42.70
C GLN A 174 -14.98 17.82 43.27
N VAL A 175 -15.38 16.70 42.67
CA VAL A 175 -14.86 15.38 43.05
C VAL A 175 -13.32 15.43 42.92
N LEU A 176 -12.81 15.96 41.81
CA LEU A 176 -11.37 16.04 41.63
C LEU A 176 -10.77 17.13 42.54
N GLU A 177 -11.33 18.34 42.53
CA GLU A 177 -10.60 19.48 43.11
C GLU A 177 -10.71 19.43 44.64
N LYS A 178 -11.84 18.95 45.15
CA LYS A 178 -12.01 18.84 46.61
C LYS A 178 -11.76 17.47 47.20
N THR A 179 -11.92 16.36 46.46
CA THR A 179 -11.61 15.04 47.09
C THR A 179 -10.36 14.32 46.59
N ILE A 180 -10.24 14.09 45.30
CA ILE A 180 -9.20 13.23 44.74
C ILE A 180 -7.82 13.93 44.67
N PHE A 181 -7.74 15.17 44.16
CA PHE A 181 -6.44 15.87 44.13
C PHE A 181 -5.89 16.02 45.57
N PRO A 182 -6.73 16.48 46.56
CA PRO A 182 -6.14 16.61 47.92
C PRO A 182 -5.74 15.26 48.57
N ALA A 183 -6.49 14.18 48.30
CA ALA A 183 -6.08 12.81 48.77
C ALA A 183 -4.80 12.30 48.09
N LEU A 184 -4.49 12.76 46.88
CA LEU A 184 -3.23 12.38 46.24
C LEU A 184 -2.11 13.33 46.60
N GLY A 185 -2.40 14.36 47.39
CA GLY A 185 -1.47 15.45 47.63
C GLY A 185 -1.08 16.39 46.47
N LEU A 186 -1.96 16.60 45.52
CA LEU A 186 -1.73 17.53 44.41
C LEU A 186 -2.29 18.92 44.77
N LYS A 187 -1.43 19.92 44.77
CA LYS A 187 -1.80 21.31 45.07
C LYS A 187 -1.90 22.20 43.84
N HIS A 188 -1.49 21.72 42.67
CA HIS A 188 -1.41 22.56 41.49
C HIS A 188 -2.03 21.88 40.26
N SER A 189 -3.11 21.16 40.50
CA SER A 189 -3.88 20.49 39.48
C SER A 189 -5.29 20.99 39.51
N TYR A 190 -5.86 21.15 38.34
CA TYR A 190 -7.15 21.82 38.17
C TYR A 190 -8.00 21.24 37.09
N VAL A 191 -9.34 21.25 37.30
CA VAL A 191 -10.29 21.13 36.21
C VAL A 191 -10.57 22.53 35.57
N ASN A 192 -10.67 23.56 36.44
CA ASN A 192 -10.87 24.97 36.07
C ASN A 192 -9.72 25.77 36.68
N VAL A 193 -8.82 26.29 35.84
CA VAL A 193 -7.64 27.00 36.35
C VAL A 193 -8.22 28.33 36.82
N PRO A 194 -8.02 28.67 38.11
CA PRO A 194 -8.60 29.91 38.59
C PRO A 194 -7.81 31.12 38.12
N LYS A 195 -8.51 32.25 38.11
CA LYS A 195 -8.00 33.51 37.58
C LYS A 195 -6.61 33.83 38.13
N THR A 196 -6.37 33.56 39.39
CA THR A 196 -5.06 33.84 40.00
C THR A 196 -3.93 32.91 39.63
N GLN A 197 -4.23 31.85 38.87
CA GLN A 197 -3.23 30.90 38.36
C GLN A 197 -2.99 30.98 36.86
N MET A 198 -3.81 31.81 36.15
CA MET A 198 -3.81 31.89 34.68
C MET A 198 -2.50 32.36 34.12
N GLN A 199 -1.73 33.16 34.87
CA GLN A 199 -0.36 33.49 34.44
C GLN A 199 0.58 32.29 34.29
N ASN A 200 0.22 31.17 34.93
CA ASN A 200 1.08 29.98 34.85
C ASN A 200 0.64 29.01 33.82
N TYR A 201 -0.55 29.23 33.26
CA TYR A 201 -1.15 28.36 32.30
C TYR A 201 -0.52 28.64 30.91
N ALA A 202 0.18 27.64 30.39
CA ALA A 202 0.95 27.79 29.15
C ALA A 202 -0.06 28.01 28.05
N PHE A 203 0.38 28.65 26.95
CA PHE A 203 -0.31 28.50 25.67
C PHE A 203 0.02 27.10 25.14
N GLY A 204 -0.95 26.48 24.47
CA GLY A 204 -0.66 25.36 23.54
C GLY A 204 -0.34 25.99 22.21
N TYR A 205 0.29 25.19 21.36
CA TYR A 205 0.64 25.61 20.02
C TYR A 205 0.21 24.52 19.07
N ASN A 206 -0.45 24.94 17.99
CA ASN A 206 -0.97 24.02 16.97
C ASN A 206 0.10 23.71 15.96
N GLN A 207 -0.28 23.04 14.87
CA GLN A 207 0.70 22.65 13.86
C GLN A 207 1.35 23.81 13.10
N GLU A 208 0.74 25.00 13.03
CA GLU A 208 1.45 26.17 12.55
C GLU A 208 2.07 27.01 13.67
N ASN A 209 2.33 26.41 14.82
CA ASN A 209 2.87 27.14 16.01
C ASN A 209 2.05 28.45 16.40
N GLN A 210 0.74 28.37 16.26
CA GLN A 210 -0.18 29.44 16.61
CA GLN A 210 -0.16 29.45 16.64
C GLN A 210 -0.69 29.07 18.02
N PRO A 211 -0.73 30.06 18.95
CA PRO A 211 -1.18 29.78 20.31
C PRO A 211 -2.67 29.46 20.40
N ILE A 212 -2.99 28.40 21.16
CA ILE A 212 -4.33 27.82 21.23
C ILE A 212 -4.48 27.24 22.66
N ARG A 213 -5.70 27.16 23.19
CA ARG A 213 -6.02 26.35 24.40
C ARG A 213 -7.23 25.51 24.13
N VAL A 214 -7.47 24.48 24.94
CA VAL A 214 -8.57 23.54 24.74
C VAL A 214 -9.96 24.23 24.72
N ASN A 215 -10.86 23.76 23.89
CA ASN A 215 -12.23 24.25 23.88
C ASN A 215 -13.08 23.61 25.00
N PRO A 216 -13.99 24.39 25.63
CA PRO A 216 -15.04 23.77 26.46
C PRO A 216 -15.82 22.73 25.64
N GLY A 217 -16.24 21.64 26.28
CA GLY A 217 -16.97 20.59 25.52
C GLY A 217 -17.84 19.76 26.42
N PRO A 218 -18.73 18.96 25.84
CA PRO A 218 -19.58 18.10 26.64
C PRO A 218 -18.73 17.00 27.34
N LEU A 219 -18.92 16.92 28.65
CA LEU A 219 -18.23 16.04 29.59
C LEU A 219 -16.76 16.11 29.32
N ASP A 220 -16.25 17.33 29.09
CA ASP A 220 -14.85 17.55 28.87
C ASP A 220 -13.96 17.18 30.06
N ALA A 221 -14.36 17.52 31.27
CA ALA A 221 -13.47 17.34 32.43
C ALA A 221 -13.03 15.88 32.59
N PRO A 222 -13.99 14.92 32.63
CA PRO A 222 -13.58 13.54 32.86
C PRO A 222 -12.82 12.89 31.72
N ALA A 223 -12.96 13.40 30.52
CA ALA A 223 -12.35 12.76 29.37
C ALA A 223 -11.00 13.36 29.01
N TYR A 224 -10.87 14.67 29.12
CA TYR A 224 -9.62 15.35 28.69
C TYR A 224 -9.39 16.74 29.29
N GLY A 225 -10.06 17.06 30.41
CA GLY A 225 -10.10 18.42 30.95
C GLY A 225 -9.19 18.83 32.09
N VAL A 226 -8.21 18.03 32.48
CA VAL A 226 -7.39 18.35 33.64
C VAL A 226 -6.08 18.98 33.19
N LYS A 227 -5.63 19.95 33.97
CA LYS A 227 -4.43 20.69 33.80
C LYS A 227 -3.59 20.52 35.05
N SER A 228 -2.27 20.36 34.92
CA SER A 228 -1.40 20.11 36.03
C SER A 228 0.04 20.56 35.70
N THR A 229 0.87 20.49 36.69
CA THR A 229 2.29 20.88 36.58
C THR A 229 3.15 19.64 36.65
N LEU A 230 4.43 19.77 36.31
CA LEU A 230 5.32 18.65 36.41
C LEU A 230 5.45 18.07 37.82
N PRO A 231 5.71 18.91 38.82
CA PRO A 231 5.79 18.35 40.15
C PRO A 231 4.52 17.64 40.60
N ASP A 232 3.35 18.13 40.22
CA ASP A 232 2.16 17.38 40.58
C ASP A 232 2.05 16.00 39.89
N MET A 233 2.43 15.96 38.65
CA MET A 233 2.41 14.72 37.89
C MET A 233 3.38 13.69 38.41
N LEU A 234 4.55 14.14 38.82
CA LEU A 234 5.51 13.28 39.49
C LEU A 234 4.96 12.70 40.81
N SER A 235 4.27 13.53 41.56
CA SER A 235 3.62 13.05 42.81
C SER A 235 2.51 12.02 42.50
N PHE A 236 1.75 12.27 41.40
CA PHE A 236 0.80 11.28 40.94
C PHE A 236 1.48 9.93 40.59
N ILE A 237 2.59 9.98 39.87
CA ILE A 237 3.34 8.77 39.55
CA ILE A 237 3.37 8.78 39.56
C ILE A 237 3.87 8.14 40.85
N HIS A 238 4.29 8.98 41.80
CA HIS A 238 4.72 8.45 43.08
C HIS A 238 3.58 7.65 43.76
N ALA A 239 2.36 8.16 43.72
CA ALA A 239 1.25 7.50 44.35
C ALA A 239 0.93 6.16 43.71
N ASN A 240 1.09 6.07 42.37
CA ASN A 240 0.90 4.85 41.63
C ASN A 240 1.96 3.82 41.88
N LEU A 241 3.19 4.28 42.10
CA LEU A 241 4.33 3.45 42.44
C LEU A 241 4.32 2.97 43.89
N ASN A 242 3.68 3.70 44.76
CA ASN A 242 3.65 3.40 46.22
C ASN A 242 2.31 3.59 46.83
N PRO A 243 1.28 2.93 46.25
CA PRO A 243 -0.04 3.13 46.79
C PRO A 243 -0.18 2.79 48.30
N GLN A 244 0.62 1.84 48.80
CA GLN A 244 0.63 1.46 50.21
C GLN A 244 1.01 2.55 51.16
N LYS A 245 1.60 3.64 50.67
CA LYS A 245 1.90 4.82 51.51
C LYS A 245 0.74 5.84 51.67
N TYR A 246 -0.44 5.57 51.12
CA TYR A 246 -1.58 6.49 51.19
C TYR A 246 -2.65 5.87 52.09
N PRO A 247 -3.56 6.69 52.67
CA PRO A 247 -4.67 6.13 53.44
C PRO A 247 -5.49 5.12 52.62
N THR A 248 -6.08 4.15 53.29
CA THR A 248 -6.90 3.09 52.68
C THR A 248 -7.74 3.50 51.46
N ASP A 249 -8.54 4.57 51.51
CA ASP A 249 -9.54 4.81 50.46
C ASP A 249 -8.91 5.17 49.12
N ILE A 250 -7.90 6.03 49.15
CA ILE A 250 -7.23 6.45 47.90
C ILE A 250 -6.24 5.37 47.50
N GLN A 251 -5.67 4.64 48.48
CA GLN A 251 -4.86 3.46 48.17
C GLN A 251 -5.62 2.37 47.39
N ARG A 252 -6.80 2.00 47.87
CA ARG A 252 -7.60 1.03 47.14
C ARG A 252 -7.97 1.57 45.76
N ALA A 253 -8.30 2.86 45.71
CA ALA A 253 -8.58 3.56 44.45
C ALA A 253 -7.47 3.44 43.38
N ILE A 254 -6.25 3.64 43.83
CA ILE A 254 -5.13 3.59 42.94
C ILE A 254 -4.97 2.17 42.46
N ASN A 255 -5.01 1.21 43.38
CA ASN A 255 -4.87 -0.20 43.01
C ASN A 255 -5.97 -0.66 42.08
N GLU A 256 -7.18 -0.13 42.26
CA GLU A 256 -8.31 -0.43 41.37
C GLU A 256 -7.96 -0.02 39.92
N THR A 257 -7.28 1.12 39.73
CA THR A 257 -6.89 1.55 38.37
C THR A 257 -5.81 0.68 37.67
N HIS A 258 -5.15 -0.16 38.43
CA HIS A 258 -4.14 -1.04 37.93
C HIS A 258 -4.61 -2.38 37.42
N GLN A 259 -5.85 -2.72 37.67
CA GLN A 259 -6.27 -4.08 37.38
C GLN A 259 -6.71 -4.15 35.94
N GLY A 260 -6.05 -4.98 35.17
CA GLY A 260 -6.44 -5.24 33.80
C GLY A 260 -7.81 -5.94 33.74
N ARG A 261 -8.59 -5.60 32.73
CA ARG A 261 -9.98 -6.05 32.59
C ARG A 261 -10.13 -6.95 31.41
N TYR A 262 -9.32 -6.69 30.38
CA TYR A 262 -9.36 -7.43 29.16
C TYR A 262 -8.07 -7.15 28.38
N GLN A 263 -7.83 -7.87 27.29
CA GLN A 263 -6.75 -7.55 26.39
C GLN A 263 -7.10 -7.30 24.97
N VAL A 264 -6.29 -6.48 24.31
CA VAL A 264 -6.23 -6.40 22.86
C VAL A 264 -4.78 -6.71 22.48
N ASN A 265 -4.57 -7.99 22.12
CA ASN A 265 -3.25 -8.54 21.95
C ASN A 265 -2.39 -8.29 23.19
N THR A 266 -1.30 -7.56 23.05
CA THR A 266 -0.32 -7.37 24.15
C THR A 266 -0.72 -6.25 25.12
N MET A 267 -1.74 -5.48 24.80
CA MET A 267 -2.18 -4.37 25.65
C MET A 267 -3.31 -4.81 26.52
N TYR A 268 -3.15 -4.63 27.83
CA TYR A 268 -4.20 -4.95 28.82
C TYR A 268 -4.88 -3.63 29.16
N GLN A 269 -6.22 -3.54 29.02
CA GLN A 269 -6.91 -2.34 29.35
C GLN A 269 -7.21 -2.35 30.86
N ALA A 270 -6.57 -1.48 31.64
CA ALA A 270 -6.98 -1.29 33.00
C ALA A 270 -7.96 -0.13 33.03
N LEU A 271 -8.20 0.46 34.19
CA LEU A 271 -9.08 1.62 34.28
C LEU A 271 -8.22 2.85 34.03
N GLY A 272 -8.39 3.47 32.85
CA GLY A 272 -7.59 4.57 32.43
C GLY A 272 -6.26 4.13 31.88
N TRP A 273 -5.47 3.52 32.75
CA TRP A 273 -4.17 3.04 32.37
C TRP A 273 -4.22 1.93 31.34
N GLU A 274 -3.27 1.96 30.44
CA GLU A 274 -2.94 0.81 29.65
C GLU A 274 -1.85 0.06 30.34
N GLU A 275 -1.90 -1.27 30.31
CA GLU A 275 -0.99 -2.13 31.09
C GLU A 275 -0.31 -3.15 30.19
N PHE A 276 0.95 -3.52 30.51
CA PHE A 276 1.72 -4.44 29.70
C PHE A 276 2.50 -5.38 30.61
N SER A 277 2.71 -6.59 30.13
CA SER A 277 3.66 -7.44 30.74
C SER A 277 5.10 -6.81 30.73
N TYR A 278 5.73 -6.77 31.90
CA TYR A 278 7.10 -6.25 32.05
C TYR A 278 8.10 -7.40 32.24
N PRO A 279 9.24 -7.41 31.55
CA PRO A 279 9.69 -6.36 30.62
C PRO A 279 8.86 -6.27 29.33
N ALA A 280 8.57 -5.04 28.87
CA ALA A 280 7.91 -4.86 27.60
C ALA A 280 8.87 -4.39 26.49
N THR A 281 8.75 -4.95 25.29
CA THR A 281 9.49 -4.41 24.16
C THR A 281 8.96 -3.01 23.84
N LEU A 282 9.81 -2.22 23.17
CA LEU A 282 9.42 -0.92 22.59
C LEU A 282 8.29 -1.07 21.62
N GLN A 283 8.35 -2.08 20.73
CA GLN A 283 7.23 -2.29 19.80
C GLN A 283 5.87 -2.59 20.43
N THR A 284 5.82 -3.35 21.51
CA THR A 284 4.58 -3.58 22.23
C THR A 284 3.93 -2.25 22.67
N LEU A 285 4.75 -1.40 23.30
CA LEU A 285 4.31 -0.07 23.74
C LEU A 285 3.88 0.81 22.56
N LEU A 286 4.65 0.80 21.49
CA LEU A 286 4.24 1.56 20.23
C LEU A 286 2.90 1.03 19.61
N ASP A 287 2.75 -0.30 19.58
CA ASP A 287 1.56 -0.98 19.02
C ASP A 287 0.29 -0.54 19.76
N SER A 288 0.43 -0.26 21.06
CA SER A 288 -0.69 0.15 21.89
C SER A 288 -1.33 1.43 21.38
N ASN A 289 -0.60 2.25 20.69
CA ASN A 289 -1.15 3.54 20.28
C ASN A 289 -1.17 3.66 18.74
N SER A 290 -1.29 2.52 18.10
CA SER A 290 -1.41 2.51 16.67
C SER A 290 -2.75 3.17 16.28
N GLU A 291 -2.81 3.70 15.07
CA GLU A 291 -4.08 4.14 14.51
C GLU A 291 -5.21 3.06 14.66
N GLN A 292 -4.93 1.80 14.36
CA GLN A 292 -5.93 0.74 14.48
C GLN A 292 -6.53 0.59 15.91
N ILE A 293 -5.68 0.72 16.92
CA ILE A 293 -6.12 0.59 18.30
C ILE A 293 -6.86 1.85 18.75
N VAL A 294 -6.28 2.98 18.45
CA VAL A 294 -6.82 4.23 18.98
C VAL A 294 -8.13 4.63 18.27
N MET A 295 -8.23 4.40 16.95
CA MET A 295 -9.31 5.06 16.20
C MET A 295 -10.38 4.12 15.72
N LYS A 296 -10.17 2.83 15.80
CA LYS A 296 -11.12 1.90 15.26
C LYS A 296 -11.58 0.91 16.29
N PRO A 297 -12.70 0.22 16.05
CA PRO A 297 -13.20 -0.80 17.01
C PRO A 297 -12.30 -2.03 16.99
N ASN A 298 -11.99 -2.60 18.13
CA ASN A 298 -11.26 -3.89 18.16
C ASN A 298 -11.92 -4.83 19.11
N LYS A 299 -12.18 -6.03 18.64
CA LYS A 299 -12.77 -7.09 19.48
C LYS A 299 -11.85 -7.36 20.64
N VAL A 300 -12.35 -7.45 21.86
CA VAL A 300 -11.45 -7.66 23.02
C VAL A 300 -11.37 -9.14 23.30
N THR A 301 -10.32 -9.60 23.99
CA THR A 301 -10.33 -10.99 24.51
C THR A 301 -10.20 -11.00 26.04
N ALA A 302 -10.71 -12.04 26.65
CA ALA A 302 -10.49 -12.31 28.06
C ALA A 302 -8.97 -12.38 28.35
N ILE A 303 -8.56 -11.89 29.51
CA ILE A 303 -7.21 -12.05 29.93
C ILE A 303 -6.98 -13.59 30.20
N SER A 304 -6.01 -14.13 29.51
CA SER A 304 -5.71 -15.53 29.63
C SER A 304 -4.25 -15.79 30.07
N LYS A 305 -3.41 -14.75 30.10
CA LYS A 305 -2.13 -14.73 30.80
C LYS A 305 -2.07 -13.42 31.58
N GLU A 306 -2.20 -13.52 32.90
CA GLU A 306 -2.01 -12.41 33.80
C GLU A 306 -0.55 -12.40 34.27
N PRO A 307 0.22 -11.42 33.80
CA PRO A 307 1.63 -11.37 34.22
C PRO A 307 1.80 -10.92 35.64
N SER A 308 2.84 -11.44 36.26
CA SER A 308 3.16 -11.13 37.64
C SER A 308 3.62 -9.68 37.72
N VAL A 309 4.43 -9.26 36.78
CA VAL A 309 5.05 -7.91 36.82
C VAL A 309 4.63 -7.13 35.57
N LYS A 310 4.15 -5.92 35.79
CA LYS A 310 3.59 -5.06 34.78
C LYS A 310 4.26 -3.72 34.63
N MET A 311 4.02 -3.07 33.50
CA MET A 311 4.24 -1.62 33.46
C MET A 311 2.99 -0.99 32.89
N TYR A 312 2.89 0.34 33.00
CA TYR A 312 1.67 1.05 32.72
C TYR A 312 2.04 2.37 32.05
N HIS A 313 1.29 2.72 31.04
CA HIS A 313 1.41 4.01 30.43
C HIS A 313 0.07 4.62 29.96
N LYS A 314 0.13 5.92 29.67
CA LYS A 314 -0.97 6.65 29.03
C LYS A 314 -0.44 7.86 28.26
N THR A 315 -0.99 8.04 27.06
CA THR A 315 -0.71 9.20 26.22
C THR A 315 -1.84 10.24 26.44
N GLY A 316 -1.56 11.49 26.21
CA GLY A 316 -2.67 12.47 26.15
C GLY A 316 -2.40 13.52 25.14
N SER A 317 -3.41 13.93 24.38
CA SER A 317 -3.20 15.08 23.51
C SER A 317 -4.42 16.01 23.56
C SER A 317 -4.42 16.00 23.54
N THR A 318 -4.17 17.30 23.54
CA THR A 318 -5.19 18.32 23.17
C THR A 318 -4.71 18.94 21.88
N SER A 319 -5.52 19.86 21.28
CA SER A 319 -5.13 20.57 20.07
C SER A 319 -3.72 21.15 20.23
N GLY A 320 -3.38 21.68 21.39
CA GLY A 320 -2.07 22.32 21.59
C GLY A 320 -1.06 21.71 22.58
N PHE A 321 -1.29 20.49 23.06
CA PHE A 321 -0.46 19.91 24.10
C PHE A 321 -0.33 18.43 23.94
N GLY A 322 0.88 17.92 24.22
CA GLY A 322 1.19 16.51 24.36
C GLY A 322 1.61 16.11 25.77
N THR A 323 1.14 14.92 26.16
CA THR A 323 1.44 14.28 27.41
C THR A 323 1.77 12.80 27.23
N TYR A 324 2.65 12.31 28.11
CA TYR A 324 2.94 10.90 28.27
C TYR A 324 3.45 10.63 29.69
N VAL A 325 2.82 9.63 30.32
CA VAL A 325 3.18 9.17 31.65
C VAL A 325 3.37 7.64 31.57
N VAL A 326 4.41 7.15 32.26
CA VAL A 326 4.70 5.68 32.32
C VAL A 326 5.32 5.35 33.69
N PHE A 327 5.01 4.16 34.23
CA PHE A 327 5.61 3.73 35.45
C PHE A 327 5.80 2.22 35.46
N ILE A 328 6.87 1.84 36.17
CA ILE A 328 7.29 0.44 36.25
C ILE A 328 7.49 0.07 37.73
N PRO A 329 6.48 -0.53 38.36
CA PRO A 329 6.58 -0.72 39.85
C PRO A 329 7.84 -1.51 40.34
N LYS A 330 8.19 -2.52 39.59
CA LYS A 330 9.31 -3.41 39.84
C LYS A 330 10.63 -2.64 39.95
N GLU A 331 10.88 -1.65 39.05
CA GLU A 331 12.10 -0.86 39.10
C GLU A 331 11.93 0.41 39.92
N ASN A 332 10.78 0.61 40.52
CA ASN A 332 10.46 1.82 41.26
C ASN A 332 10.70 3.16 40.60
N ILE A 333 10.25 3.24 39.36
CA ILE A 333 10.66 4.31 38.47
C ILE A 333 9.52 4.72 37.56
N GLY A 334 9.49 5.98 37.18
CA GLY A 334 8.39 6.49 36.32
C GLY A 334 8.85 7.75 35.64
N LEU A 335 8.11 8.16 34.62
CA LEU A 335 8.48 9.33 33.85
C LEU A 335 7.25 10.08 33.41
N VAL A 336 7.35 11.40 33.38
CA VAL A 336 6.33 12.28 32.83
C VAL A 336 6.96 13.21 31.81
N MET A 337 6.24 13.38 30.70
CA MET A 337 6.53 14.35 29.63
C MET A 337 5.35 15.20 29.38
N LEU A 338 5.56 16.51 29.40
CA LEU A 338 4.55 17.48 29.05
C LEU A 338 5.09 18.40 28.03
N THR A 339 4.32 18.63 26.96
CA THR A 339 4.75 19.60 25.91
C THR A 339 3.62 20.48 25.57
N ASN A 340 3.94 21.72 25.14
CA ASN A 340 2.91 22.62 24.69
C ASN A 340 2.87 22.69 23.15
N LYS A 341 3.12 21.54 22.55
CA LYS A 341 2.76 21.24 21.13
C LYS A 341 2.72 19.71 20.97
N ARG A 342 1.73 19.15 20.24
CA ARG A 342 1.66 17.72 20.07
C ARG A 342 2.82 17.27 19.25
N ILE A 343 3.39 16.13 19.64
CA ILE A 343 4.40 15.42 18.84
C ILE A 343 3.93 13.97 18.75
N PRO A 344 4.40 13.27 17.73
CA PRO A 344 3.84 11.96 17.53
C PRO A 344 3.97 11.08 18.77
N ASN A 345 2.89 10.41 19.15
CA ASN A 345 2.96 9.41 20.23
C ASN A 345 4.19 8.51 20.16
N GLU A 346 4.51 7.93 19.00
CA GLU A 346 5.78 7.15 18.80
C GLU A 346 7.06 7.80 19.40
N GLU A 347 7.25 9.11 19.18
CA GLU A 347 8.46 9.82 19.67
C GLU A 347 8.49 9.97 21.21
N ARG A 348 7.30 10.13 21.78
CA ARG A 348 7.17 10.21 23.25
C ARG A 348 7.54 8.85 23.89
N ILE A 349 6.91 7.82 23.38
CA ILE A 349 7.04 6.48 23.95
C ILE A 349 8.49 6.06 23.81
N LYS A 350 9.06 6.19 22.63
CA LYS A 350 10.44 5.80 22.43
C LYS A 350 11.44 6.57 23.27
N ALA A 351 11.31 7.87 23.39
CA ALA A 351 12.25 8.64 24.21
C ALA A 351 12.20 8.19 25.67
N ALA A 352 10.99 8.02 26.19
CA ALA A 352 10.85 7.57 27.57
C ALA A 352 11.40 6.11 27.77
N TYR A 353 11.23 5.25 26.76
CA TYR A 353 11.75 3.87 26.79
C TYR A 353 13.27 3.89 26.94
N VAL A 354 13.94 4.62 26.03
CA VAL A 354 15.40 4.70 26.10
C VAL A 354 15.92 5.21 27.44
N VAL A 355 15.34 6.32 27.90
CA VAL A 355 15.72 6.90 29.15
C VAL A 355 15.50 5.93 30.31
N LEU A 356 14.30 5.39 30.44
CA LEU A 356 14.02 4.56 31.58
C LEU A 356 14.89 3.29 31.59
N ASN A 357 15.20 2.72 30.42
CA ASN A 357 16.06 1.56 30.36
C ASN A 357 17.55 1.84 30.60
N ALA A 358 17.99 3.08 30.48
CA ALA A 358 19.40 3.43 30.63
C ALA A 358 19.71 3.80 32.06
N ILE A 359 18.72 4.19 32.85
CA ILE A 359 19.05 4.84 34.13
C ILE A 359 19.57 3.73 35.07
N LYS A 360 20.75 3.92 35.65
CA LYS A 360 21.33 2.87 36.53
C LYS A 360 20.43 2.63 37.75
N LYS B 6 6.04 16.58 0.82
CA LYS B 6 5.13 15.55 1.41
C LYS B 6 3.66 15.92 1.09
N ASP B 7 3.01 16.59 2.04
CA ASP B 7 1.81 17.41 1.83
C ASP B 7 2.07 18.45 0.74
N GLN B 8 3.34 18.83 0.55
CA GLN B 8 3.75 19.85 -0.44
C GLN B 8 3.63 19.34 -1.89
N GLU B 9 3.42 18.04 -2.09
CA GLU B 9 3.12 17.47 -3.41
C GLU B 9 1.65 17.67 -3.90
N ILE B 10 0.71 17.98 -3.03
CA ILE B 10 -0.71 18.06 -3.51
C ILE B 10 -0.89 19.18 -4.55
N LYS B 11 -0.33 20.34 -4.29
CA LYS B 11 -0.38 21.47 -5.25
C LYS B 11 0.27 21.11 -6.59
N LYS B 12 1.44 20.48 -6.54
CA LYS B 12 2.15 20.13 -7.81
C LYS B 12 1.37 19.10 -8.60
N LEU B 13 0.78 18.12 -7.93
CA LEU B 13 -0.02 17.11 -8.65
C LEU B 13 -1.25 17.72 -9.35
N VAL B 14 -1.93 18.60 -8.63
CA VAL B 14 -3.11 19.25 -9.18
C VAL B 14 -2.66 20.16 -10.32
N ASP B 15 -1.52 20.86 -10.16
CA ASP B 15 -0.98 21.61 -11.31
C ASP B 15 -0.68 20.71 -12.54
N GLN B 16 -0.04 19.57 -12.36
CA GLN B 16 0.29 18.66 -13.47
C GLN B 16 -0.89 18.09 -14.17
N ASN B 17 -1.96 17.78 -13.45
CA ASN B 17 -3.10 17.07 -13.99
C ASN B 17 -4.36 17.87 -14.32
N PHE B 18 -4.63 18.93 -13.55
CA PHE B 18 -5.80 19.70 -13.81
C PHE B 18 -5.50 20.97 -14.62
N LYS B 19 -4.40 21.66 -14.30
CA LYS B 19 -4.04 22.90 -14.96
C LYS B 19 -3.94 22.86 -16.50
N PRO B 20 -3.42 21.77 -17.08
CA PRO B 20 -3.40 21.74 -18.57
C PRO B 20 -4.76 21.65 -19.24
N LEU B 21 -5.80 21.28 -18.50
CA LEU B 21 -7.09 21.20 -19.10
C LEU B 21 -7.60 22.62 -19.45
N LEU B 22 -7.16 23.65 -18.75
CA LEU B 22 -7.62 25.01 -19.06
C LEU B 22 -7.18 25.46 -20.44
N GLU B 23 -5.94 25.17 -20.86
CA GLU B 23 -5.53 25.42 -22.27
C GLU B 23 -6.19 24.51 -23.26
N LYS B 24 -6.18 23.21 -22.98
CA LYS B 24 -6.70 22.28 -23.92
C LYS B 24 -8.15 22.55 -24.27
N TYR B 25 -8.98 22.98 -23.32
CA TYR B 25 -10.39 23.18 -23.57
C TYR B 25 -10.85 24.64 -23.55
N ASP B 26 -9.92 25.58 -23.49
CA ASP B 26 -10.19 27.04 -23.34
C ASP B 26 -11.21 27.35 -22.21
N VAL B 27 -10.88 26.85 -21.02
CA VAL B 27 -11.69 27.03 -19.79
C VAL B 27 -11.23 28.30 -19.09
N PRO B 28 -12.15 29.27 -18.87
CA PRO B 28 -11.72 30.47 -18.24
C PRO B 28 -11.29 30.28 -16.80
N GLY B 29 -12.03 29.48 -16.04
CA GLY B 29 -11.79 29.31 -14.60
C GLY B 29 -12.03 27.89 -14.03
N MET B 30 -11.23 27.55 -13.05
CA MET B 30 -11.30 26.25 -12.37
C MET B 30 -10.97 26.34 -10.88
N ALA B 31 -11.74 25.61 -10.08
CA ALA B 31 -11.43 25.39 -8.67
C ALA B 31 -11.29 23.93 -8.40
N VAL B 32 -10.12 23.51 -7.91
CA VAL B 32 -9.89 22.10 -7.59
C VAL B 32 -9.53 22.06 -6.09
N GLY B 33 -10.30 21.27 -5.37
CA GLY B 33 -10.10 20.99 -3.97
C GLY B 33 -9.72 19.58 -3.65
N VAL B 34 -8.81 19.41 -2.68
CA VAL B 34 -8.49 18.08 -2.15
C VAL B 34 -8.67 18.14 -0.64
N ILE B 35 -9.19 17.07 -0.09
CA ILE B 35 -9.22 16.90 1.35
C ILE B 35 -8.54 15.58 1.64
N GLN B 36 -7.63 15.61 2.62
CA GLN B 36 -6.89 14.44 2.99
C GLN B 36 -6.62 14.49 4.46
N ASN B 37 -7.13 13.48 5.20
CA ASN B 37 -6.85 13.33 6.64
C ASN B 37 -7.30 14.58 7.33
N ASN B 38 -8.48 15.05 6.97
CA ASN B 38 -9.10 16.21 7.59
C ASN B 38 -8.40 17.55 7.29
N LYS B 39 -7.48 17.61 6.33
CA LYS B 39 -6.86 18.87 5.90
C LYS B 39 -7.36 19.24 4.48
N LYS B 40 -7.76 20.50 4.26
CA LYS B 40 -8.26 20.95 2.96
C LYS B 40 -7.21 21.69 2.15
N TYR B 41 -7.10 21.35 0.87
CA TYR B 41 -6.26 22.03 -0.08
C TYR B 41 -7.11 22.65 -1.19
N GLU B 42 -6.99 23.98 -1.35
CA GLU B 42 -7.80 24.73 -2.37
C GLU B 42 -6.89 25.28 -3.43
N MET B 43 -7.12 24.87 -4.68
CA MET B 43 -6.36 25.38 -5.82
C MET B 43 -7.25 26.09 -6.83
N TYR B 44 -6.94 27.34 -7.07
CA TYR B 44 -7.74 28.21 -7.93
C TYR B 44 -6.96 28.66 -9.17
N TYR B 45 -7.65 28.61 -10.29
CA TYR B 45 -7.10 28.94 -11.61
C TYR B 45 -8.02 29.89 -12.38
N GLY B 46 -7.40 30.90 -13.00
CA GLY B 46 -8.05 31.65 -14.02
C GLY B 46 -9.14 32.52 -13.47
N LEU B 47 -10.22 32.69 -14.22
CA LEU B 47 -11.16 33.80 -13.94
C LEU B 47 -12.58 33.26 -13.80
N GLN B 48 -13.33 33.79 -12.83
CA GLN B 48 -14.78 33.52 -12.79
C GLN B 48 -15.60 34.26 -13.85
N SER B 49 -15.08 35.43 -14.26
CA SER B 49 -15.66 36.22 -15.32
C SER B 49 -14.57 36.79 -16.20
N VAL B 50 -14.61 36.43 -17.49
CA VAL B 50 -13.62 36.86 -18.48
C VAL B 50 -13.73 38.40 -18.67
N GLN B 51 -14.95 38.86 -18.96
CA GLN B 51 -15.18 40.31 -19.25
C GLN B 51 -14.83 41.17 -18.07
N ASP B 52 -15.09 40.68 -16.84
CA ASP B 52 -14.79 41.46 -15.61
C ASP B 52 -13.33 41.32 -15.11
N LYS B 53 -12.54 40.47 -15.74
CA LYS B 53 -11.24 40.09 -15.22
C LYS B 53 -11.22 39.73 -13.73
N LYS B 54 -12.28 39.03 -13.31
CA LYS B 54 -12.44 38.66 -11.95
C LYS B 54 -11.91 37.29 -11.70
N ALA B 55 -10.98 37.18 -10.75
CA ALA B 55 -10.33 35.92 -10.46
C ALA B 55 -11.24 34.85 -9.80
N VAL B 56 -10.96 33.59 -10.07
CA VAL B 56 -11.57 32.51 -9.27
C VAL B 56 -10.93 32.56 -7.85
N ASN B 57 -11.78 32.48 -6.82
CA ASN B 57 -11.33 32.45 -5.46
C ASN B 57 -12.29 31.68 -4.56
N SER B 58 -12.01 31.65 -3.26
CA SER B 58 -12.84 30.93 -2.30
C SER B 58 -14.30 31.45 -2.21
N ASN B 59 -14.62 32.68 -2.67
CA ASN B 59 -16.03 33.17 -2.76
C ASN B 59 -16.72 32.79 -4.06
N THR B 60 -16.01 32.25 -5.05
CA THR B 60 -16.64 32.03 -6.35
C THR B 60 -17.73 30.97 -6.27
N ILE B 61 -18.92 31.33 -6.74
CA ILE B 61 -20.02 30.39 -6.80
C ILE B 61 -20.13 29.78 -8.20
N PHE B 62 -20.15 28.45 -8.26
CA PHE B 62 -20.32 27.69 -9.50
C PHE B 62 -21.61 26.92 -9.52
N GLU B 63 -22.13 26.60 -10.70
CA GLU B 63 -23.32 25.74 -10.82
C GLU B 63 -22.86 24.29 -10.73
N LEU B 64 -23.48 23.55 -9.84
CA LEU B 64 -23.12 22.12 -9.69
C LEU B 64 -23.70 21.12 -10.65
N GLY B 65 -24.67 21.52 -11.44
CA GLY B 65 -25.40 20.60 -12.28
C GLY B 65 -25.92 19.42 -11.53
N SER B 66 -25.80 18.25 -12.14
CA SER B 66 -26.22 16.96 -11.48
C SER B 66 -25.57 16.62 -10.16
N VAL B 67 -24.44 17.23 -9.80
CA VAL B 67 -24.01 17.07 -8.42
C VAL B 67 -25.05 17.54 -7.37
N SER B 68 -25.95 18.47 -7.73
CA SER B 68 -27.16 18.79 -6.97
C SER B 68 -27.99 17.59 -6.52
N LYS B 69 -28.02 16.53 -7.32
CA LYS B 69 -28.72 15.29 -7.00
C LYS B 69 -28.19 14.66 -5.73
N LEU B 70 -26.94 14.95 -5.40
CA LEU B 70 -26.40 14.48 -4.11
C LEU B 70 -27.05 15.14 -2.90
N PHE B 71 -27.40 16.43 -3.04
CA PHE B 71 -28.11 17.10 -1.99
C PHE B 71 -29.55 16.66 -1.93
N THR B 72 -30.16 16.45 -3.07
CA THR B 72 -31.51 15.85 -3.09
C THR B 72 -31.54 14.50 -2.38
N ALA B 73 -30.57 13.66 -2.69
CA ALA B 73 -30.45 12.38 -2.00
C ALA B 73 -30.25 12.52 -0.52
N THR B 74 -29.45 13.49 -0.10
CA THR B 74 -29.23 13.71 1.33
C THR B 74 -30.52 14.20 2.00
N ALA B 75 -31.24 15.11 1.33
CA ALA B 75 -32.54 15.51 1.81
C ALA B 75 -33.53 14.35 1.98
N GLY B 76 -33.57 13.40 1.04
CA GLY B 76 -34.47 12.24 1.15
C GLY B 76 -33.98 11.34 2.28
N GLY B 77 -32.65 11.19 2.42
CA GLY B 77 -32.05 10.49 3.56
C GLY B 77 -32.48 11.06 4.92
N TYR B 78 -32.52 12.38 4.98
CA TYR B 78 -32.82 13.11 6.18
C TYR B 78 -34.30 12.85 6.48
N ALA B 79 -35.14 13.01 5.46
CA ALA B 79 -36.59 12.83 5.63
C ALA B 79 -36.97 11.41 6.02
N LYS B 80 -36.28 10.41 5.48
CA LYS B 80 -36.51 9.01 5.90
C LYS B 80 -36.18 8.78 7.37
N ASN B 81 -35.03 9.24 7.79
CA ASN B 81 -34.67 9.00 9.18
C ASN B 81 -35.45 9.91 10.17
N LYS B 82 -36.03 11.02 9.74
CA LYS B 82 -36.99 11.68 10.62
C LYS B 82 -38.40 11.01 10.60
N GLY B 83 -38.59 9.92 9.88
CA GLY B 83 -39.92 9.30 9.76
C GLY B 83 -40.90 10.02 8.86
N LYS B 84 -40.47 10.98 8.02
CA LYS B 84 -41.41 11.73 7.15
C LYS B 84 -41.77 10.97 5.88
N ILE B 85 -40.91 10.08 5.42
CA ILE B 85 -41.16 9.24 4.25
C ILE B 85 -40.64 7.88 4.54
N SER B 86 -41.12 6.91 3.78
CA SER B 86 -40.50 5.64 3.67
C SER B 86 -40.10 5.48 2.19
N PHE B 87 -39.00 4.80 1.91
CA PHE B 87 -38.61 4.51 0.52
C PHE B 87 -39.53 3.50 -0.21
N ASP B 88 -40.35 2.76 0.54
CA ASP B 88 -41.43 1.92 -0.03
C ASP B 88 -42.74 2.64 -0.36
N ASP B 89 -42.91 3.89 0.09
CA ASP B 89 -44.05 4.72 -0.29
C ASP B 89 -44.02 5.09 -1.77
N THR B 90 -45.19 5.48 -2.26
CA THR B 90 -45.38 5.87 -3.63
C THR B 90 -45.70 7.38 -3.62
N PRO B 91 -45.53 8.09 -4.75
CA PRO B 91 -45.58 9.55 -4.67
C PRO B 91 -46.93 10.12 -4.30
N GLY B 92 -47.95 9.38 -4.70
CA GLY B 92 -49.35 9.73 -4.45
C GLY B 92 -49.77 9.82 -3.01
N LYS B 93 -49.07 9.14 -2.13
CA LYS B 93 -49.23 9.39 -0.69
C LYS B 93 -48.88 10.84 -0.32
N TYR B 94 -48.04 11.54 -1.11
CA TYR B 94 -47.65 12.90 -0.77
C TYR B 94 -48.17 13.89 -1.77
N TRP B 95 -48.16 13.55 -3.06
CA TRP B 95 -48.74 14.46 -4.05
C TRP B 95 -50.07 13.84 -4.41
N LYS B 96 -51.11 14.33 -3.74
CA LYS B 96 -52.43 13.65 -3.70
C LYS B 96 -53.01 13.58 -5.12
N GLU B 97 -52.81 14.60 -5.95
CA GLU B 97 -53.21 14.52 -7.37
C GLU B 97 -52.63 13.34 -8.11
N LEU B 98 -51.59 12.67 -7.60
CA LEU B 98 -51.07 11.48 -8.32
C LEU B 98 -51.61 10.16 -7.75
N LYS B 99 -52.31 10.25 -6.62
CA LYS B 99 -52.94 9.08 -6.02
C LYS B 99 -53.72 8.29 -7.07
N ASN B 100 -53.49 6.98 -7.08
CA ASN B 100 -54.20 6.05 -7.95
C ASN B 100 -53.93 6.16 -9.48
N THR B 101 -52.97 6.99 -9.89
CA THR B 101 -52.51 7.07 -11.28
C THR B 101 -51.37 6.06 -11.52
N PRO B 102 -51.04 5.78 -12.79
CA PRO B 102 -49.99 4.74 -12.97
C PRO B 102 -48.60 5.06 -12.33
N ILE B 103 -48.18 6.31 -12.26
CA ILE B 103 -46.87 6.67 -11.58
C ILE B 103 -46.90 6.37 -10.06
N ASP B 104 -48.10 6.28 -9.47
CA ASP B 104 -48.23 5.88 -8.06
C ASP B 104 -48.03 4.37 -7.81
N GLN B 105 -47.70 3.58 -8.83
CA GLN B 105 -47.08 2.25 -8.62
C GLN B 105 -45.53 2.31 -8.52
N VAL B 106 -44.89 3.44 -8.70
CA VAL B 106 -43.44 3.47 -8.53
C VAL B 106 -43.16 3.93 -7.11
N ASN B 107 -42.22 3.27 -6.42
CA ASN B 107 -41.89 3.73 -5.05
C ASN B 107 -40.78 4.84 -5.10
N LEU B 108 -40.53 5.45 -3.94
CA LEU B 108 -39.70 6.67 -3.89
C LEU B 108 -38.29 6.36 -4.19
N LEU B 109 -37.85 5.21 -3.74
CA LEU B 109 -36.53 4.72 -4.06
C LEU B 109 -36.30 4.57 -5.58
N GLN B 110 -37.25 3.94 -6.24
CA GLN B 110 -37.18 3.70 -7.70
C GLN B 110 -37.17 5.00 -8.47
N LEU B 111 -37.90 6.01 -7.99
CA LEU B 111 -37.75 7.33 -8.53
C LEU B 111 -36.33 7.95 -8.30
N ALA B 112 -35.85 7.88 -7.07
CA ALA B 112 -34.56 8.42 -6.71
C ALA B 112 -33.41 7.80 -7.49
N THR B 113 -33.60 6.53 -7.87
CA THR B 113 -32.59 5.72 -8.57
C THR B 113 -32.90 5.35 -10.04
N TYR B 114 -33.86 6.05 -10.65
CA TYR B 114 -34.04 6.10 -12.10
C TYR B 114 -34.62 4.80 -12.69
N THR B 115 -35.43 4.06 -11.90
CA THR B 115 -35.93 2.75 -12.34
C THR B 115 -37.43 2.61 -12.49
N SER B 116 -38.12 3.72 -12.72
CA SER B 116 -39.53 3.71 -13.14
C SER B 116 -39.83 2.90 -14.40
N GLY B 117 -38.85 2.74 -15.27
CA GLY B 117 -39.02 2.02 -16.50
C GLY B 117 -39.59 2.83 -17.65
N ASN B 118 -39.94 4.09 -17.43
CA ASN B 118 -40.32 4.96 -18.50
C ASN B 118 -40.07 6.50 -18.27
N LEU B 119 -38.88 6.89 -17.85
CA LEU B 119 -38.56 8.33 -17.73
C LEU B 119 -37.22 8.59 -18.38
N ALA B 120 -37.14 9.62 -19.22
CA ALA B 120 -35.94 9.84 -20.01
C ALA B 120 -35.09 10.91 -19.28
N LEU B 121 -33.92 11.24 -19.82
CA LEU B 121 -33.05 12.23 -19.22
C LEU B 121 -33.71 13.56 -18.90
N GLN B 122 -34.52 14.06 -19.80
CA GLN B 122 -35.19 15.34 -19.66
C GLN B 122 -36.70 15.24 -19.82
N PHE B 123 -37.42 16.11 -19.13
CA PHE B 123 -38.78 16.40 -19.48
C PHE B 123 -38.88 16.82 -20.97
N PRO B 124 -40.04 16.64 -21.59
CA PRO B 124 -40.33 17.33 -22.88
C PRO B 124 -40.14 18.85 -22.80
N ASP B 125 -39.59 19.40 -23.89
CA ASP B 125 -39.29 20.81 -24.01
C ASP B 125 -40.49 21.72 -23.70
N GLU B 126 -41.68 21.33 -24.21
CA GLU B 126 -42.96 21.99 -23.90
C GLU B 126 -43.43 21.91 -22.43
N VAL B 127 -42.90 20.98 -21.60
CA VAL B 127 -43.27 20.97 -20.16
C VAL B 127 -42.44 22.01 -19.44
N GLN B 128 -43.12 22.97 -18.82
CA GLN B 128 -42.46 24.13 -18.18
C GLN B 128 -43.13 24.55 -16.88
N THR B 129 -44.44 24.73 -16.93
CA THR B 129 -45.21 25.20 -15.77
C THR B 129 -45.47 24.08 -14.79
N ASP B 130 -45.86 24.50 -13.58
CA ASP B 130 -46.37 23.60 -12.55
C ASP B 130 -47.49 22.70 -13.05
N GLN B 131 -48.46 23.33 -13.72
CA GLN B 131 -49.62 22.59 -14.26
C GLN B 131 -49.17 21.54 -15.29
N GLN B 132 -48.23 21.90 -16.17
CA GLN B 132 -47.76 20.92 -17.20
C GLN B 132 -46.95 19.72 -16.59
N VAL B 133 -46.27 19.97 -15.49
CA VAL B 133 -45.52 18.93 -14.80
C VAL B 133 -46.48 17.92 -14.18
N LEU B 134 -47.45 18.43 -13.40
CA LEU B 134 -48.50 17.59 -12.88
C LEU B 134 -49.18 16.69 -13.94
N THR B 135 -49.53 17.28 -15.07
CA THR B 135 -50.19 16.63 -16.16
C THR B 135 -49.27 15.58 -16.73
N PHE B 136 -47.99 15.92 -16.89
CA PHE B 136 -47.02 14.97 -17.42
C PHE B 136 -47.05 13.70 -16.58
N PHE B 137 -47.07 13.87 -15.25
CA PHE B 137 -47.06 12.74 -14.29
C PHE B 137 -48.38 11.96 -14.12
N LYS B 138 -49.50 12.65 -14.30
CA LYS B 138 -50.83 12.00 -14.41
C LYS B 138 -51.00 11.16 -15.67
N ASP B 139 -50.48 11.65 -16.80
CA ASP B 139 -50.58 10.95 -18.11
C ASP B 139 -49.63 9.78 -18.25
N TRP B 140 -48.69 9.67 -17.31
CA TRP B 140 -47.59 8.75 -17.40
C TRP B 140 -48.13 7.33 -17.34
N LYS B 141 -47.55 6.48 -18.18
CA LYS B 141 -47.81 5.05 -18.20
C LYS B 141 -46.50 4.29 -18.21
N PRO B 142 -46.50 3.08 -17.64
CA PRO B 142 -45.29 2.25 -17.56
C PRO B 142 -44.81 1.83 -18.92
N LYS B 143 -43.54 1.47 -19.06
CA LYS B 143 -43.07 0.81 -20.25
C LYS B 143 -42.29 -0.46 -19.89
N ASN B 144 -41.08 -0.30 -19.34
CA ASN B 144 -40.32 -1.46 -18.92
C ASN B 144 -40.90 -1.84 -17.56
N PRO B 145 -40.76 -3.10 -17.14
CA PRO B 145 -41.20 -3.48 -15.81
C PRO B 145 -40.53 -2.59 -14.74
N ILE B 146 -41.35 -2.08 -13.81
CA ILE B 146 -40.96 -1.09 -12.80
C ILE B 146 -39.92 -1.71 -11.94
N GLY B 147 -38.78 -1.02 -11.81
CA GLY B 147 -37.71 -1.42 -10.98
C GLY B 147 -36.61 -2.13 -11.70
N GLU B 148 -36.89 -2.62 -12.89
CA GLU B 148 -35.93 -3.46 -13.62
C GLU B 148 -34.88 -2.72 -14.46
N TYR B 149 -35.22 -1.53 -14.97
CA TYR B 149 -34.37 -0.80 -15.92
C TYR B 149 -33.97 0.54 -15.41
N ARG B 150 -32.67 0.80 -15.43
CA ARG B 150 -32.17 2.12 -15.04
C ARG B 150 -32.07 3.01 -16.31
N GLN B 151 -32.74 4.14 -16.28
CA GLN B 151 -32.49 5.16 -17.28
C GLN B 151 -32.31 6.48 -16.54
N TYR B 152 -31.09 6.98 -16.54
CA TYR B 152 -30.72 8.23 -15.86
C TYR B 152 -31.65 9.38 -16.25
N SER B 153 -32.20 10.02 -15.24
CA SER B 153 -33.37 10.83 -15.40
C SER B 153 -33.57 12.01 -14.45
N ASN B 154 -33.66 13.23 -15.00
CA ASN B 154 -33.97 14.43 -14.25
C ASN B 154 -35.34 14.48 -13.73
N PRO B 155 -36.34 14.18 -14.61
CA PRO B 155 -37.67 14.10 -14.05
C PRO B 155 -37.85 13.07 -12.92
N SER B 156 -37.21 11.91 -13.00
CA SER B 156 -37.39 10.82 -11.97
C SER B 156 -36.96 11.26 -10.57
N ILE B 157 -35.73 11.78 -10.46
CA ILE B 157 -35.28 12.30 -9.19
C ILE B 157 -35.87 13.65 -8.87
N GLY B 158 -36.21 14.45 -9.87
CA GLY B 158 -36.96 15.70 -9.61
C GLY B 158 -38.25 15.45 -8.89
N LEU B 159 -38.94 14.38 -9.25
CA LEU B 159 -40.22 14.09 -8.55
C LEU B 159 -39.94 13.61 -7.13
N PHE B 160 -38.95 12.75 -6.97
CA PHE B 160 -38.51 12.34 -5.68
C PHE B 160 -38.19 13.58 -4.82
N GLY B 161 -37.46 14.56 -5.37
CA GLY B 161 -37.23 15.80 -4.64
C GLY B 161 -38.49 16.54 -4.21
N LYS B 162 -39.47 16.60 -5.11
CA LYS B 162 -40.72 17.31 -4.79
C LYS B 162 -41.53 16.58 -3.71
N VAL B 163 -41.49 15.24 -3.72
CA VAL B 163 -42.18 14.44 -2.72
C VAL B 163 -41.45 14.60 -1.38
N VAL B 164 -40.11 14.66 -1.40
CA VAL B 164 -39.35 14.90 -0.15
C VAL B 164 -39.79 16.21 0.49
N ALA B 165 -39.87 17.25 -0.33
CA ALA B 165 -40.22 18.56 0.20
C ALA B 165 -41.67 18.54 0.72
N LEU B 166 -42.59 17.91 -0.03
CA LEU B 166 -43.99 17.78 0.46
C LEU B 166 -44.02 17.13 1.81
N SER B 167 -43.23 16.06 2.00
CA SER B 167 -43.22 15.38 3.28
C SER B 167 -42.69 16.24 4.40
N MET B 168 -41.84 17.21 4.10
CA MET B 168 -41.34 18.16 5.11
C MET B 168 -42.13 19.45 5.24
N ASN B 169 -43.26 19.54 4.55
CA ASN B 169 -44.11 20.75 4.48
C ASN B 169 -43.40 22.06 4.12
N LYS B 170 -42.45 22.01 3.20
CA LYS B 170 -41.80 23.22 2.77
C LYS B 170 -41.38 23.04 1.35
N PRO B 171 -41.24 24.14 0.61
CA PRO B 171 -40.77 23.98 -0.74
C PRO B 171 -39.31 23.50 -0.76
N PHE B 172 -38.95 22.81 -1.84
CA PHE B 172 -37.67 22.12 -1.90
C PHE B 172 -36.49 23.07 -1.73
N ASP B 173 -36.57 24.30 -2.28
CA ASP B 173 -35.48 25.26 -2.06
C ASP B 173 -35.24 25.53 -0.59
N GLN B 174 -36.31 25.65 0.19
CA GLN B 174 -36.20 25.95 1.64
C GLN B 174 -35.72 24.74 2.41
N VAL B 175 -36.11 23.53 1.98
CA VAL B 175 -35.59 22.29 2.57
C VAL B 175 -34.02 22.32 2.55
N LEU B 176 -33.42 22.67 1.42
CA LEU B 176 -31.96 22.74 1.31
C LEU B 176 -31.40 23.93 2.06
N GLU B 177 -31.93 25.11 1.75
CA GLU B 177 -31.31 26.32 2.29
C GLU B 177 -31.54 26.49 3.77
N LYS B 178 -32.63 25.94 4.33
CA LYS B 178 -32.93 26.13 5.79
C LYS B 178 -32.69 24.93 6.67
N THR B 179 -32.59 23.73 6.10
CA THR B 179 -32.38 22.52 6.87
C THR B 179 -31.11 21.86 6.48
N ILE B 180 -30.96 21.48 5.21
CA ILE B 180 -29.87 20.62 4.84
C ILE B 180 -28.52 21.38 4.81
N PHE B 181 -28.43 22.46 4.07
CA PHE B 181 -27.18 23.19 4.00
C PHE B 181 -26.67 23.64 5.39
N PRO B 182 -27.55 24.18 6.26
CA PRO B 182 -26.99 24.53 7.60
C PRO B 182 -26.55 23.30 8.44
N ALA B 183 -27.27 22.18 8.35
CA ALA B 183 -26.81 20.98 9.11
C ALA B 183 -25.42 20.48 8.63
N LEU B 184 -25.08 20.73 7.35
CA LEU B 184 -23.77 20.38 6.81
C LEU B 184 -22.72 21.46 7.04
N GLY B 185 -23.05 22.59 7.67
CA GLY B 185 -22.10 23.68 7.89
C GLY B 185 -21.72 24.41 6.57
N LEU B 186 -22.61 24.48 5.59
CA LEU B 186 -22.28 25.13 4.34
C LEU B 186 -22.64 26.60 4.49
N LYS B 187 -21.76 27.51 4.04
CA LYS B 187 -21.94 28.94 4.23
C LYS B 187 -22.47 29.63 2.91
N HIS B 188 -22.12 29.12 1.72
CA HIS B 188 -22.49 29.79 0.45
C HIS B 188 -22.94 28.81 -0.61
N SER B 189 -23.91 28.01 -0.23
CA SER B 189 -24.53 27.11 -1.14
C SER B 189 -25.99 27.47 -1.27
N TYR B 190 -26.53 27.39 -2.49
CA TYR B 190 -27.85 27.96 -2.80
C TYR B 190 -28.54 27.26 -3.85
N VAL B 191 -29.87 27.16 -3.69
CA VAL B 191 -30.74 26.96 -4.79
C VAL B 191 -30.95 28.31 -5.58
N ASN B 192 -31.23 29.42 -4.89
CA ASN B 192 -31.38 30.80 -5.52
C ASN B 192 -30.32 31.68 -4.91
N VAL B 193 -29.35 32.08 -5.75
CA VAL B 193 -28.26 32.90 -5.25
C VAL B 193 -28.81 34.25 -4.90
N PRO B 194 -28.66 34.71 -3.65
CA PRO B 194 -29.25 36.04 -3.28
C PRO B 194 -28.54 37.25 -3.91
N LYS B 195 -29.27 38.37 -4.01
CA LYS B 195 -28.76 39.66 -4.45
C LYS B 195 -27.35 39.96 -3.95
N THR B 196 -27.11 39.76 -2.65
CA THR B 196 -25.82 40.07 -2.05
C THR B 196 -24.63 39.16 -2.45
N GLN B 197 -24.91 38.05 -3.14
CA GLN B 197 -23.88 37.14 -3.61
C GLN B 197 -23.80 37.08 -5.14
N MET B 198 -24.61 37.87 -5.88
CA MET B 198 -24.60 37.77 -7.33
C MET B 198 -23.26 38.14 -7.94
N GLN B 199 -22.59 39.13 -7.35
CA GLN B 199 -21.23 39.47 -7.74
C GLN B 199 -20.20 38.31 -7.56
N ASN B 200 -20.53 37.31 -6.73
CA ASN B 200 -19.65 36.10 -6.62
C ASN B 200 -20.03 34.94 -7.52
N TYR B 201 -21.11 35.08 -8.26
CA TYR B 201 -21.60 33.96 -9.09
C TYR B 201 -20.81 34.10 -10.40
N ALA B 202 -19.99 33.12 -10.70
CA ALA B 202 -19.29 33.01 -11.96
C ALA B 202 -20.22 33.10 -13.17
N PHE B 203 -19.70 33.63 -14.29
CA PHE B 203 -20.31 33.30 -15.58
C PHE B 203 -19.92 31.88 -15.93
N GLY B 204 -20.86 31.11 -16.48
CA GLY B 204 -20.51 29.92 -17.26
C GLY B 204 -20.19 30.34 -18.68
N TYR B 205 -19.63 29.46 -19.46
CA TYR B 205 -19.24 29.76 -20.83
C TYR B 205 -19.53 28.58 -21.69
N ASN B 206 -20.22 28.79 -22.79
CA ASN B 206 -20.72 27.67 -23.57
C ASN B 206 -19.65 27.28 -24.55
N GLN B 207 -19.98 26.44 -25.55
CA GLN B 207 -18.96 25.96 -26.50
C GLN B 207 -18.51 26.98 -27.50
N GLU B 208 -19.20 28.11 -27.61
CA GLU B 208 -18.74 29.28 -28.40
C GLU B 208 -18.12 30.38 -27.48
N ASN B 209 -17.77 30.01 -26.27
CA ASN B 209 -17.23 30.87 -25.21
C ASN B 209 -18.07 32.15 -24.86
N GLN B 210 -19.38 31.99 -24.98
CA GLN B 210 -20.32 33.04 -24.62
C GLN B 210 -20.74 32.78 -23.19
N PRO B 211 -20.79 33.85 -22.37
CA PRO B 211 -21.16 33.78 -20.97
C PRO B 211 -22.61 33.41 -20.82
N ILE B 212 -22.93 32.52 -19.91
CA ILE B 212 -24.24 31.86 -19.87
C ILE B 212 -24.42 31.42 -18.43
N ARG B 213 -25.67 31.26 -18.01
CA ARG B 213 -25.97 30.70 -16.69
C ARG B 213 -27.17 29.82 -16.90
N VAL B 214 -27.47 28.99 -15.92
CA VAL B 214 -28.51 28.01 -16.09
C VAL B 214 -29.92 28.66 -16.26
N ASN B 215 -30.76 28.13 -17.13
CA ASN B 215 -32.12 28.64 -17.26
C ASN B 215 -33.07 27.92 -16.32
N PRO B 216 -34.08 28.62 -15.77
CA PRO B 216 -35.17 27.92 -15.07
C PRO B 216 -35.77 26.81 -15.92
N GLY B 217 -36.25 25.76 -15.27
CA GLY B 217 -36.98 24.68 -15.93
C GLY B 217 -37.75 23.85 -14.91
N PRO B 218 -38.61 22.92 -15.35
CA PRO B 218 -39.43 22.09 -14.47
C PRO B 218 -38.58 21.19 -13.50
N LEU B 219 -38.95 21.20 -12.22
CA LEU B 219 -38.26 20.55 -11.11
C LEU B 219 -36.70 20.62 -11.25
N ASP B 220 -36.24 21.81 -11.56
CA ASP B 220 -34.84 22.07 -11.81
C ASP B 220 -34.00 21.97 -10.53
N ALA B 221 -34.45 22.57 -9.43
CA ALA B 221 -33.75 22.52 -8.17
C ALA B 221 -33.29 21.08 -7.73
N PRO B 222 -34.19 20.10 -7.65
CA PRO B 222 -33.71 18.76 -7.21
C PRO B 222 -32.80 17.99 -8.17
N ALA B 223 -32.84 18.34 -9.45
CA ALA B 223 -32.18 17.66 -10.49
C ALA B 223 -30.81 18.22 -10.88
N TYR B 224 -30.70 19.56 -10.94
CA TYR B 224 -29.49 20.22 -11.33
C TYR B 224 -29.38 21.66 -10.90
N GLY B 225 -30.08 22.08 -9.87
CA GLY B 225 -30.19 23.48 -9.52
C GLY B 225 -29.38 24.17 -8.39
N VAL B 226 -28.43 23.46 -7.75
CA VAL B 226 -27.70 24.03 -6.65
C VAL B 226 -26.43 24.69 -7.17
N LYS B 227 -26.04 25.76 -6.53
CA LYS B 227 -24.77 26.44 -6.74
C LYS B 227 -23.99 26.45 -5.46
N SER B 228 -22.66 26.37 -5.54
CA SER B 228 -21.84 26.28 -4.36
C SER B 228 -20.43 26.77 -4.64
N THR B 229 -19.66 26.95 -3.57
CA THR B 229 -18.24 27.35 -3.67
C THR B 229 -17.33 26.15 -3.40
N LEU B 230 -16.02 26.27 -3.74
CA LEU B 230 -15.08 25.19 -3.49
C LEU B 230 -15.01 24.84 -1.98
N PRO B 231 -14.98 25.85 -1.10
CA PRO B 231 -14.90 25.46 0.32
C PRO B 231 -16.12 24.70 0.84
N ASP B 232 -17.28 25.11 0.43
CA ASP B 232 -18.53 24.39 0.80
C ASP B 232 -18.54 22.98 0.25
N MET B 233 -18.14 22.84 -1.00
CA MET B 233 -18.06 21.48 -1.55
C MET B 233 -17.04 20.59 -0.83
N LEU B 234 -15.89 21.15 -0.40
CA LEU B 234 -14.98 20.44 0.45
C LEU B 234 -15.59 20.07 1.81
N SER B 235 -16.38 20.93 2.42
CA SER B 235 -17.06 20.53 3.67
C SER B 235 -18.05 19.42 3.41
N PHE B 236 -18.69 19.44 2.26
CA PHE B 236 -19.67 18.39 1.93
C PHE B 236 -18.92 17.09 1.80
N ILE B 237 -17.78 17.08 1.10
CA ILE B 237 -16.97 15.87 1.02
C ILE B 237 -16.47 15.46 2.43
N HIS B 238 -16.06 16.44 3.23
CA HIS B 238 -15.64 16.12 4.61
C HIS B 238 -16.76 15.42 5.38
N ALA B 239 -17.97 15.88 5.23
CA ALA B 239 -19.15 15.27 5.86
C ALA B 239 -19.41 13.83 5.41
N ASN B 240 -19.14 13.57 4.14
CA ASN B 240 -19.25 12.22 3.61
C ASN B 240 -18.16 11.29 4.08
N LEU B 241 -16.96 11.81 4.27
CA LEU B 241 -15.86 11.01 4.68
C LEU B 241 -15.83 10.75 6.19
N ASN B 242 -16.36 11.69 6.96
CA ASN B 242 -16.08 11.81 8.38
C ASN B 242 -17.34 12.31 9.02
N PRO B 243 -18.44 11.55 8.95
CA PRO B 243 -19.65 12.12 9.43
C PRO B 243 -19.81 12.23 10.96
N GLN B 244 -18.94 11.55 11.74
CA GLN B 244 -19.07 11.45 13.22
C GLN B 244 -19.26 12.79 13.90
N LYS B 245 -18.61 13.82 13.38
CA LYS B 245 -18.74 15.16 13.87
C LYS B 245 -20.10 15.78 13.69
N TYR B 246 -20.94 15.24 12.80
CA TYR B 246 -22.14 15.99 12.38
C TYR B 246 -23.31 15.62 13.27
N PRO B 247 -24.39 16.43 13.27
CA PRO B 247 -25.57 16.05 14.02
C PRO B 247 -26.02 14.65 13.64
N THR B 248 -26.59 13.92 14.58
CA THR B 248 -27.05 12.58 14.36
C THR B 248 -28.00 12.44 13.12
N ASP B 249 -28.97 13.32 13.01
CA ASP B 249 -29.93 13.33 11.90
C ASP B 249 -29.26 13.40 10.46
N ILE B 250 -28.26 14.25 10.33
CA ILE B 250 -27.56 14.43 9.06
C ILE B 250 -26.59 13.27 8.87
N GLN B 251 -26.06 12.70 9.96
CA GLN B 251 -25.27 11.48 9.88
C GLN B 251 -26.01 10.36 9.20
N ARG B 252 -27.24 10.12 9.64
CA ARG B 252 -28.03 9.04 9.08
C ARG B 252 -28.37 9.33 7.63
N ALA B 253 -28.71 10.56 7.36
CA ALA B 253 -28.97 11.01 6.03
C ALA B 253 -27.84 10.68 5.11
N ILE B 254 -26.64 11.10 5.51
CA ILE B 254 -25.43 10.85 4.81
C ILE B 254 -25.20 9.38 4.62
N ASN B 255 -25.35 8.61 5.70
CA ASN B 255 -25.16 7.13 5.59
C ASN B 255 -26.16 6.45 4.66
N GLU B 256 -27.37 6.98 4.65
CA GLU B 256 -28.39 6.52 3.72
C GLU B 256 -27.96 6.72 2.22
N THR B 257 -27.27 7.81 1.91
CA THR B 257 -26.76 8.01 0.57
C THR B 257 -25.66 7.12 0.14
N HIS B 258 -24.98 6.47 1.07
CA HIS B 258 -23.87 5.55 0.75
C HIS B 258 -24.28 4.11 0.46
N GLN B 259 -25.54 3.75 0.66
CA GLN B 259 -25.92 2.33 0.59
C GLN B 259 -26.22 2.02 -0.85
N GLY B 260 -25.55 1.06 -1.43
CA GLY B 260 -25.81 0.73 -2.81
C GLY B 260 -27.16 0.03 -2.85
N ARG B 261 -27.91 0.22 -3.91
CA ARG B 261 -29.28 -0.28 -4.02
C ARG B 261 -29.40 -1.39 -5.06
N TYR B 262 -28.58 -1.30 -6.10
CA TYR B 262 -28.55 -2.26 -7.15
C TYR B 262 -27.25 -2.07 -7.91
N GLN B 263 -26.95 -2.96 -8.86
CA GLN B 263 -25.79 -2.77 -9.71
C GLN B 263 -26.06 -2.85 -11.17
N VAL B 264 -25.15 -2.23 -11.91
CA VAL B 264 -25.02 -2.28 -13.37
C VAL B 264 -23.56 -2.61 -13.67
N ASN B 265 -23.30 -3.91 -13.82
CA ASN B 265 -21.96 -4.47 -13.73
C ASN B 265 -21.09 -3.84 -12.64
N THR B 266 -20.04 -3.12 -12.99
CA THR B 266 -19.12 -2.62 -11.99
C THR B 266 -19.55 -1.29 -11.35
N MET B 267 -20.68 -0.73 -11.78
CA MET B 267 -21.23 0.49 -11.13
C MET B 267 -22.37 0.14 -10.21
N TYR B 268 -22.30 0.58 -8.97
CA TYR B 268 -23.36 0.42 -8.03
C TYR B 268 -24.06 1.75 -7.87
N GLN B 269 -25.39 1.72 -7.87
CA GLN B 269 -26.18 2.89 -7.76
C GLN B 269 -26.63 3.03 -6.33
N ALA B 270 -26.11 4.07 -5.67
CA ALA B 270 -26.56 4.49 -4.38
C ALA B 270 -27.55 5.63 -4.53
N LEU B 271 -27.87 6.33 -3.46
CA LEU B 271 -28.80 7.42 -3.51
C LEU B 271 -28.01 8.66 -3.95
N GLY B 272 -28.23 9.11 -5.19
CA GLY B 272 -27.40 10.17 -5.77
C GLY B 272 -26.02 9.72 -6.19
N TRP B 273 -25.20 9.28 -5.23
CA TRP B 273 -23.88 8.80 -5.55
C TRP B 273 -23.83 7.52 -6.36
N GLU B 274 -22.84 7.45 -7.24
CA GLU B 274 -22.36 6.21 -7.84
C GLU B 274 -21.26 5.62 -7.00
N GLU B 275 -21.31 4.30 -6.82
CA GLU B 275 -20.42 3.60 -5.88
C GLU B 275 -19.67 2.53 -6.65
N PHE B 276 -18.41 2.33 -6.26
CA PHE B 276 -17.50 1.38 -6.89
C PHE B 276 -16.73 0.62 -5.80
N SER B 277 -16.34 -0.61 -6.09
CA SER B 277 -15.32 -1.27 -5.31
C SER B 277 -13.99 -0.50 -5.41
N TYR B 278 -13.28 -0.32 -4.31
CA TYR B 278 -12.03 0.40 -4.29
C TYR B 278 -10.93 -0.63 -4.02
N PRO B 279 -9.80 -0.60 -4.73
CA PRO B 279 -9.53 0.36 -5.81
C PRO B 279 -10.29 0.02 -7.06
N ALA B 280 -10.74 1.05 -7.77
CA ALA B 280 -11.39 0.86 -9.07
C ALA B 280 -10.37 1.11 -10.16
N THR B 281 -10.47 0.34 -11.21
CA THR B 281 -9.70 0.62 -12.40
C THR B 281 -10.16 1.94 -13.03
N LEU B 282 -9.23 2.63 -13.68
CA LEU B 282 -9.59 3.86 -14.40
C LEU B 282 -10.75 3.61 -15.33
N GLN B 283 -10.72 2.47 -16.01
CA GLN B 283 -11.79 2.15 -16.96
C GLN B 283 -13.13 1.94 -16.27
N THR B 284 -13.14 1.39 -15.06
CA THR B 284 -14.40 1.30 -14.30
C THR B 284 -15.00 2.69 -14.08
N LEU B 285 -14.16 3.64 -13.70
CA LEU B 285 -14.63 5.00 -13.35
C LEU B 285 -15.08 5.75 -14.60
N LEU B 286 -14.35 5.61 -15.70
CA LEU B 286 -14.70 6.24 -17.00
C LEU B 286 -15.97 5.64 -17.57
N ASP B 287 -16.07 4.34 -17.57
CA ASP B 287 -17.25 3.65 -18.14
C ASP B 287 -18.55 3.86 -17.39
N SER B 288 -18.50 4.33 -16.15
CA SER B 288 -19.70 4.73 -15.43
C SER B 288 -20.37 5.89 -16.09
N ASN B 289 -19.62 6.70 -16.84
CA ASN B 289 -20.25 7.84 -17.57
C ASN B 289 -20.22 7.69 -19.11
N SER B 290 -20.19 6.44 -19.56
CA SER B 290 -20.35 6.09 -20.96
C SER B 290 -21.75 6.43 -21.51
N GLU B 291 -21.81 6.62 -22.81
CA GLU B 291 -23.10 6.78 -23.50
C GLU B 291 -24.16 5.71 -23.06
N GLN B 292 -23.70 4.46 -23.00
CA GLN B 292 -24.56 3.34 -22.72
C GLN B 292 -25.20 3.52 -21.34
N ILE B 293 -24.37 3.92 -20.35
CA ILE B 293 -24.90 4.05 -18.98
C ILE B 293 -25.74 5.34 -18.83
N VAL B 294 -25.23 6.45 -19.35
CA VAL B 294 -25.87 7.76 -19.11
C VAL B 294 -27.10 7.97 -19.99
N MET B 295 -27.07 7.51 -21.25
CA MET B 295 -28.11 7.93 -22.26
C MET B 295 -29.15 6.84 -22.62
N LYS B 296 -28.89 5.57 -22.29
CA LYS B 296 -29.73 4.43 -22.70
C LYS B 296 -30.24 3.62 -21.49
N PRO B 297 -31.37 2.91 -21.65
CA PRO B 297 -31.84 2.03 -20.56
C PRO B 297 -30.91 0.86 -20.39
N ASN B 298 -30.70 0.43 -19.14
CA ASN B 298 -29.92 -0.77 -18.86
C ASN B 298 -30.65 -1.56 -17.80
N LYS B 299 -30.81 -2.86 -18.05
CA LYS B 299 -31.46 -3.73 -17.06
C LYS B 299 -30.45 -3.84 -15.87
N VAL B 300 -30.95 -3.67 -14.66
CA VAL B 300 -30.11 -3.71 -13.43
C VAL B 300 -30.12 -5.16 -12.91
N THR B 301 -29.21 -5.47 -11.99
CA THR B 301 -29.26 -6.65 -11.19
C THR B 301 -29.19 -6.25 -9.73
N ALA B 302 -29.41 -7.24 -8.89
CA ALA B 302 -29.29 -7.12 -7.45
C ALA B 302 -27.83 -7.07 -7.20
N ILE B 303 -27.43 -6.42 -6.10
CA ILE B 303 -26.03 -6.39 -5.74
C ILE B 303 -25.64 -7.82 -5.44
N SER B 304 -24.54 -8.27 -6.04
CA SER B 304 -24.09 -9.63 -5.80
C SER B 304 -22.88 -9.52 -4.95
N LYS B 305 -21.78 -8.97 -5.47
CA LYS B 305 -20.61 -8.66 -4.70
C LYS B 305 -20.81 -7.37 -3.96
N GLU B 306 -20.94 -7.44 -2.65
CA GLU B 306 -21.07 -6.24 -1.87
C GLU B 306 -19.62 -5.71 -1.51
N PRO B 307 -19.16 -4.65 -2.21
CA PRO B 307 -17.79 -4.14 -1.99
C PRO B 307 -17.55 -3.86 -0.53
N SER B 308 -16.46 -4.42 -0.02
CA SER B 308 -15.97 -4.22 1.31
C SER B 308 -15.42 -2.80 1.51
N VAL B 309 -14.64 -2.34 0.55
CA VAL B 309 -14.01 -1.03 0.60
C VAL B 309 -14.54 -0.33 -0.66
N LYS B 310 -15.14 0.83 -0.50
CA LYS B 310 -15.91 1.52 -1.51
C LYS B 310 -15.35 2.90 -1.81
N MET B 311 -15.61 3.40 -3.00
CA MET B 311 -15.43 4.82 -3.33
C MET B 311 -16.63 5.25 -4.04
N TYR B 312 -16.83 6.58 -4.13
CA TYR B 312 -18.03 7.11 -4.64
C TYR B 312 -17.68 8.29 -5.55
N HIS B 313 -18.44 8.51 -6.64
CA HIS B 313 -18.32 9.77 -7.43
C HIS B 313 -19.62 10.23 -8.03
N LYS B 314 -19.56 11.44 -8.61
CA LYS B 314 -20.67 12.02 -9.33
C LYS B 314 -20.13 13.14 -10.18
N THR B 315 -20.46 13.13 -11.48
CA THR B 315 -20.21 14.27 -12.39
C THR B 315 -21.43 15.14 -12.42
N GLY B 316 -21.26 16.40 -12.80
CA GLY B 316 -22.39 17.26 -13.11
C GLY B 316 -22.04 18.23 -14.22
N SER B 317 -23.02 18.51 -15.10
CA SER B 317 -22.82 19.50 -16.12
C SER B 317 -24.05 20.36 -16.26
N THR B 318 -23.82 21.66 -16.44
CA THR B 318 -24.87 22.56 -16.95
C THR B 318 -24.33 23.08 -18.27
N SER B 319 -25.11 23.94 -18.94
CA SER B 319 -24.67 24.47 -20.24
C SER B 319 -23.27 25.14 -20.18
N GLY B 320 -22.98 25.92 -19.15
CA GLY B 320 -21.63 26.51 -19.00
C GLY B 320 -20.73 26.05 -17.85
N PHE B 321 -21.09 24.97 -17.13
CA PHE B 321 -20.28 24.53 -15.97
C PHE B 321 -20.05 23.02 -15.93
N GLY B 322 -18.86 22.58 -15.55
CA GLY B 322 -18.53 21.15 -15.23
C GLY B 322 -18.20 20.96 -13.74
N THR B 323 -18.62 19.83 -13.21
CA THR B 323 -18.33 19.52 -11.84
C THR B 323 -17.94 18.06 -11.77
N TYR B 324 -17.06 17.72 -10.84
CA TYR B 324 -16.80 16.34 -10.50
C TYR B 324 -16.43 16.24 -9.03
N VAL B 325 -17.04 15.30 -8.35
CA VAL B 325 -16.74 15.03 -6.94
C VAL B 325 -16.47 13.54 -6.71
N VAL B 326 -15.49 13.22 -5.88
CA VAL B 326 -15.08 11.82 -5.63
C VAL B 326 -14.51 11.69 -4.23
N PHE B 327 -14.84 10.60 -3.51
CA PHE B 327 -14.23 10.41 -2.23
C PHE B 327 -14.06 8.88 -1.92
N ILE B 328 -13.06 8.61 -1.10
CA ILE B 328 -12.63 7.27 -0.73
C ILE B 328 -12.49 7.17 0.80
N PRO B 329 -13.50 6.62 1.49
CA PRO B 329 -13.55 6.61 2.98
C PRO B 329 -12.32 6.00 3.67
N LYS B 330 -11.89 4.84 3.22
CA LYS B 330 -10.76 4.17 3.83
C LYS B 330 -9.42 4.85 3.58
N GLU B 331 -9.32 5.75 2.59
CA GLU B 331 -8.11 6.52 2.42
C GLU B 331 -8.23 7.90 3.04
N ASN B 332 -9.39 8.20 3.64
CA ASN B 332 -9.75 9.53 4.07
C ASN B 332 -9.31 10.66 3.08
N ILE B 333 -9.61 10.45 1.79
CA ILE B 333 -9.33 11.44 0.77
C ILE B 333 -10.54 11.68 -0.14
N GLY B 334 -10.61 12.89 -0.67
CA GLY B 334 -11.55 13.19 -1.72
C GLY B 334 -11.15 14.42 -2.49
N LEU B 335 -11.90 14.70 -3.54
CA LEU B 335 -11.57 15.76 -4.49
C LEU B 335 -12.84 16.31 -5.12
N VAL B 336 -12.76 17.59 -5.45
CA VAL B 336 -13.77 18.34 -6.04
C VAL B 336 -13.14 19.19 -7.15
N MET B 337 -13.78 19.17 -8.31
CA MET B 337 -13.40 20.01 -9.43
C MET B 337 -14.60 20.78 -9.85
N LEU B 338 -14.43 22.10 -9.97
CA LEU B 338 -15.47 23.01 -10.48
C LEU B 338 -14.88 23.81 -11.65
N THR B 339 -15.54 23.84 -12.80
CA THR B 339 -15.10 24.67 -13.92
C THR B 339 -16.27 25.49 -14.40
N ASN B 340 -15.96 26.63 -15.02
CA ASN B 340 -16.98 27.43 -15.66
C ASN B 340 -16.93 27.32 -17.18
N LYS B 341 -16.59 26.12 -17.64
CA LYS B 341 -16.86 25.65 -18.97
C LYS B 341 -16.87 24.12 -18.87
N ARG B 342 -17.75 23.45 -19.59
CA ARG B 342 -17.74 22.00 -19.57
C ARG B 342 -16.50 21.48 -20.21
N ILE B 343 -15.94 20.43 -19.65
CA ILE B 343 -14.93 19.62 -20.32
C ILE B 343 -15.41 18.16 -20.29
N PRO B 344 -14.91 17.31 -21.19
CA PRO B 344 -15.42 15.92 -21.19
C PRO B 344 -15.30 15.24 -19.80
N ASN B 345 -16.30 14.45 -19.46
CA ASN B 345 -16.31 13.73 -18.20
C ASN B 345 -15.05 12.93 -18.00
N GLU B 346 -14.57 12.30 -19.10
CA GLU B 346 -13.36 11.47 -19.05
C GLU B 346 -12.15 12.23 -18.56
N GLU B 347 -12.02 13.51 -18.93
CA GLU B 347 -10.83 14.29 -18.46
C GLU B 347 -10.84 14.57 -16.97
N ARG B 348 -12.03 14.84 -16.49
CA ARG B 348 -12.31 15.14 -15.04
C ARG B 348 -11.98 13.90 -14.23
N ILE B 349 -12.52 12.78 -14.69
CA ILE B 349 -12.35 11.50 -14.05
C ILE B 349 -10.90 11.06 -14.02
N LYS B 350 -10.23 11.08 -15.18
CA LYS B 350 -8.82 10.75 -15.23
C LYS B 350 -7.92 11.62 -14.40
N ALA B 351 -8.15 12.91 -14.42
CA ALA B 351 -7.25 13.78 -13.69
C ALA B 351 -7.35 13.45 -12.21
N ALA B 352 -8.57 13.25 -11.73
CA ALA B 352 -8.78 12.92 -10.29
C ALA B 352 -8.20 11.59 -9.92
N TYR B 353 -8.31 10.60 -10.82
CA TYR B 353 -7.67 9.29 -10.67
C TYR B 353 -6.16 9.40 -10.48
N VAL B 354 -5.48 10.15 -11.35
CA VAL B 354 -4.03 10.36 -11.21
C VAL B 354 -3.67 11.02 -9.87
N VAL B 355 -4.41 12.05 -9.49
CA VAL B 355 -4.07 12.79 -8.27
C VAL B 355 -4.28 11.96 -7.00
N LEU B 356 -5.48 11.41 -6.82
CA LEU B 356 -5.79 10.58 -5.68
C LEU B 356 -4.92 9.31 -5.58
N ASN B 357 -4.58 8.67 -6.71
CA ASN B 357 -3.61 7.55 -6.66
C ASN B 357 -2.22 8.01 -6.18
N ALA B 358 -1.75 9.19 -6.66
CA ALA B 358 -0.39 9.69 -6.29
C ALA B 358 -0.24 10.03 -4.80
N ILE B 359 -1.32 10.40 -4.12
CA ILE B 359 -1.34 10.61 -2.64
C ILE B 359 -1.79 9.28 -2.04
N LYS B 360 -0.98 8.27 -2.22
CA LYS B 360 -1.25 6.88 -1.80
C LYS B 360 -2.73 6.49 -1.63
N PRO C 5 -17.61 -30.24 -45.07
CA PRO C 5 -16.49 -29.34 -45.31
C PRO C 5 -15.66 -29.17 -44.06
N LYS C 6 -14.50 -28.53 -44.20
CA LYS C 6 -13.54 -28.46 -43.11
C LYS C 6 -13.96 -27.47 -42.01
N ASP C 7 -14.71 -26.42 -42.33
CA ASP C 7 -15.09 -25.41 -41.30
C ASP C 7 -15.88 -25.94 -40.11
N GLN C 8 -16.81 -26.86 -40.33
CA GLN C 8 -17.56 -27.45 -39.22
C GLN C 8 -16.67 -28.34 -38.33
N GLU C 9 -15.57 -28.87 -38.91
CA GLU C 9 -14.58 -29.74 -38.23
C GLU C 9 -13.60 -28.93 -37.32
N ILE C 10 -13.07 -27.86 -37.89
CA ILE C 10 -12.22 -26.91 -37.16
C ILE C 10 -12.99 -26.35 -35.95
N LYS C 11 -14.25 -25.95 -36.19
CA LYS C 11 -15.13 -25.42 -35.14
C LYS C 11 -15.23 -26.40 -33.97
N LYS C 12 -15.46 -27.69 -34.27
CA LYS C 12 -15.60 -28.71 -33.23
C LYS C 12 -14.30 -28.90 -32.47
N LEU C 13 -13.18 -28.74 -33.17
CA LEU C 13 -11.86 -28.86 -32.48
C LEU C 13 -11.65 -27.64 -31.57
N VAL C 14 -11.90 -26.46 -32.12
CA VAL C 14 -11.74 -25.22 -31.36
C VAL C 14 -12.72 -25.20 -30.19
N ASP C 15 -13.96 -25.61 -30.44
CA ASP C 15 -14.92 -25.77 -29.36
C ASP C 15 -14.47 -26.73 -28.30
N GLN C 16 -13.88 -27.88 -28.69
CA GLN C 16 -13.46 -28.89 -27.70
C GLN C 16 -12.21 -28.43 -26.84
N ASN C 17 -11.32 -27.62 -27.40
CA ASN C 17 -10.02 -27.30 -26.77
C ASN C 17 -9.85 -25.85 -26.24
N PHE C 18 -10.54 -24.87 -26.81
CA PHE C 18 -10.44 -23.43 -26.41
C PHE C 18 -11.65 -22.97 -25.59
N LYS C 19 -12.85 -23.33 -26.04
CA LYS C 19 -14.06 -22.88 -25.36
C LYS C 19 -14.12 -23.16 -23.85
N PRO C 20 -13.66 -24.33 -23.35
CA PRO C 20 -13.76 -24.54 -21.91
C PRO C 20 -12.89 -23.60 -21.08
N LEU C 21 -11.89 -22.99 -21.73
CA LEU C 21 -10.98 -22.04 -21.09
C LEU C 21 -11.70 -20.78 -20.60
N LEU C 22 -12.85 -20.45 -21.21
CA LEU C 22 -13.64 -19.30 -20.79
C LEU C 22 -14.30 -19.52 -19.43
N GLU C 23 -14.92 -20.68 -19.18
CA GLU C 23 -15.56 -20.92 -17.87
C GLU C 23 -14.51 -21.19 -16.85
N LYS C 24 -13.49 -21.93 -17.26
CA LYS C 24 -12.34 -22.24 -16.42
C LYS C 24 -11.64 -20.99 -15.89
N TYR C 25 -11.38 -20.02 -16.76
CA TYR C 25 -10.65 -18.81 -16.33
C TYR C 25 -11.54 -17.56 -16.17
N ASP C 26 -12.84 -17.71 -16.37
CA ASP C 26 -13.82 -16.63 -16.19
C ASP C 26 -13.49 -15.47 -17.17
N VAL C 27 -13.26 -15.87 -18.41
CA VAL C 27 -12.82 -14.97 -19.44
C VAL C 27 -14.05 -14.50 -20.17
N PRO C 28 -14.23 -13.17 -20.28
CA PRO C 28 -15.43 -12.74 -20.97
C PRO C 28 -15.51 -13.01 -22.47
N GLY C 29 -14.44 -12.84 -23.22
CA GLY C 29 -14.54 -13.02 -24.66
C GLY C 29 -13.26 -13.56 -25.29
N MET C 30 -13.36 -14.11 -26.51
CA MET C 30 -12.22 -14.78 -27.19
C MET C 30 -12.48 -14.94 -28.66
N ALA C 31 -11.45 -14.71 -29.47
CA ALA C 31 -11.49 -14.98 -30.92
C ALA C 31 -10.35 -15.99 -31.23
N VAL C 32 -10.69 -17.10 -31.84
CA VAL C 32 -9.71 -18.11 -32.27
C VAL C 32 -9.78 -18.20 -33.79
N GLY C 33 -8.62 -18.03 -34.42
CA GLY C 33 -8.49 -18.14 -35.86
C GLY C 33 -7.54 -19.26 -36.30
N VAL C 34 -7.86 -19.93 -37.40
CA VAL C 34 -6.97 -20.91 -38.05
C VAL C 34 -6.87 -20.49 -39.46
N ILE C 35 -5.66 -20.52 -39.99
CA ILE C 35 -5.41 -20.40 -41.40
C ILE C 35 -4.76 -21.73 -41.88
N GLN C 36 -5.19 -22.21 -43.05
CA GLN C 36 -4.69 -23.47 -43.67
C GLN C 36 -4.80 -23.38 -45.19
N ASN C 37 -3.66 -23.44 -45.87
CA ASN C 37 -3.58 -23.37 -47.36
C ASN C 37 -4.41 -22.23 -47.96
N ASN C 38 -4.33 -21.03 -47.37
CA ASN C 38 -5.10 -19.82 -47.79
C ASN C 38 -6.62 -19.76 -47.45
N LYS C 39 -7.18 -20.77 -46.77
CA LYS C 39 -8.59 -20.75 -46.26
C LYS C 39 -8.64 -20.39 -44.74
N LYS C 40 -9.39 -19.33 -44.38
CA LYS C 40 -9.40 -18.79 -43.01
C LYS C 40 -10.64 -19.15 -42.22
N TYR C 41 -10.47 -19.58 -40.98
CA TYR C 41 -11.56 -20.03 -40.14
C TYR C 41 -11.57 -19.20 -38.87
N GLU C 42 -12.63 -18.43 -38.68
CA GLU C 42 -12.74 -17.50 -37.58
C GLU C 42 -13.80 -18.02 -36.60
N MET C 43 -13.43 -18.19 -35.34
CA MET C 43 -14.38 -18.53 -34.28
C MET C 43 -14.39 -17.49 -33.14
N TYR C 44 -15.60 -17.04 -32.76
CA TYR C 44 -15.80 -15.94 -31.83
C TYR C 44 -16.66 -16.39 -30.65
N TYR C 45 -16.22 -16.13 -29.40
CA TYR C 45 -16.99 -16.50 -28.21
C TYR C 45 -17.20 -15.31 -27.30
N GLY C 46 -18.38 -15.21 -26.70
CA GLY C 46 -18.58 -14.36 -25.58
C GLY C 46 -18.54 -12.88 -26.01
N LEU C 47 -18.06 -12.06 -25.11
CA LEU C 47 -18.37 -10.62 -25.09
C LEU C 47 -17.06 -9.85 -25.22
N GLN C 48 -17.06 -8.86 -26.11
CA GLN C 48 -16.02 -7.84 -26.26
C GLN C 48 -16.09 -6.76 -25.15
N SER C 49 -17.28 -6.52 -24.61
CA SER C 49 -17.52 -5.57 -23.51
C SER C 49 -18.72 -6.07 -22.76
N VAL C 50 -18.55 -6.48 -21.52
CA VAL C 50 -19.67 -6.89 -20.76
C VAL C 50 -20.69 -5.74 -20.58
N GLN C 51 -20.24 -4.53 -20.24
CA GLN C 51 -21.13 -3.35 -19.90
C GLN C 51 -21.94 -2.92 -21.13
N ASP C 52 -21.29 -2.88 -22.29
CA ASP C 52 -21.95 -2.51 -23.54
C ASP C 52 -22.69 -3.68 -24.23
N LYS C 53 -22.75 -4.87 -23.63
CA LYS C 53 -23.48 -6.00 -24.18
C LYS C 53 -23.07 -6.27 -25.65
N LYS C 54 -21.76 -6.19 -25.92
CA LYS C 54 -21.22 -6.35 -27.26
C LYS C 54 -20.51 -7.72 -27.36
N ALA C 55 -20.98 -8.53 -28.30
CA ALA C 55 -20.36 -9.81 -28.67
C ALA C 55 -19.06 -9.64 -29.46
N VAL C 56 -18.10 -10.49 -29.14
CA VAL C 56 -16.90 -10.56 -29.93
C VAL C 56 -17.26 -11.05 -31.31
N ASN C 57 -16.69 -10.40 -32.31
CA ASN C 57 -16.97 -10.58 -33.71
C ASN C 57 -15.73 -10.18 -34.46
N SER C 58 -15.80 -10.23 -35.78
CA SER C 58 -14.67 -9.90 -36.66
C SER C 58 -14.16 -8.48 -36.68
N ASN C 59 -14.93 -7.51 -36.15
CA ASN C 59 -14.40 -6.16 -36.00
C ASN C 59 -13.73 -5.93 -34.63
N THR C 60 -13.81 -6.89 -33.72
CA THR C 60 -13.37 -6.66 -32.33
C THR C 60 -11.87 -6.45 -32.32
N ILE C 61 -11.44 -5.37 -31.70
CA ILE C 61 -10.00 -4.99 -31.60
C ILE C 61 -9.50 -5.38 -30.20
N PHE C 62 -8.39 -6.13 -30.21
CA PHE C 62 -7.76 -6.71 -29.00
C PHE C 62 -6.35 -6.15 -28.86
N GLU C 63 -5.90 -5.94 -27.63
CA GLU C 63 -4.49 -5.62 -27.33
C GLU C 63 -3.59 -6.83 -27.52
N LEU C 64 -2.54 -6.67 -28.33
CA LEU C 64 -1.68 -7.81 -28.66
C LEU C 64 -0.61 -8.07 -27.59
N GLY C 65 -0.31 -7.04 -26.79
CA GLY C 65 0.78 -7.15 -25.81
C GLY C 65 2.08 -7.40 -26.55
N SER C 66 2.85 -8.40 -26.10
CA SER C 66 4.15 -8.70 -26.69
C SER C 66 4.10 -9.20 -28.13
N VAL C 67 2.95 -9.64 -28.61
CA VAL C 67 2.90 -9.98 -30.04
C VAL C 67 3.15 -8.73 -30.93
N SER C 68 2.95 -7.53 -30.34
CA SER C 68 3.37 -6.26 -30.95
C SER C 68 4.82 -6.29 -31.35
N LYS C 69 5.65 -7.01 -30.59
CA LYS C 69 7.09 -7.04 -30.89
C LYS C 69 7.33 -7.60 -32.30
N LEU C 70 6.39 -8.42 -32.79
CA LEU C 70 6.50 -9.02 -34.12
C LEU C 70 6.37 -7.96 -35.23
N PHE C 71 5.58 -6.90 -34.96
CA PHE C 71 5.43 -5.79 -35.88
C PHE C 71 6.62 -4.89 -35.81
N THR C 72 7.18 -4.69 -34.60
CA THR C 72 8.41 -3.92 -34.43
C THR C 72 9.58 -4.61 -35.15
N ALA C 73 9.64 -5.93 -35.02
CA ALA C 73 10.61 -6.73 -35.79
C ALA C 73 10.47 -6.56 -37.30
N THR C 74 9.25 -6.77 -37.80
CA THR C 74 8.94 -6.55 -39.22
C THR C 74 9.37 -5.15 -39.69
N ALA C 75 9.14 -4.12 -38.87
CA ALA C 75 9.51 -2.74 -39.26
C ALA C 75 11.03 -2.56 -39.29
N GLY C 76 11.73 -3.17 -38.33
CA GLY C 76 13.21 -3.23 -38.37
C GLY C 76 13.68 -3.99 -39.60
N GLY C 77 12.98 -5.06 -39.93
CA GLY C 77 13.19 -5.82 -41.15
C GLY C 77 13.08 -5.00 -42.42
N TYR C 78 11.98 -4.25 -42.53
CA TYR C 78 11.74 -3.34 -43.66
C TYR C 78 12.83 -2.24 -43.76
N ALA C 79 13.18 -1.59 -42.66
CA ALA C 79 14.18 -0.47 -42.68
C ALA C 79 15.65 -0.91 -42.97
N LYS C 80 16.03 -2.07 -42.43
CA LYS C 80 17.30 -2.73 -42.75
C LYS C 80 17.39 -3.01 -44.26
N ASN C 81 16.40 -3.69 -44.82
CA ASN C 81 16.47 -4.14 -46.21
C ASN C 81 16.32 -3.00 -47.24
N LYS C 82 15.83 -1.86 -46.82
CA LYS C 82 15.90 -0.62 -47.61
C LYS C 82 17.11 0.25 -47.22
N GLY C 83 17.92 -0.21 -46.28
CA GLY C 83 19.20 0.44 -45.99
C GLY C 83 19.09 1.66 -45.12
N LYS C 84 17.96 1.86 -44.44
CA LYS C 84 17.80 2.99 -43.50
C LYS C 84 18.65 2.73 -42.26
N ILE C 85 18.80 1.42 -41.92
CA ILE C 85 19.61 0.96 -40.80
C ILE C 85 20.46 -0.21 -41.21
N SER C 86 21.54 -0.41 -40.45
CA SER C 86 22.28 -1.68 -40.45
C SER C 86 22.17 -2.31 -39.04
N PHE C 87 22.02 -3.63 -38.97
CA PHE C 87 22.00 -4.33 -37.70
C PHE C 87 23.29 -4.23 -36.92
N ASP C 88 24.40 -3.84 -37.54
CA ASP C 88 25.63 -3.57 -36.80
C ASP C 88 25.69 -2.17 -36.21
N ASP C 89 24.82 -1.25 -36.66
CA ASP C 89 24.83 0.13 -36.14
C ASP C 89 24.52 0.14 -34.66
N THR C 90 24.91 1.21 -34.01
CA THR C 90 24.58 1.43 -32.62
C THR C 90 23.49 2.55 -32.53
N PRO C 91 22.81 2.66 -31.37
CA PRO C 91 21.70 3.63 -31.32
C PRO C 91 22.08 5.12 -31.51
N GLY C 92 23.28 5.51 -31.10
CA GLY C 92 23.73 6.91 -31.21
C GLY C 92 23.85 7.46 -32.63
N LYS C 93 23.97 6.57 -33.61
CA LYS C 93 23.94 6.98 -35.02
C LYS C 93 22.60 7.61 -35.44
N TYR C 94 21.55 7.23 -34.73
CA TYR C 94 20.21 7.68 -35.02
C TYR C 94 19.68 8.64 -33.96
N TRP C 95 19.88 8.33 -32.68
CA TRP C 95 19.47 9.24 -31.62
C TRP C 95 20.75 9.97 -31.17
N LYS C 96 20.98 11.17 -31.74
CA LYS C 96 22.23 11.92 -31.57
C LYS C 96 22.63 12.01 -30.09
N GLU C 97 21.65 12.21 -29.22
CA GLU C 97 21.95 12.41 -27.79
C GLU C 97 22.50 11.15 -27.04
N LEU C 98 22.46 9.99 -27.70
CA LEU C 98 23.08 8.76 -27.18
C LEU C 98 24.44 8.50 -27.81
N LYS C 99 24.92 9.41 -28.67
CA LYS C 99 26.23 9.23 -29.31
C LYS C 99 27.32 9.21 -28.23
N ASN C 100 28.22 8.22 -28.36
CA ASN C 100 29.34 8.06 -27.42
C ASN C 100 28.97 7.88 -25.96
N THR C 101 27.78 7.36 -25.68
CA THR C 101 27.41 6.94 -24.32
C THR C 101 27.68 5.43 -24.27
N PRO C 102 27.70 4.84 -23.07
CA PRO C 102 27.91 3.39 -22.95
C PRO C 102 26.93 2.57 -23.77
N ILE C 103 25.67 2.99 -23.79
CA ILE C 103 24.63 2.28 -24.52
C ILE C 103 24.95 2.30 -26.03
N ASP C 104 25.75 3.27 -26.46
CA ASP C 104 26.17 3.36 -27.85
C ASP C 104 27.19 2.31 -28.31
N GLN C 105 27.58 1.37 -27.42
CA GLN C 105 28.45 0.25 -27.80
C GLN C 105 27.61 -1.03 -28.00
N VAL C 106 26.28 -0.94 -27.79
CA VAL C 106 25.39 -2.07 -28.06
C VAL C 106 24.84 -1.87 -29.47
N ASN C 107 24.82 -2.93 -30.28
CA ASN C 107 24.31 -2.79 -31.64
C ASN C 107 22.80 -3.03 -31.71
N LEU C 108 22.22 -2.64 -32.85
CA LEU C 108 20.75 -2.70 -33.04
C LEU C 108 20.23 -4.14 -32.93
N LEU C 109 20.93 -5.09 -33.50
CA LEU C 109 20.50 -6.50 -33.39
C LEU C 109 20.42 -6.99 -31.97
N GLN C 110 21.43 -6.60 -31.23
CA GLN C 110 21.52 -6.90 -29.82
C GLN C 110 20.35 -6.29 -29.03
N LEU C 111 19.96 -5.07 -29.39
CA LEU C 111 18.79 -4.42 -28.77
C LEU C 111 17.55 -5.22 -29.11
N ALA C 112 17.39 -5.57 -30.40
CA ALA C 112 16.23 -6.31 -30.90
C ALA C 112 16.06 -7.66 -30.26
N THR C 113 17.18 -8.31 -29.94
CA THR C 113 17.19 -9.71 -29.46
C THR C 113 17.61 -9.87 -28.00
N TYR C 114 17.54 -8.74 -27.27
CA TYR C 114 17.56 -8.75 -25.81
C TYR C 114 18.94 -9.06 -25.08
N THR C 115 20.06 -8.78 -25.72
CA THR C 115 21.42 -9.13 -25.24
C THR C 115 22.37 -7.98 -24.92
N SER C 116 21.84 -6.80 -24.60
CA SER C 116 22.66 -5.68 -24.16
C SER C 116 23.47 -6.00 -22.85
N GLY C 117 23.02 -6.98 -22.09
CA GLY C 117 23.61 -7.39 -20.86
C GLY C 117 23.19 -6.66 -19.62
N ASN C 118 22.32 -5.63 -19.74
CA ASN C 118 21.81 -4.88 -18.59
C ASN C 118 20.47 -4.12 -18.85
N LEU C 119 19.47 -4.84 -19.33
CA LEU C 119 18.11 -4.35 -19.50
C LEU C 119 17.13 -5.43 -19.05
N ALA C 120 16.26 -5.04 -18.15
CA ALA C 120 15.30 -5.93 -17.51
C ALA C 120 14.03 -5.96 -18.32
N LEU C 121 13.07 -6.76 -17.84
CA LEU C 121 11.78 -6.90 -18.50
C LEU C 121 11.13 -5.50 -18.70
N GLN C 122 11.06 -4.71 -17.62
CA GLN C 122 10.43 -3.37 -17.62
C GLN C 122 11.46 -2.28 -17.37
N PHE C 123 11.14 -1.07 -17.80
CA PHE C 123 11.85 0.12 -17.31
C PHE C 123 11.61 0.20 -15.79
N PRO C 124 12.48 0.93 -15.09
CA PRO C 124 12.11 1.20 -13.69
C PRO C 124 10.90 2.15 -13.61
N ASP C 125 10.16 2.07 -12.51
CA ASP C 125 8.88 2.81 -12.35
C ASP C 125 8.96 4.35 -12.51
N GLU C 126 10.13 4.91 -12.22
CA GLU C 126 10.35 6.35 -12.28
C GLU C 126 10.62 6.81 -13.69
N VAL C 127 10.79 5.88 -14.63
CA VAL C 127 10.93 6.26 -16.04
C VAL C 127 9.52 6.29 -16.68
N GLN C 128 9.01 7.49 -16.99
CA GLN C 128 7.69 7.63 -17.58
C GLN C 128 7.70 8.50 -18.83
N THR C 129 8.27 9.71 -18.78
CA THR C 129 8.30 10.63 -19.94
C THR C 129 9.42 10.34 -20.91
N ASP C 130 9.40 11.03 -22.04
CA ASP C 130 10.42 10.82 -23.06
C ASP C 130 11.78 11.34 -22.61
N GLN C 131 11.76 12.53 -21.99
CA GLN C 131 12.93 13.10 -21.27
C GLN C 131 13.60 12.07 -20.32
N GLN C 132 12.81 11.49 -19.43
CA GLN C 132 13.29 10.47 -18.48
C GLN C 132 13.81 9.17 -19.13
N VAL C 133 13.18 8.77 -20.25
CA VAL C 133 13.64 7.64 -21.09
C VAL C 133 15.05 7.91 -21.65
N LEU C 134 15.22 9.09 -22.24
CA LEU C 134 16.51 9.50 -22.72
C LEU C 134 17.56 9.57 -21.60
N THR C 135 17.20 10.16 -20.48
CA THR C 135 18.01 10.16 -19.26
C THR C 135 18.39 8.75 -18.77
N PHE C 136 17.41 7.85 -18.67
CA PHE C 136 17.73 6.44 -18.35
C PHE C 136 18.81 5.84 -19.29
N PHE C 137 18.63 5.98 -20.59
CA PHE C 137 19.63 5.49 -21.57
C PHE C 137 20.96 6.27 -21.62
N LYS C 138 21.00 7.55 -21.21
CA LYS C 138 22.29 8.29 -21.09
C LYS C 138 23.11 7.77 -19.94
N ASP C 139 22.40 7.50 -18.83
CA ASP C 139 22.97 7.00 -17.58
C ASP C 139 23.21 5.50 -17.52
N TRP C 140 22.76 4.75 -18.53
CA TRP C 140 22.93 3.29 -18.63
C TRP C 140 24.43 2.98 -18.65
N LYS C 141 24.79 1.87 -18.00
CA LYS C 141 26.15 1.30 -18.10
C LYS C 141 26.04 -0.21 -18.18
N PRO C 142 27.01 -0.86 -18.86
CA PRO C 142 27.00 -2.31 -19.01
C PRO C 142 27.20 -3.10 -17.72
N LYS C 143 26.75 -4.34 -17.77
CA LYS C 143 26.95 -5.30 -16.67
C LYS C 143 27.51 -6.55 -17.33
N ASN C 144 26.65 -7.40 -17.88
CA ASN C 144 27.07 -8.65 -18.49
C ASN C 144 27.74 -8.37 -19.84
N PRO C 145 28.69 -9.24 -20.24
CA PRO C 145 29.37 -9.00 -21.53
C PRO C 145 28.32 -8.87 -22.64
N ILE C 146 28.47 -7.81 -23.44
CA ILE C 146 27.46 -7.45 -24.44
C ILE C 146 27.38 -8.47 -25.59
N GLY C 147 26.17 -8.95 -25.86
CA GLY C 147 25.93 -9.99 -26.89
C GLY C 147 25.86 -11.39 -26.34
N GLU C 148 26.27 -11.62 -25.08
CA GLU C 148 26.41 -12.98 -24.52
C GLU C 148 25.20 -13.51 -23.78
N TYR C 149 24.41 -12.61 -23.18
CA TYR C 149 23.25 -12.98 -22.35
C TYR C 149 21.90 -12.44 -22.81
N ARG C 150 20.94 -13.34 -23.06
CA ARG C 150 19.55 -12.94 -23.37
C ARG C 150 18.77 -12.62 -22.09
N GLN C 151 18.32 -11.37 -21.94
CA GLN C 151 17.26 -11.13 -20.95
C GLN C 151 16.06 -10.46 -21.60
N TYR C 152 14.89 -11.13 -21.56
CA TYR C 152 13.73 -10.68 -22.31
C TYR C 152 13.45 -9.24 -21.79
N SER C 153 13.36 -8.27 -22.71
CA SER C 153 13.31 -6.87 -22.28
C SER C 153 12.47 -5.91 -23.14
N ASN C 154 11.41 -5.35 -22.56
CA ASN C 154 10.64 -4.29 -23.22
C ASN C 154 11.43 -3.05 -23.58
N PRO C 155 12.29 -2.51 -22.66
CA PRO C 155 13.11 -1.35 -23.01
C PRO C 155 14.11 -1.62 -24.07
N SER C 156 14.63 -2.84 -24.11
CA SER C 156 15.60 -3.18 -25.15
C SER C 156 15.02 -3.09 -26.56
N ILE C 157 13.92 -3.79 -26.79
CA ILE C 157 13.30 -3.75 -28.11
C ILE C 157 12.57 -2.42 -28.31
N GLY C 158 12.05 -1.83 -27.22
CA GLY C 158 11.62 -0.39 -27.24
C GLY C 158 12.63 0.58 -27.88
N LEU C 159 13.88 0.60 -27.38
CA LEU C 159 14.94 1.41 -28.00
C LEU C 159 15.16 1.02 -29.43
N PHE C 160 15.18 -0.28 -29.71
CA PHE C 160 15.32 -0.71 -31.12
C PHE C 160 14.23 -0.06 -31.97
N GLY C 161 12.98 -0.20 -31.53
CA GLY C 161 11.89 0.42 -32.23
C GLY C 161 12.02 1.93 -32.39
N LYS C 162 12.44 2.61 -31.34
CA LYS C 162 12.60 4.07 -31.41
C LYS C 162 13.58 4.42 -32.50
N VAL C 163 14.61 3.59 -32.65
CA VAL C 163 15.68 3.81 -33.64
C VAL C 163 15.20 3.55 -35.06
N VAL C 164 14.42 2.48 -35.25
CA VAL C 164 13.86 2.17 -36.55
C VAL C 164 13.03 3.39 -37.01
N ALA C 165 12.22 3.93 -36.08
CA ALA C 165 11.47 5.20 -36.29
C ALA C 165 12.33 6.44 -36.66
N LEU C 166 13.41 6.74 -35.95
CA LEU C 166 14.27 7.87 -36.34
C LEU C 166 14.91 7.64 -37.71
N SER C 167 15.29 6.40 -38.00
CA SER C 167 15.89 6.08 -39.31
C SER C 167 14.93 6.33 -40.46
N MET C 168 13.64 6.17 -40.22
CA MET C 168 12.65 6.49 -41.24
C MET C 168 11.99 7.89 -41.09
N ASN C 169 12.52 8.76 -40.22
CA ASN C 169 11.93 10.11 -39.96
C ASN C 169 10.49 10.22 -39.44
N LYS C 170 9.78 9.10 -39.32
CA LYS C 170 8.39 9.05 -38.86
C LYS C 170 8.43 8.72 -37.37
N PRO C 171 7.59 9.36 -36.51
CA PRO C 171 7.45 8.76 -35.17
C PRO C 171 7.01 7.29 -35.29
N PHE C 172 7.40 6.46 -34.33
CA PHE C 172 7.10 5.02 -34.40
C PHE C 172 5.65 4.68 -34.81
N ASP C 173 4.68 5.40 -34.22
CA ASP C 173 3.25 5.12 -34.44
C ASP C 173 2.89 5.26 -35.91
N GLN C 174 3.52 6.24 -36.55
CA GLN C 174 3.34 6.50 -37.97
C GLN C 174 4.09 5.51 -38.85
N VAL C 175 5.22 5.00 -38.37
CA VAL C 175 5.91 3.90 -39.09
C VAL C 175 4.97 2.71 -39.26
N LEU C 176 4.29 2.31 -38.18
CA LEU C 176 3.36 1.20 -38.30
C LEU C 176 2.08 1.61 -39.06
N GLU C 177 1.44 2.71 -38.65
CA GLU C 177 0.09 3.03 -39.19
C GLU C 177 0.11 3.50 -40.64
N LYS C 178 1.23 4.08 -41.08
CA LYS C 178 1.38 4.66 -42.41
C LYS C 178 2.12 3.76 -43.39
N THR C 179 3.03 2.90 -42.93
CA THR C 179 3.83 2.09 -43.87
C THR C 179 3.62 0.59 -43.73
N ILE C 180 3.89 0.07 -42.52
CA ILE C 180 3.96 -1.39 -42.31
C ILE C 180 2.59 -2.03 -42.37
N PHE C 181 1.62 -1.49 -41.61
CA PHE C 181 0.27 -2.08 -41.70
C PHE C 181 -0.29 -2.01 -43.15
N PRO C 182 -0.16 -0.83 -43.83
CA PRO C 182 -0.54 -0.76 -45.27
C PRO C 182 0.14 -1.77 -46.18
N ALA C 183 1.46 -1.93 -46.05
CA ALA C 183 2.21 -2.91 -46.86
C ALA C 183 1.71 -4.34 -46.63
N LEU C 184 1.25 -4.64 -45.42
CA LEU C 184 0.72 -5.98 -45.14
C LEU C 184 -0.78 -6.14 -45.47
N GLY C 185 -1.44 -5.05 -45.89
CA GLY C 185 -2.88 -5.04 -46.15
C GLY C 185 -3.74 -5.19 -44.91
N LEU C 186 -3.31 -4.55 -43.81
CA LEU C 186 -4.03 -4.58 -42.54
C LEU C 186 -4.67 -3.21 -42.40
N LYS C 187 -5.99 -3.18 -42.33
CA LYS C 187 -6.74 -1.91 -42.23
C LYS C 187 -7.48 -1.75 -40.89
N HIS C 188 -7.32 -2.70 -39.95
CA HIS C 188 -7.92 -2.57 -38.64
C HIS C 188 -6.90 -2.89 -37.52
N SER C 189 -5.66 -2.42 -37.73
CA SER C 189 -4.56 -2.57 -36.77
C SER C 189 -4.00 -1.18 -36.43
N TYR C 190 -3.76 -0.94 -35.14
CA TYR C 190 -3.46 0.40 -34.62
C TYR C 190 -2.39 0.41 -33.54
N VAL C 191 -1.56 1.44 -33.52
CA VAL C 191 -0.89 1.84 -32.27
C VAL C 191 -1.87 2.68 -31.45
N ASN C 192 -2.53 3.64 -32.11
CA ASN C 192 -3.53 4.50 -31.44
C ASN C 192 -4.86 4.20 -32.09
N VAL C 193 -5.82 3.64 -31.35
CA VAL C 193 -7.16 3.33 -31.90
C VAL C 193 -7.90 4.66 -32.13
N PRO C 194 -8.34 4.93 -33.39
CA PRO C 194 -9.02 6.23 -33.66
C PRO C 194 -10.41 6.31 -33.06
N LYS C 195 -10.88 7.54 -32.82
CA LYS C 195 -12.25 7.82 -32.29
C LYS C 195 -13.33 6.91 -32.92
N THR C 196 -13.24 6.75 -34.23
CA THR C 196 -14.21 6.00 -35.03
C THR C 196 -14.13 4.49 -34.87
N GLN C 197 -13.07 3.98 -34.26
CA GLN C 197 -12.96 2.57 -33.98
C GLN C 197 -13.06 2.22 -32.51
N MET C 198 -13.23 3.23 -31.66
CA MET C 198 -13.41 2.98 -30.24
C MET C 198 -14.53 2.02 -29.93
N GLN C 199 -15.61 2.06 -30.70
CA GLN C 199 -16.74 1.15 -30.48
C GLN C 199 -16.37 -0.34 -30.71
N ASN C 200 -15.30 -0.58 -31.47
CA ASN C 200 -14.79 -1.94 -31.76
C ASN C 200 -13.67 -2.39 -30.79
N TYR C 201 -13.18 -1.48 -29.95
CA TYR C 201 -12.02 -1.75 -29.07
C TYR C 201 -12.55 -2.42 -27.81
N ALA C 202 -12.14 -3.68 -27.60
CA ALA C 202 -12.64 -4.47 -26.53
C ALA C 202 -12.13 -3.91 -25.25
N PHE C 203 -12.83 -4.18 -24.17
CA PHE C 203 -12.24 -3.97 -22.83
C PHE C 203 -11.54 -5.22 -22.51
N GLY C 204 -10.40 -5.10 -21.85
CA GLY C 204 -9.82 -6.20 -21.06
C GLY C 204 -10.42 -6.27 -19.69
N TYR C 205 -10.22 -7.40 -19.03
CA TYR C 205 -10.80 -7.70 -17.67
C TYR C 205 -9.66 -8.22 -16.81
N ASN C 206 -9.46 -7.66 -15.60
CA ASN C 206 -8.47 -8.15 -14.62
C ASN C 206 -9.01 -9.36 -13.84
N GLN C 207 -8.32 -9.83 -12.79
CA GLN C 207 -8.74 -11.07 -12.06
C GLN C 207 -10.04 -10.87 -11.33
N GLU C 208 -10.43 -9.61 -11.07
CA GLU C 208 -11.71 -9.30 -10.38
C GLU C 208 -12.84 -8.97 -11.34
N ASN C 209 -12.65 -9.30 -12.62
CA ASN C 209 -13.45 -8.89 -13.80
C ASN C 209 -13.94 -7.43 -13.82
N GLN C 210 -13.02 -6.53 -13.58
CA GLN C 210 -13.20 -5.12 -13.82
C GLN C 210 -12.59 -4.81 -15.14
N PRO C 211 -13.26 -3.92 -15.93
CA PRO C 211 -12.68 -3.48 -17.19
C PRO C 211 -11.34 -2.76 -17.01
N ILE C 212 -10.46 -2.99 -17.95
CA ILE C 212 -9.15 -2.48 -17.92
C ILE C 212 -8.62 -2.38 -19.36
N ARG C 213 -7.72 -1.47 -19.60
CA ARG C 213 -7.01 -1.37 -20.86
C ARG C 213 -5.60 -0.93 -20.53
N VAL C 214 -4.68 -1.09 -21.49
CA VAL C 214 -3.28 -0.82 -21.28
C VAL C 214 -3.05 0.69 -21.07
N ASN C 215 -2.25 1.03 -20.06
CA ASN C 215 -1.86 2.41 -19.74
C ASN C 215 -0.75 2.87 -20.67
N PRO C 216 -0.66 4.20 -20.93
CA PRO C 216 0.55 4.62 -21.65
C PRO C 216 1.80 4.37 -20.79
N GLY C 217 2.92 4.16 -21.44
CA GLY C 217 4.16 3.87 -20.72
C GLY C 217 5.37 4.19 -21.58
N PRO C 218 6.57 4.23 -20.95
CA PRO C 218 7.75 4.62 -21.70
C PRO C 218 8.02 3.60 -22.79
N LEU C 219 8.26 4.10 -24.00
CA LEU C 219 8.42 3.30 -25.23
C LEU C 219 7.48 2.12 -25.35
N ASP C 220 6.20 2.34 -24.98
CA ASP C 220 5.19 1.28 -25.01
C ASP C 220 4.89 0.67 -26.40
N ALA C 221 4.75 1.51 -27.42
CA ALA C 221 4.28 1.11 -28.78
C ALA C 221 5.07 -0.08 -29.41
N PRO C 222 6.40 0.06 -29.50
CA PRO C 222 7.20 -1.06 -30.04
C PRO C 222 7.27 -2.31 -29.16
N ALA C 223 6.99 -2.18 -27.86
CA ALA C 223 7.17 -3.32 -26.97
C ALA C 223 5.87 -4.09 -26.77
N TYR C 224 4.74 -3.40 -26.67
CA TYR C 224 3.47 -4.06 -26.34
C TYR C 224 2.21 -3.31 -26.76
N GLY C 225 2.37 -2.38 -27.70
CA GLY C 225 1.39 -1.32 -27.85
C GLY C 225 0.42 -1.41 -29.00
N VAL C 226 0.44 -2.54 -29.72
CA VAL C 226 -0.42 -2.74 -30.89
C VAL C 226 -1.74 -3.39 -30.53
N LYS C 227 -2.80 -2.92 -31.18
CA LYS C 227 -4.12 -3.50 -31.08
C LYS C 227 -4.57 -3.96 -32.48
N SER C 228 -5.28 -5.08 -32.56
CA SER C 228 -5.70 -5.66 -33.85
C SER C 228 -6.95 -6.53 -33.78
N THR C 229 -7.48 -6.88 -34.93
CA THR C 229 -8.64 -7.79 -34.99
C THR C 229 -8.18 -9.17 -35.43
N LEU C 230 -9.05 -10.15 -35.26
CA LEU C 230 -8.75 -11.53 -35.68
C LEU C 230 -8.51 -11.62 -37.16
N PRO C 231 -9.31 -10.91 -38.02
CA PRO C 231 -8.96 -11.11 -39.43
C PRO C 231 -7.64 -10.49 -39.84
N ASP C 232 -7.33 -9.27 -39.42
CA ASP C 232 -5.99 -8.68 -39.64
C ASP C 232 -4.85 -9.58 -39.13
N MET C 233 -5.02 -10.25 -37.98
CA MET C 233 -3.98 -11.12 -37.43
C MET C 233 -3.81 -12.39 -38.26
N LEU C 234 -4.91 -12.91 -38.77
CA LEU C 234 -4.84 -14.06 -39.70
C LEU C 234 -4.18 -13.72 -41.04
N SER C 235 -4.43 -12.51 -41.54
CA SER C 235 -3.74 -11.94 -42.71
C SER C 235 -2.26 -11.81 -42.43
N PHE C 236 -1.89 -11.42 -41.22
CA PHE C 236 -0.48 -11.31 -40.80
C PHE C 236 0.17 -12.66 -40.77
N ILE C 237 -0.49 -13.68 -40.20
CA ILE C 237 0.02 -15.06 -40.28
C ILE C 237 0.11 -15.55 -41.74
N HIS C 238 -0.90 -15.25 -42.57
CA HIS C 238 -0.84 -15.57 -43.99
C HIS C 238 0.46 -15.01 -44.59
N ALA C 239 0.76 -13.74 -44.29
CA ALA C 239 1.93 -13.07 -44.86
C ALA C 239 3.27 -13.64 -44.37
N ASN C 240 3.29 -14.13 -43.14
CA ASN C 240 4.47 -14.87 -42.61
C ASN C 240 4.55 -16.23 -43.30
N LEU C 241 3.42 -16.90 -43.46
CA LEU C 241 3.38 -18.23 -44.15
C LEU C 241 3.73 -18.19 -45.65
N ASN C 242 3.41 -17.11 -46.35
CA ASN C 242 3.66 -16.96 -47.83
C ASN C 242 4.21 -15.56 -48.11
N PRO C 243 5.46 -15.29 -47.66
CA PRO C 243 6.05 -13.97 -47.92
C PRO C 243 6.28 -13.68 -49.40
N GLN C 244 6.53 -14.72 -50.21
CA GLN C 244 6.66 -14.56 -51.67
C GLN C 244 5.47 -13.80 -52.30
N LYS C 245 4.26 -14.05 -51.81
CA LYS C 245 3.08 -13.44 -52.40
C LYS C 245 2.95 -11.92 -52.09
N TYR C 246 3.92 -11.30 -51.41
CA TYR C 246 3.87 -9.86 -51.05
C TYR C 246 4.89 -9.10 -51.91
N PRO C 247 4.74 -7.75 -52.03
CA PRO C 247 5.77 -6.91 -52.73
C PRO C 247 7.13 -6.92 -52.06
N THR C 248 8.15 -6.49 -52.81
CA THR C 248 9.58 -6.64 -52.46
C THR C 248 9.98 -6.25 -51.02
N ASP C 249 9.80 -4.99 -50.63
CA ASP C 249 10.28 -4.49 -49.28
C ASP C 249 9.61 -5.18 -48.06
N ILE C 250 8.27 -5.35 -48.13
CA ILE C 250 7.47 -6.09 -47.12
C ILE C 250 7.79 -7.61 -47.07
N GLN C 251 8.05 -8.24 -48.22
CA GLN C 251 8.45 -9.66 -48.29
C GLN C 251 9.81 -9.92 -47.62
N ARG C 252 10.77 -9.07 -47.98
CA ARG C 252 12.07 -9.05 -47.30
C ARG C 252 11.93 -8.91 -45.76
N ALA C 253 11.22 -7.87 -45.35
CA ALA C 253 10.99 -7.63 -43.95
C ALA C 253 10.52 -8.90 -43.27
N ILE C 254 9.54 -9.58 -43.87
CA ILE C 254 8.98 -10.78 -43.28
C ILE C 254 10.06 -11.86 -43.10
N ASN C 255 10.79 -12.14 -44.17
CA ASN C 255 11.85 -13.17 -44.08
C ASN C 255 12.96 -12.78 -43.08
N GLU C 256 13.27 -11.49 -42.98
CA GLU C 256 14.19 -10.96 -41.96
C GLU C 256 13.86 -11.38 -40.50
N THR C 257 12.56 -11.44 -40.21
CA THR C 257 12.06 -11.94 -38.93
C THR C 257 12.13 -13.46 -38.71
N HIS C 258 12.34 -14.24 -39.77
CA HIS C 258 12.33 -15.72 -39.70
C HIS C 258 13.70 -16.39 -39.44
N GLN C 259 14.78 -15.63 -39.72
CA GLN C 259 16.16 -16.05 -39.48
C GLN C 259 16.47 -16.21 -38.00
N GLY C 260 16.79 -17.42 -37.56
CA GLY C 260 17.49 -17.59 -36.27
C GLY C 260 18.71 -16.66 -36.12
N ARG C 261 18.91 -16.09 -34.92
CA ARG C 261 20.06 -15.25 -34.60
C ARG C 261 21.01 -15.87 -33.55
N TYR C 262 20.47 -16.67 -32.63
CA TYR C 262 21.26 -17.42 -31.64
C TYR C 262 20.36 -18.48 -30.99
N GLN C 263 20.89 -19.24 -30.04
CA GLN C 263 20.17 -20.34 -29.51
C GLN C 263 20.17 -20.28 -28.04
N VAL C 264 19.06 -20.66 -27.44
CA VAL C 264 19.02 -20.94 -26.01
C VAL C 264 18.34 -22.27 -25.83
N ASN C 265 19.16 -23.31 -25.80
CA ASN C 265 18.71 -24.67 -25.66
C ASN C 265 17.86 -24.99 -26.89
N THR C 266 16.58 -25.34 -26.74
CA THR C 266 15.70 -25.73 -27.87
C THR C 266 14.97 -24.55 -28.55
N MET C 267 15.30 -23.34 -28.12
CA MET C 267 14.62 -22.16 -28.62
C MET C 267 15.61 -21.35 -29.39
N TYR C 268 15.25 -20.94 -30.59
CA TYR C 268 16.09 -20.10 -31.41
C TYR C 268 15.45 -18.71 -31.44
N GLN C 269 16.17 -17.67 -31.03
CA GLN C 269 15.63 -16.32 -31.04
C GLN C 269 15.74 -15.80 -32.45
N ALA C 270 14.60 -15.65 -33.13
CA ALA C 270 14.55 -14.85 -34.36
C ALA C 270 14.28 -13.39 -33.99
N LEU C 271 14.13 -12.54 -34.99
CA LEU C 271 13.74 -11.13 -34.77
C LEU C 271 12.23 -11.13 -34.39
N GLY C 272 11.94 -10.83 -33.12
CA GLY C 272 10.60 -10.97 -32.54
C GLY C 272 10.16 -12.38 -32.28
N TRP C 273 10.07 -13.20 -33.34
CA TRP C 273 9.53 -14.57 -33.27
C TRP C 273 10.47 -15.47 -32.53
N GLU C 274 9.93 -16.38 -31.73
CA GLU C 274 10.69 -17.54 -31.22
C GLU C 274 10.55 -18.64 -32.25
N GLU C 275 11.62 -19.43 -32.37
CA GLU C 275 11.76 -20.42 -33.48
C GLU C 275 12.19 -21.77 -32.89
N PHE C 276 11.71 -22.85 -33.49
CA PHE C 276 11.90 -24.21 -32.97
C PHE C 276 12.08 -25.15 -34.16
N SER C 277 12.80 -26.27 -33.97
CA SER C 277 12.85 -27.34 -34.99
C SER C 277 11.48 -27.94 -35.10
N TYR C 278 10.98 -28.05 -36.33
CA TYR C 278 9.69 -28.68 -36.56
C TYR C 278 10.02 -30.15 -36.97
N PRO C 279 9.46 -31.18 -36.33
CA PRO C 279 8.38 -31.09 -35.34
C PRO C 279 8.88 -30.72 -33.94
N ALA C 280 8.01 -30.04 -33.18
CA ALA C 280 8.33 -29.61 -31.82
C ALA C 280 7.44 -30.35 -30.85
N THR C 281 7.96 -30.88 -29.73
CA THR C 281 7.08 -31.42 -28.69
C THR C 281 6.29 -30.30 -27.99
N LEU C 282 5.20 -30.69 -27.34
CA LEU C 282 4.45 -29.75 -26.53
C LEU C 282 5.43 -29.22 -25.48
N GLN C 283 6.19 -30.11 -24.84
CA GLN C 283 7.05 -29.69 -23.74
C GLN C 283 8.11 -28.65 -24.15
N THR C 284 8.67 -28.78 -25.35
CA THR C 284 9.63 -27.78 -25.90
C THR C 284 8.91 -26.40 -26.03
N LEU C 285 7.68 -26.46 -26.51
CA LEU C 285 6.92 -25.24 -26.71
C LEU C 285 6.60 -24.62 -25.35
N LEU C 286 6.18 -25.43 -24.38
CA LEU C 286 5.95 -24.92 -23.04
C LEU C 286 7.22 -24.33 -22.39
N ASP C 287 8.36 -25.03 -22.52
CA ASP C 287 9.64 -24.60 -21.90
C ASP C 287 10.16 -23.24 -22.37
N SER C 288 9.86 -22.89 -23.61
CA SER C 288 10.27 -21.59 -24.22
C SER C 288 9.77 -20.37 -23.44
N ASN C 289 8.68 -20.53 -22.71
CA ASN C 289 8.09 -19.45 -21.89
C ASN C 289 8.06 -19.76 -20.37
N SER C 290 9.02 -20.59 -19.94
CA SER C 290 9.24 -20.84 -18.52
C SER C 290 9.78 -19.57 -17.85
N GLU C 291 9.61 -19.50 -16.52
CA GLU C 291 10.18 -18.44 -15.66
C GLU C 291 11.66 -18.24 -15.91
N GLN C 292 12.41 -19.34 -16.04
CA GLN C 292 13.86 -19.23 -16.31
C GLN C 292 14.11 -18.43 -17.59
N ILE C 293 13.37 -18.72 -18.67
CA ILE C 293 13.63 -18.05 -19.98
C ILE C 293 13.10 -16.59 -20.08
N VAL C 294 11.94 -16.35 -19.49
CA VAL C 294 11.25 -15.08 -19.69
C VAL C 294 11.83 -14.01 -18.76
N MET C 295 12.19 -14.42 -17.53
CA MET C 295 12.49 -13.51 -16.41
C MET C 295 13.97 -13.38 -16.06
N LYS C 296 14.79 -14.34 -16.44
CA LYS C 296 16.19 -14.40 -15.96
C LYS C 296 17.16 -14.37 -17.13
N PRO C 297 18.43 -13.92 -16.90
CA PRO C 297 19.39 -13.89 -18.01
C PRO C 297 19.81 -15.32 -18.37
N ASN C 298 20.08 -15.59 -19.65
CA ASN C 298 20.47 -16.95 -20.12
C ASN C 298 21.57 -16.76 -21.17
N LYS C 299 22.64 -17.54 -21.03
CA LYS C 299 23.80 -17.39 -21.93
C LYS C 299 23.40 -17.89 -23.32
N VAL C 300 23.84 -17.19 -24.34
CA VAL C 300 23.43 -17.51 -25.72
C VAL C 300 24.52 -18.30 -26.44
N THR C 301 24.09 -19.24 -27.30
CA THR C 301 24.98 -19.98 -28.17
C THR C 301 24.77 -19.47 -29.58
N ALA C 302 25.88 -19.12 -30.24
CA ALA C 302 25.84 -18.90 -31.67
C ALA C 302 25.30 -20.16 -32.39
N ILE C 303 24.76 -19.92 -33.57
CA ILE C 303 23.95 -20.87 -34.33
C ILE C 303 24.80 -22.06 -34.83
N SER C 304 24.41 -23.28 -34.43
CA SER C 304 25.06 -24.52 -34.89
C SER C 304 24.53 -24.91 -36.25
N GLU C 306 21.17 -23.64 -38.39
CA GLU C 306 19.72 -23.35 -38.32
C GLU C 306 18.93 -24.62 -38.66
N PRO C 307 17.87 -24.96 -37.90
CA PRO C 307 17.11 -26.17 -38.28
C PRO C 307 16.51 -26.05 -39.69
N SER C 308 16.36 -27.19 -40.34
CA SER C 308 15.91 -27.25 -41.74
C SER C 308 14.41 -27.00 -41.84
N VAL C 309 13.66 -27.63 -40.95
CA VAL C 309 12.23 -27.49 -40.87
C VAL C 309 11.94 -26.76 -39.52
N LYS C 310 11.28 -25.60 -39.62
CA LYS C 310 11.09 -24.66 -38.48
C LYS C 310 9.57 -24.42 -38.16
N MET C 311 9.26 -24.03 -36.91
CA MET C 311 7.95 -23.49 -36.58
C MET C 311 8.22 -22.32 -35.68
N TYR C 312 7.21 -21.51 -35.43
CA TYR C 312 7.42 -20.21 -34.79
C TYR C 312 6.24 -19.92 -33.89
N HIS C 313 6.48 -19.28 -32.74
CA HIS C 313 5.37 -18.74 -31.97
C HIS C 313 5.73 -17.42 -31.24
N LYS C 314 4.69 -16.76 -30.74
CA LYS C 314 4.86 -15.67 -29.77
C LYS C 314 3.60 -15.58 -28.86
N THR C 315 3.85 -15.39 -27.57
CA THR C 315 2.81 -15.06 -26.60
C THR C 315 2.75 -13.51 -26.42
N GLY C 316 1.63 -13.05 -25.91
CA GLY C 316 1.55 -11.62 -25.53
C GLY C 316 0.57 -11.48 -24.40
N SER C 317 0.86 -10.60 -23.44
CA SER C 317 -0.10 -10.30 -22.39
C SER C 317 -0.07 -8.84 -22.09
N THR C 318 -1.24 -8.26 -21.83
CA THR C 318 -1.34 -6.96 -21.17
C THR C 318 -2.10 -7.26 -19.90
N SER C 319 -2.39 -6.22 -19.11
CA SER C 319 -3.10 -6.42 -17.84
C SER C 319 -4.48 -7.08 -18.06
N GLY C 320 -5.11 -6.81 -19.19
CA GLY C 320 -6.42 -7.34 -19.47
C GLY C 320 -6.55 -8.26 -20.68
N PHE C 321 -5.47 -8.55 -21.41
CA PHE C 321 -5.60 -9.37 -22.62
C PHE C 321 -4.54 -10.49 -22.71
N GLY C 322 -4.92 -11.58 -23.38
CA GLY C 322 -3.99 -12.68 -23.73
C GLY C 322 -3.95 -12.92 -25.22
N THR C 323 -2.78 -13.20 -25.75
CA THR C 323 -2.57 -13.40 -27.16
C THR C 323 -1.62 -14.60 -27.32
N TYR C 324 -1.80 -15.34 -28.41
CA TYR C 324 -0.86 -16.35 -28.87
C TYR C 324 -1.00 -16.51 -30.38
N VAL C 325 0.16 -16.47 -31.04
CA VAL C 325 0.28 -16.58 -32.47
C VAL C 325 1.27 -17.73 -32.78
N VAL C 326 0.89 -18.63 -33.69
CA VAL C 326 1.77 -19.79 -34.08
C VAL C 326 1.59 -20.07 -35.56
N PHE C 327 2.70 -20.27 -36.27
CA PHE C 327 2.65 -20.86 -37.61
C PHE C 327 3.75 -21.92 -37.86
N ILE C 328 3.48 -22.73 -38.88
CA ILE C 328 4.29 -23.90 -39.26
C ILE C 328 4.28 -23.90 -40.80
N PRO C 329 5.34 -23.34 -41.46
CA PRO C 329 5.36 -23.23 -42.94
C PRO C 329 5.27 -24.56 -43.69
N LYS C 330 5.93 -25.61 -43.18
CA LYS C 330 5.86 -26.96 -43.78
C LYS C 330 4.43 -27.48 -43.99
N GLU C 331 3.53 -27.17 -43.07
CA GLU C 331 2.14 -27.67 -43.13
C GLU C 331 1.16 -26.60 -43.64
N ASN C 332 1.73 -25.52 -44.21
CA ASN C 332 1.10 -24.25 -44.52
C ASN C 332 -0.10 -23.86 -43.60
N ILE C 333 0.13 -23.87 -42.28
CA ILE C 333 -0.94 -23.70 -41.29
C ILE C 333 -0.53 -22.71 -40.18
N GLY C 334 -1.51 -22.05 -39.57
CA GLY C 334 -1.26 -21.12 -38.45
C GLY C 334 -2.48 -20.90 -37.57
N LEU C 335 -2.28 -20.32 -36.38
CA LEU C 335 -3.39 -20.14 -35.42
C LEU C 335 -3.15 -18.87 -34.63
N VAL C 336 -4.24 -18.15 -34.37
CA VAL C 336 -4.24 -16.94 -33.53
C VAL C 336 -5.29 -17.14 -32.42
N MET C 337 -4.90 -16.83 -31.18
CA MET C 337 -5.82 -16.83 -30.05
C MET C 337 -5.75 -15.44 -29.43
N LEU C 338 -6.91 -14.79 -29.29
CA LEU C 338 -7.04 -13.46 -28.64
C LEU C 338 -8.12 -13.59 -27.55
N THR C 339 -7.78 -13.18 -26.33
CA THR C 339 -8.69 -13.18 -25.20
C THR C 339 -8.68 -11.80 -24.55
N ASN C 340 -9.82 -11.39 -23.98
CA ASN C 340 -9.87 -10.13 -23.23
C ASN C 340 -9.83 -10.41 -21.73
N LYS C 341 -9.10 -11.47 -21.37
CA LYS C 341 -8.64 -11.72 -20.03
C LYS C 341 -7.39 -12.57 -20.20
N ARG C 342 -6.35 -12.30 -19.40
CA ARG C 342 -5.18 -13.13 -19.36
C ARG C 342 -5.53 -14.54 -18.98
N ILE C 343 -4.96 -15.51 -19.68
CA ILE C 343 -5.01 -16.93 -19.20
C ILE C 343 -3.58 -17.44 -19.20
N PRO C 344 -3.30 -18.47 -18.40
CA PRO C 344 -1.93 -18.99 -18.40
C PRO C 344 -1.39 -19.36 -19.78
N ASN C 345 -0.13 -19.00 -20.05
CA ASN C 345 0.54 -19.34 -21.32
C ASN C 345 0.45 -20.83 -21.65
N GLU C 346 0.56 -21.68 -20.60
CA GLU C 346 0.49 -23.16 -20.74
C GLU C 346 -0.84 -23.57 -21.41
N GLU C 347 -1.94 -22.95 -21.00
CA GLU C 347 -3.26 -23.27 -21.56
C GLU C 347 -3.39 -22.84 -23.01
N ARG C 348 -2.71 -21.73 -23.37
CA ARG C 348 -2.79 -21.17 -24.74
C ARG C 348 -2.08 -22.10 -25.69
N ILE C 349 -0.83 -22.38 -25.37
CA ILE C 349 0.12 -23.22 -26.15
C ILE C 349 -0.41 -24.66 -26.31
N LYS C 350 -0.91 -25.27 -25.25
CA LYS C 350 -1.49 -26.63 -25.29
C LYS C 350 -2.76 -26.71 -26.14
N ALA C 351 -3.64 -25.73 -26.01
CA ALA C 351 -4.86 -25.68 -26.80
C ALA C 351 -4.54 -25.65 -28.28
N ALA C 352 -3.59 -24.80 -28.64
CA ALA C 352 -3.20 -24.64 -30.01
C ALA C 352 -2.53 -25.92 -30.57
N TYR C 353 -1.72 -26.55 -29.73
CA TYR C 353 -1.00 -27.74 -30.13
C TYR C 353 -2.01 -28.84 -30.52
N VAL C 354 -2.90 -29.17 -29.59
CA VAL C 354 -3.95 -30.20 -29.85
C VAL C 354 -4.68 -29.90 -31.14
N VAL C 355 -5.12 -28.66 -31.29
CA VAL C 355 -5.93 -28.28 -32.45
C VAL C 355 -5.10 -28.38 -33.74
N LEU C 356 -3.91 -27.80 -33.75
CA LEU C 356 -3.07 -27.83 -34.96
C LEU C 356 -2.59 -29.27 -35.30
N ASN C 357 -2.39 -30.11 -34.29
CA ASN C 357 -1.98 -31.51 -34.56
C ASN C 357 -3.14 -32.50 -34.90
N ALA C 358 -4.39 -32.09 -34.70
CA ALA C 358 -5.58 -32.88 -35.10
C ALA C 358 -6.15 -32.49 -36.47
N ILE C 359 -5.69 -31.36 -37.03
CA ILE C 359 -6.27 -30.79 -38.27
C ILE C 359 -6.07 -31.68 -39.51
N LYS C 360 -7.17 -32.03 -40.20
CA LYS C 360 -7.13 -32.95 -41.37
C LYS C 360 -6.49 -32.31 -42.60
N PRO D 5 3.01 -34.47 -6.62
CA PRO D 5 3.61 -35.80 -6.32
C PRO D 5 4.78 -35.70 -5.33
N LYS D 6 5.79 -34.89 -5.69
CA LYS D 6 6.96 -34.62 -4.85
C LYS D 6 6.64 -33.56 -3.77
N ASP D 7 5.86 -32.54 -4.13
CA ASP D 7 5.47 -31.50 -3.14
C ASP D 7 4.68 -32.12 -2.00
N GLN D 8 3.91 -33.17 -2.31
CA GLN D 8 3.21 -33.92 -1.29
C GLN D 8 4.22 -34.53 -0.31
N GLU D 9 5.17 -35.32 -0.82
CA GLU D 9 6.15 -36.01 0.04
C GLU D 9 7.00 -35.03 0.85
N ILE D 10 7.35 -33.90 0.22
CA ILE D 10 8.21 -32.90 0.89
C ILE D 10 7.42 -32.11 1.94
N LYS D 11 6.20 -31.71 1.61
CA LYS D 11 5.34 -31.03 2.59
C LYS D 11 5.21 -31.91 3.80
N LYS D 12 4.94 -33.20 3.58
CA LYS D 12 4.82 -34.14 4.68
C LYS D 12 6.05 -34.21 5.56
N LEU D 13 7.23 -34.29 4.96
CA LEU D 13 8.44 -34.31 5.77
C LEU D 13 8.65 -33.05 6.58
N VAL D 14 8.35 -31.90 5.97
CA VAL D 14 8.49 -30.59 6.64
C VAL D 14 7.42 -30.47 7.77
N ASP D 15 6.18 -30.90 7.49
CA ASP D 15 5.11 -30.91 8.50
C ASP D 15 5.49 -31.82 9.66
N GLN D 16 6.18 -32.90 9.36
CA GLN D 16 6.55 -33.87 10.37
C GLN D 16 7.73 -33.48 11.26
N ASN D 17 8.76 -32.82 10.72
CA ASN D 17 9.93 -32.45 11.44
C ASN D 17 10.06 -30.96 11.76
N PHE D 18 9.41 -30.09 11.00
CA PHE D 18 9.57 -28.65 11.28
C PHE D 18 8.39 -28.10 12.08
N LYS D 19 7.19 -28.36 11.58
CA LYS D 19 5.95 -27.90 12.22
C LYS D 19 5.84 -28.04 13.75
N PRO D 20 6.18 -29.19 14.35
CA PRO D 20 6.09 -29.32 15.81
C PRO D 20 6.94 -28.35 16.60
N LEU D 21 8.00 -27.80 16.00
CA LEU D 21 8.86 -26.85 16.69
C LEU D 21 8.12 -25.52 16.99
N LEU D 22 7.08 -25.22 16.23
CA LEU D 22 6.28 -24.03 16.46
C LEU D 22 5.66 -24.09 17.88
N GLU D 23 4.92 -25.17 18.15
CA GLU D 23 4.33 -25.43 19.46
C GLU D 23 5.41 -25.58 20.47
N LYS D 24 6.48 -26.33 20.17
CA LYS D 24 7.53 -26.57 21.17
C LYS D 24 8.21 -25.28 21.74
N TYR D 25 8.40 -24.28 20.88
CA TYR D 25 9.10 -23.05 21.26
C TYR D 25 8.25 -21.79 21.22
N ASP D 26 6.95 -21.98 21.01
CA ASP D 26 5.94 -20.90 20.90
C ASP D 26 6.44 -19.87 19.83
N VAL D 27 6.81 -20.41 18.67
CA VAL D 27 7.22 -19.64 17.48
C VAL D 27 6.02 -19.18 16.70
N PRO D 28 5.88 -17.86 16.51
CA PRO D 28 4.69 -17.39 15.81
C PRO D 28 4.66 -17.80 14.35
N GLY D 29 5.81 -17.69 13.69
CA GLY D 29 5.82 -17.94 12.24
C GLY D 29 7.07 -18.61 11.71
N MET D 30 6.93 -19.29 10.57
CA MET D 30 8.05 -19.98 9.98
C MET D 30 7.83 -20.15 8.49
N ALA D 31 8.92 -20.07 7.74
CA ALA D 31 8.95 -20.42 6.34
C ALA D 31 10.07 -21.49 6.13
N VAL D 32 9.72 -22.60 5.51
CA VAL D 32 10.70 -23.68 5.23
C VAL D 32 10.63 -23.93 3.74
N GLY D 33 11.80 -23.86 3.09
CA GLY D 33 11.93 -24.22 1.72
C GLY D 33 12.97 -25.32 1.47
N VAL D 34 12.68 -26.14 0.46
CA VAL D 34 13.58 -27.18 -0.06
C VAL D 34 13.75 -26.91 -1.54
N ILE D 35 15.01 -26.96 -2.04
CA ILE D 35 15.22 -26.99 -3.50
C ILE D 35 15.89 -28.33 -3.81
N GLN D 36 15.29 -29.10 -4.72
CA GLN D 36 15.79 -30.43 -5.09
C GLN D 36 15.65 -30.58 -6.60
N ASN D 37 16.80 -30.77 -7.26
CA ASN D 37 16.89 -30.91 -8.73
C ASN D 37 16.20 -29.78 -9.48
N ASN D 38 16.55 -28.54 -9.17
CA ASN D 38 15.98 -27.33 -9.79
C ASN D 38 14.50 -27.01 -9.47
N LYS D 39 13.82 -27.84 -8.65
CA LYS D 39 12.38 -27.58 -8.28
C LYS D 39 12.31 -26.98 -6.86
N LYS D 40 11.55 -25.89 -6.68
CA LYS D 40 11.40 -25.25 -5.34
C LYS D 40 10.10 -25.70 -4.67
N TYR D 41 10.14 -26.02 -3.37
CA TYR D 41 8.99 -26.42 -2.56
C TYR D 41 8.96 -25.50 -1.31
N GLU D 42 7.94 -24.65 -1.20
CA GLU D 42 7.80 -23.65 -0.12
C GLU D 42 6.63 -24.00 0.80
N MET D 43 6.91 -24.02 2.11
CA MET D 43 5.95 -24.23 3.18
C MET D 43 5.98 -23.00 4.14
N TYR D 44 4.79 -22.52 4.49
CA TYR D 44 4.59 -21.35 5.37
C TYR D 44 3.67 -21.73 6.49
N TYR D 45 4.01 -21.34 7.72
CA TYR D 45 3.23 -21.66 8.92
C TYR D 45 3.07 -20.40 9.76
N GLY D 46 1.92 -20.25 10.38
CA GLY D 46 1.74 -19.26 11.40
C GLY D 46 1.82 -17.83 10.85
N LEU D 47 2.30 -16.94 11.69
CA LEU D 47 2.09 -15.51 11.53
C LEU D 47 3.40 -14.69 11.44
N GLN D 48 3.39 -13.78 10.47
CA GLN D 48 4.41 -12.80 10.20
C GLN D 48 4.41 -11.70 11.29
N SER D 49 3.20 -11.30 11.70
CA SER D 49 2.93 -10.28 12.71
C SER D 49 1.70 -10.69 13.53
N VAL D 50 1.88 -10.90 14.83
CA VAL D 50 0.80 -11.29 15.70
C VAL D 50 -0.14 -10.06 15.84
N GLN D 51 0.46 -8.87 16.00
CA GLN D 51 -0.35 -7.60 16.22
C GLN D 51 -1.17 -7.31 15.01
N ASP D 52 -0.61 -7.48 13.83
CA ASP D 52 -1.31 -7.12 12.65
C ASP D 52 -2.09 -8.30 12.05
N LYS D 53 -2.01 -9.51 12.64
CA LYS D 53 -2.72 -10.70 12.22
C LYS D 53 -2.44 -11.11 10.75
N LYS D 54 -1.15 -11.04 10.35
CA LYS D 54 -0.70 -11.34 9.02
C LYS D 54 -0.05 -12.72 9.01
N ALA D 55 -0.48 -13.55 8.07
CA ALA D 55 0.07 -14.89 7.94
C ALA D 55 1.43 -14.80 7.23
N VAL D 56 2.33 -15.70 7.58
CA VAL D 56 3.59 -15.86 6.81
C VAL D 56 3.21 -16.29 5.39
N ASN D 57 3.83 -15.66 4.41
CA ASN D 57 3.55 -16.00 3.01
C ASN D 57 4.83 -15.81 2.17
N SER D 58 4.75 -16.12 0.91
CA SER D 58 5.89 -15.95 0.01
C SER D 58 6.44 -14.57 -0.05
N ASN D 59 5.72 -13.53 0.37
CA ASN D 59 6.29 -12.15 0.42
C ASN D 59 6.86 -11.75 1.78
N THR D 60 6.75 -12.62 2.80
CA THR D 60 7.20 -12.22 4.13
C THR D 60 8.75 -12.06 4.14
N ILE D 61 9.23 -10.96 4.69
CA ILE D 61 10.64 -10.66 4.81
C ILE D 61 11.09 -10.99 6.22
N PHE D 62 12.13 -11.82 6.35
CA PHE D 62 12.69 -12.18 7.62
C PHE D 62 14.10 -11.63 7.79
N GLU D 63 14.50 -11.38 9.04
CA GLU D 63 15.90 -11.09 9.39
C GLU D 63 16.80 -12.32 9.30
N LEU D 64 17.90 -12.24 8.51
CA LEU D 64 18.76 -13.42 8.30
C LEU D 64 19.85 -13.57 9.36
N GLY D 65 20.13 -12.48 10.09
CA GLY D 65 21.20 -12.47 11.11
C GLY D 65 22.51 -12.85 10.44
N SER D 66 23.27 -13.75 11.06
CA SER D 66 24.62 -14.15 10.54
C SER D 66 24.63 -14.79 9.19
N VAL D 67 23.48 -15.28 8.71
CA VAL D 67 23.39 -15.71 7.31
C VAL D 67 23.69 -14.56 6.32
N SER D 68 23.52 -13.30 6.78
CA SER D 68 23.97 -12.14 6.09
C SER D 68 25.42 -12.23 5.68
N LYS D 69 26.23 -12.83 6.56
CA LYS D 69 27.67 -12.99 6.28
C LYS D 69 27.94 -13.72 4.94
N LEU D 70 27.02 -14.57 4.49
CA LEU D 70 27.17 -15.21 3.17
C LEU D 70 27.05 -14.28 1.98
N PHE D 71 26.27 -13.19 2.13
CA PHE D 71 26.23 -12.12 1.09
C PHE D 71 27.49 -11.23 1.14
N THR D 72 27.97 -10.97 2.34
CA THR D 72 29.20 -10.25 2.55
C THR D 72 30.38 -10.98 1.94
N ALA D 73 30.41 -12.30 2.14
CA ALA D 73 31.32 -13.16 1.41
C ALA D 73 31.21 -13.12 -0.11
N THR D 74 30.00 -13.27 -0.63
CA THR D 74 29.78 -13.22 -2.06
C THR D 74 30.25 -11.89 -2.70
N ALA D 75 29.95 -10.79 -2.02
CA ALA D 75 30.39 -9.46 -2.43
C ALA D 75 31.92 -9.38 -2.51
N GLY D 76 32.59 -9.88 -1.48
CA GLY D 76 34.06 -10.04 -1.47
C GLY D 76 34.54 -10.79 -2.71
N GLY D 77 34.04 -12.00 -2.92
CA GLY D 77 34.39 -12.79 -4.09
C GLY D 77 34.18 -12.11 -5.45
N TYR D 78 33.07 -11.42 -5.61
CA TYR D 78 32.79 -10.65 -6.81
C TYR D 78 33.82 -9.51 -6.99
N ALA D 79 34.13 -8.81 -5.91
CA ALA D 79 35.15 -7.75 -5.93
C ALA D 79 36.54 -8.30 -6.33
N LYS D 80 36.90 -9.44 -5.77
CA LYS D 80 38.19 -10.09 -6.07
C LYS D 80 38.29 -10.44 -7.55
N ASN D 81 37.29 -11.15 -8.06
CA ASN D 81 37.34 -11.65 -9.42
C ASN D 81 37.09 -10.60 -10.50
N LYS D 82 36.58 -9.42 -10.11
CA LYS D 82 36.47 -8.25 -11.00
C LYS D 82 37.72 -7.38 -10.85
N GLY D 83 38.64 -7.76 -9.95
CA GLY D 83 39.93 -7.12 -9.80
C GLY D 83 40.01 -6.06 -8.71
N LYS D 84 38.86 -5.59 -8.22
CA LYS D 84 38.79 -4.38 -7.38
C LYS D 84 39.51 -4.48 -6.03
N ILE D 85 39.71 -5.71 -5.57
CA ILE D 85 40.55 -6.00 -4.39
C ILE D 85 41.34 -7.31 -4.55
N SER D 86 42.32 -7.46 -3.68
CA SER D 86 43.04 -8.70 -3.49
C SER D 86 42.96 -9.08 -2.03
N PHE D 87 42.83 -10.39 -1.78
CA PHE D 87 42.71 -10.93 -0.41
C PHE D 87 43.92 -10.76 0.49
N ASP D 88 45.08 -10.47 -0.11
CA ASP D 88 46.31 -10.19 0.65
C ASP D 88 46.43 -8.75 1.10
N ASP D 89 45.74 -7.83 0.41
CA ASP D 89 45.70 -6.43 0.83
C ASP D 89 45.22 -6.26 2.25
N THR D 90 45.53 -5.12 2.83
CA THR D 90 45.11 -4.83 4.19
C THR D 90 44.15 -3.63 4.07
N PRO D 91 43.41 -3.33 5.16
CA PRO D 91 42.31 -2.35 4.99
C PRO D 91 42.75 -0.93 4.63
N GLY D 92 43.94 -0.55 5.13
CA GLY D 92 44.58 0.72 4.80
C GLY D 92 44.72 1.02 3.33
N LYS D 93 44.83 0.00 2.47
CA LYS D 93 44.86 0.20 1.01
C LYS D 93 43.60 0.94 0.50
N TYR D 94 42.47 0.75 1.19
CA TYR D 94 41.17 1.33 0.80
C TYR D 94 40.57 2.29 1.87
N TRP D 95 40.68 1.96 3.16
CA TRP D 95 40.29 2.87 4.24
C TRP D 95 41.52 3.68 4.65
N LYS D 96 41.78 4.77 3.89
CA LYS D 96 43.04 5.56 3.95
C LYS D 96 43.39 6.07 5.35
N GLU D 97 42.37 6.42 6.14
CA GLU D 97 42.58 6.87 7.52
C GLU D 97 42.94 5.74 8.49
N LEU D 98 43.02 4.49 8.01
CA LEU D 98 43.56 3.35 8.80
C LEU D 98 45.05 3.05 8.47
N LYS D 99 45.52 3.47 7.29
CA LYS D 99 46.93 3.36 6.88
C LYS D 99 47.88 3.81 8.01
N ASN D 100 48.96 3.04 8.21
CA ASN D 100 49.97 3.19 9.29
C ASN D 100 49.47 2.96 10.74
N THR D 101 48.39 2.20 10.91
CA THR D 101 47.94 1.70 12.24
C THR D 101 48.08 0.19 12.25
N PRO D 102 48.14 -0.47 13.42
CA PRO D 102 48.32 -1.92 13.61
C PRO D 102 47.34 -2.87 12.86
N ILE D 103 46.09 -2.44 12.70
CA ILE D 103 45.10 -3.20 11.93
C ILE D 103 45.45 -3.15 10.44
N ASP D 104 46.37 -2.26 10.03
CA ASP D 104 46.85 -2.29 8.63
C ASP D 104 47.81 -3.51 8.35
N GLN D 105 48.07 -4.33 9.37
CA GLN D 105 48.87 -5.58 9.28
C GLN D 105 48.02 -6.84 9.17
N VAL D 106 46.69 -6.69 9.21
CA VAL D 106 45.77 -7.83 8.99
C VAL D 106 45.24 -7.77 7.55
N ASN D 107 45.26 -8.91 6.84
CA ASN D 107 44.86 -8.90 5.42
C ASN D 107 43.34 -9.15 5.28
N LEU D 108 42.79 -8.95 4.08
CA LEU D 108 41.34 -9.02 3.92
C LEU D 108 40.78 -10.43 4.18
N LEU D 109 41.45 -11.49 3.72
CA LEU D 109 41.02 -12.86 4.02
C LEU D 109 40.96 -13.15 5.52
N GLN D 110 41.98 -12.68 6.22
CA GLN D 110 42.04 -12.82 7.69
C GLN D 110 40.84 -12.22 8.42
N LEU D 111 40.44 -11.02 7.99
CA LEU D 111 39.24 -10.38 8.59
C LEU D 111 37.96 -11.16 8.19
N ALA D 112 37.83 -11.49 6.92
CA ALA D 112 36.68 -12.30 6.43
C ALA D 112 36.57 -13.61 7.17
N THR D 113 37.73 -14.21 7.52
CA THR D 113 37.68 -15.51 8.18
C THR D 113 37.95 -15.46 9.68
N TYR D 114 37.91 -14.26 10.29
CA TYR D 114 37.88 -14.11 11.74
C TYR D 114 39.27 -14.39 12.42
N THR D 115 40.39 -14.25 11.72
CA THR D 115 41.66 -14.70 12.34
C THR D 115 42.55 -13.60 12.92
N SER D 116 42.19 -12.32 12.72
CA SER D 116 43.00 -11.14 13.18
C SER D 116 43.71 -11.28 14.53
N GLY D 117 43.16 -12.10 15.43
CA GLY D 117 43.77 -12.44 16.73
C GLY D 117 43.23 -11.71 17.94
N ASN D 118 42.51 -10.62 17.73
CA ASN D 118 41.87 -9.93 18.84
C ASN D 118 40.61 -9.17 18.37
N LEU D 119 39.55 -9.93 18.15
CA LEU D 119 38.20 -9.37 17.87
C LEU D 119 37.19 -10.38 18.35
N ALA D 120 36.43 -10.00 19.36
CA ALA D 120 35.35 -10.81 19.91
C ALA D 120 34.00 -10.78 19.04
N LEU D 121 32.99 -11.52 19.50
CA LEU D 121 31.67 -11.63 18.85
C LEU D 121 31.13 -10.25 18.48
N GLN D 122 31.05 -9.36 19.46
CA GLN D 122 30.49 -8.03 19.28
C GLN D 122 31.56 -6.96 19.49
N PHE D 123 31.41 -5.80 18.87
CA PHE D 123 32.06 -4.55 19.31
C PHE D 123 31.71 -4.38 20.79
N PRO D 124 32.55 -3.68 21.57
CA PRO D 124 32.15 -3.47 22.97
C PRO D 124 30.99 -2.50 23.02
N ASP D 125 30.14 -2.65 24.03
CA ASP D 125 28.91 -1.88 24.17
C ASP D 125 29.00 -0.37 23.83
N GLU D 126 30.08 0.29 24.26
CA GLU D 126 30.33 1.75 24.03
C GLU D 126 30.44 2.21 22.55
N VAL D 127 30.73 1.29 21.62
CA VAL D 127 30.92 1.64 20.18
C VAL D 127 29.65 1.62 19.31
N GLN D 128 29.31 2.77 18.72
CA GLN D 128 28.01 3.00 18.08
C GLN D 128 28.17 3.79 16.78
N THR D 129 28.62 5.03 16.89
CA THR D 129 28.74 5.96 15.74
C THR D 129 29.81 5.54 14.70
N ASP D 130 29.74 6.11 13.49
CA ASP D 130 30.75 5.85 12.45
C ASP D 130 32.14 6.24 12.96
N GLN D 131 32.23 7.47 13.51
CA GLN D 131 33.44 8.01 14.16
C GLN D 131 34.00 7.09 15.25
N GLN D 132 33.14 6.54 16.13
CA GLN D 132 33.56 5.55 17.17
C GLN D 132 34.03 4.16 16.62
N VAL D 133 33.45 3.72 15.49
CA VAL D 133 33.93 2.52 14.75
C VAL D 133 35.34 2.76 14.14
N LEU D 134 35.53 3.84 13.37
CA LEU D 134 36.87 4.31 12.92
C LEU D 134 37.88 4.40 14.07
N THR D 135 37.44 4.89 15.23
CA THR D 135 38.33 5.09 16.39
C THR D 135 38.72 3.76 16.97
N PHE D 136 37.73 2.88 17.17
CA PHE D 136 37.96 1.48 17.62
C PHE D 136 39.06 0.74 16.84
N PHE D 137 39.13 0.95 15.52
CA PHE D 137 40.07 0.21 14.66
C PHE D 137 41.45 0.89 14.57
N LYS D 138 41.45 2.23 14.52
CA LYS D 138 42.68 3.02 14.76
C LYS D 138 43.40 2.64 16.09
N ASP D 139 42.64 2.43 17.18
CA ASP D 139 43.16 2.06 18.55
C ASP D 139 43.41 0.56 18.82
N TRP D 140 43.10 -0.26 17.83
CA TRP D 140 43.18 -1.70 18.00
C TRP D 140 44.64 -2.03 17.93
N LYS D 141 45.05 -2.78 18.94
CA LYS D 141 46.34 -3.47 18.98
C LYS D 141 46.14 -5.01 18.77
N PRO D 142 47.16 -5.70 18.19
CA PRO D 142 47.11 -7.19 18.15
C PRO D 142 47.22 -7.81 19.52
N LYS D 143 46.84 -9.07 19.63
CA LYS D 143 47.14 -9.87 20.82
C LYS D 143 47.67 -11.25 20.42
N ASN D 144 46.81 -12.13 19.90
CA ASN D 144 47.25 -13.47 19.46
C ASN D 144 47.94 -13.28 18.13
N PRO D 145 48.79 -14.25 17.75
CA PRO D 145 49.45 -14.19 16.42
C PRO D 145 48.47 -13.97 15.23
N ILE D 146 48.62 -12.83 14.55
CA ILE D 146 47.79 -12.48 13.39
C ILE D 146 47.72 -13.66 12.44
N GLY D 147 46.52 -14.22 12.28
CA GLY D 147 46.27 -15.23 11.25
C GLY D 147 46.22 -16.65 11.75
N GLU D 148 46.53 -16.88 13.04
CA GLU D 148 46.63 -18.25 13.55
C GLU D 148 45.41 -18.74 14.32
N TYR D 149 44.72 -17.83 15.01
CA TYR D 149 43.55 -18.18 15.82
C TYR D 149 42.18 -17.76 15.19
N ARG D 150 41.21 -18.66 15.17
CA ARG D 150 39.82 -18.31 14.77
C ARG D 150 38.92 -17.93 15.96
N GLN D 151 38.49 -16.66 16.02
CA GLN D 151 37.40 -16.25 16.95
C GLN D 151 36.22 -15.61 16.18
N TYR D 152 35.06 -16.29 16.20
CA TYR D 152 33.85 -15.80 15.50
C TYR D 152 33.54 -14.32 15.91
N SER D 153 33.57 -13.40 14.94
CA SER D 153 33.51 -11.95 15.21
C SER D 153 32.70 -11.13 14.19
N ASN D 154 31.68 -10.42 14.65
CA ASN D 154 30.93 -9.45 13.82
C ASN D 154 31.80 -8.28 13.39
N PRO D 155 32.52 -7.63 14.33
CA PRO D 155 33.38 -6.52 13.83
C PRO D 155 34.43 -6.99 12.81
N SER D 156 34.92 -8.23 12.94
CA SER D 156 35.92 -8.68 11.98
C SER D 156 35.34 -8.64 10.59
N ILE D 157 34.27 -9.39 10.36
CA ILE D 157 33.70 -9.45 9.02
C ILE D 157 33.02 -8.12 8.65
N GLY D 158 32.60 -7.34 9.64
CA GLY D 158 32.14 -5.96 9.41
C GLY D 158 33.18 -5.14 8.63
N LEU D 159 34.44 -5.19 9.11
CA LEU D 159 35.50 -4.38 8.50
C LEU D 159 35.77 -4.86 7.08
N PHE D 160 35.85 -6.18 6.92
CA PHE D 160 35.97 -6.76 5.61
C PHE D 160 34.94 -6.16 4.66
N GLY D 161 33.66 -6.24 5.04
CA GLY D 161 32.60 -5.69 4.22
C GLY D 161 32.77 -4.20 3.88
N LYS D 162 33.09 -3.38 4.90
CA LYS D 162 33.33 -1.92 4.77
C LYS D 162 34.38 -1.66 3.65
N VAL D 163 35.43 -2.46 3.71
CA VAL D 163 36.55 -2.33 2.75
C VAL D 163 36.10 -2.73 1.34
N VAL D 164 35.45 -3.89 1.26
CA VAL D 164 34.87 -4.36 0.02
C VAL D 164 34.05 -3.20 -0.58
N ALA D 165 33.24 -2.53 0.24
CA ALA D 165 32.43 -1.40 -0.25
C ALA D 165 33.31 -0.23 -0.79
N LEU D 166 34.29 0.17 -0.01
CA LEU D 166 35.27 1.20 -0.45
C LEU D 166 35.89 0.86 -1.81
N SER D 167 36.27 -0.41 -2.03
CA SER D 167 36.83 -0.82 -3.35
C SER D 167 35.88 -0.69 -4.55
N MET D 168 34.58 -0.85 -4.32
CA MET D 168 33.59 -0.64 -5.37
C MET D 168 33.11 0.81 -5.37
N ASN D 169 33.52 1.59 -4.36
CA ASN D 169 33.20 3.01 -4.22
C ASN D 169 31.70 3.21 -4.12
N LYS D 170 31.12 2.52 -3.15
CA LYS D 170 29.67 2.42 -2.94
C LYS D 170 29.55 2.11 -1.48
N PRO D 171 28.63 2.74 -0.73
CA PRO D 171 28.47 2.19 0.65
C PRO D 171 28.01 0.70 0.64
N PHE D 172 28.20 0.02 1.77
CA PHE D 172 27.91 -1.40 1.82
C PHE D 172 26.48 -1.75 1.36
N ASP D 173 25.47 -0.97 1.78
CA ASP D 173 24.09 -1.30 1.41
C ASP D 173 23.84 -1.36 -0.12
N GLN D 174 24.49 -0.47 -0.88
CA GLN D 174 24.37 -0.40 -2.33
C GLN D 174 25.11 -1.51 -3.05
N VAL D 175 26.23 -1.92 -2.47
CA VAL D 175 27.00 -3.04 -3.01
C VAL D 175 26.04 -4.23 -3.14
N LEU D 176 25.35 -4.51 -2.05
CA LEU D 176 24.37 -5.57 -2.08
C LEU D 176 23.11 -5.21 -2.92
N GLU D 177 22.45 -4.10 -2.62
CA GLU D 177 21.18 -3.76 -3.25
C GLU D 177 21.27 -3.42 -4.80
N LYS D 178 22.39 -2.84 -5.20
CA LYS D 178 22.56 -2.43 -6.58
C LYS D 178 23.37 -3.41 -7.45
N THR D 179 24.29 -4.17 -6.84
CA THR D 179 25.19 -5.05 -7.57
C THR D 179 24.99 -6.55 -7.29
N ILE D 180 25.13 -6.98 -6.05
CA ILE D 180 25.07 -8.43 -5.72
C ILE D 180 23.70 -9.08 -5.81
N PHE D 181 22.71 -8.50 -5.12
CA PHE D 181 21.36 -9.04 -5.16
C PHE D 181 20.85 -9.10 -6.59
N PRO D 182 21.05 -8.02 -7.38
CA PRO D 182 20.56 -8.10 -8.76
C PRO D 182 21.32 -9.05 -9.63
N ALA D 183 22.62 -9.25 -9.39
CA ALA D 183 23.37 -10.30 -10.13
C ALA D 183 22.88 -11.73 -9.86
N LEU D 184 22.40 -11.93 -8.64
CA LEU D 184 21.79 -13.20 -8.22
C LEU D 184 20.33 -13.31 -8.58
N GLY D 185 19.71 -12.22 -9.03
CA GLY D 185 18.29 -12.23 -9.45
C GLY D 185 17.35 -12.28 -8.25
N LEU D 186 17.79 -11.63 -7.16
CA LEU D 186 17.02 -11.52 -5.91
C LEU D 186 16.27 -10.20 -5.91
N LYS D 187 14.95 -10.27 -5.88
CA LYS D 187 14.11 -9.07 -5.98
C LYS D 187 13.59 -8.53 -4.65
N HIS D 188 13.60 -9.34 -3.58
CA HIS D 188 13.08 -8.89 -2.30
C HIS D 188 14.05 -9.19 -1.15
N SER D 189 15.29 -8.78 -1.39
CA SER D 189 16.36 -8.88 -0.45
C SER D 189 16.91 -7.49 -0.20
N TYR D 190 17.10 -7.12 1.07
CA TYR D 190 17.34 -5.79 1.50
C TYR D 190 18.36 -5.73 2.61
N VAL D 191 19.12 -4.64 2.66
CA VAL D 191 19.79 -4.19 3.89
C VAL D 191 18.90 -3.21 4.63
N ASN D 192 18.28 -2.29 3.88
CA ASN D 192 17.26 -1.41 4.40
C ASN D 192 15.90 -1.71 3.73
N VAL D 193 14.91 -2.09 4.54
CA VAL D 193 13.64 -2.44 3.95
C VAL D 193 12.97 -1.10 3.64
N PRO D 194 12.54 -0.92 2.39
CA PRO D 194 11.87 0.30 2.00
C PRO D 194 10.42 0.36 2.42
N LYS D 195 9.85 1.58 2.36
CA LYS D 195 8.50 1.84 2.87
C LYS D 195 7.49 0.93 2.24
N THR D 196 7.58 0.77 0.95
CA THR D 196 6.63 -0.06 0.24
C THR D 196 6.72 -1.55 0.59
N GLN D 197 7.78 -1.99 1.28
CA GLN D 197 7.83 -3.39 1.76
C GLN D 197 7.70 -3.53 3.26
N MET D 198 7.49 -2.42 3.98
CA MET D 198 7.33 -2.53 5.41
C MET D 198 6.12 -3.43 5.75
N GLN D 199 5.07 -3.49 4.92
CA GLN D 199 3.92 -4.32 5.24
C GLN D 199 4.22 -5.86 5.13
N ASN D 200 5.31 -6.18 4.48
CA ASN D 200 5.74 -7.58 4.39
C ASN D 200 6.86 -7.94 5.37
N TYR D 201 7.42 -6.96 6.07
CA TYR D 201 8.54 -7.19 6.99
C TYR D 201 7.98 -7.75 8.30
N ALA D 202 8.27 -9.02 8.55
CA ALA D 202 7.92 -9.70 9.77
C ALA D 202 8.44 -8.97 10.96
N PHE D 203 7.72 -9.10 12.06
CA PHE D 203 8.32 -8.79 13.36
C PHE D 203 8.99 -10.03 13.84
N GLY D 204 10.10 -9.86 14.59
CA GLY D 204 10.70 -10.94 15.40
C GLY D 204 10.04 -10.94 16.75
N TYR D 205 10.13 -12.04 17.49
CA TYR D 205 9.55 -12.21 18.81
C TYR D 205 10.66 -12.68 19.74
N ASN D 206 10.73 -12.02 20.90
CA ASN D 206 11.74 -12.34 21.88
C ASN D 206 11.22 -13.49 22.80
N GLN D 207 11.96 -13.81 23.84
CA GLN D 207 11.60 -14.93 24.74
C GLN D 207 10.31 -14.62 25.53
N GLU D 208 9.94 -13.37 25.67
CA GLU D 208 8.64 -13.02 26.21
C GLU D 208 7.48 -13.04 25.18
N ASN D 209 7.67 -13.60 23.95
CA ASN D 209 6.73 -13.50 22.82
C ASN D 209 6.19 -12.04 22.55
N GLN D 210 7.11 -11.10 22.59
CA GLN D 210 6.87 -9.71 22.27
CA GLN D 210 6.89 -9.70 22.32
C GLN D 210 7.72 -9.27 21.13
N PRO D 211 7.20 -8.34 20.32
CA PRO D 211 7.79 -8.01 19.06
C PRO D 211 9.05 -7.19 19.14
N ILE D 212 9.97 -7.55 18.28
CA ILE D 212 11.26 -6.93 18.23
C ILE D 212 11.84 -6.99 16.82
N ARG D 213 12.63 -5.97 16.47
CA ARG D 213 13.34 -5.95 15.22
C ARG D 213 14.82 -5.59 15.51
N VAL D 214 15.71 -5.92 14.56
CA VAL D 214 17.13 -5.72 14.80
C VAL D 214 17.46 -4.20 14.94
N ASN D 215 18.20 -3.87 15.96
CA ASN D 215 18.65 -2.50 16.16
C ASN D 215 19.76 -2.07 15.18
N PRO D 216 19.76 -0.80 14.77
CA PRO D 216 20.96 -0.35 14.06
C PRO D 216 22.18 -0.56 14.97
N GLY D 217 23.31 -0.92 14.38
CA GLY D 217 24.52 -1.07 15.15
C GLY D 217 25.72 -0.74 14.28
N PRO D 218 26.92 -0.73 14.88
CA PRO D 218 28.13 -0.42 14.10
C PRO D 218 28.56 -1.57 13.17
N LEU D 219 28.64 -1.28 11.88
CA LEU D 219 28.93 -2.26 10.81
C LEU D 219 28.00 -3.48 10.84
N ASP D 220 26.75 -3.20 11.21
CA ASP D 220 25.69 -4.20 11.29
C ASP D 220 25.47 -4.94 9.98
N ALA D 221 25.41 -4.20 8.88
CA ALA D 221 24.98 -4.71 7.58
C ALA D 221 25.81 -5.89 7.08
N PRO D 222 27.14 -5.76 7.05
CA PRO D 222 27.92 -6.93 6.61
C PRO D 222 27.88 -8.19 7.50
N ALA D 223 27.55 -8.00 8.77
CA ALA D 223 27.65 -9.00 9.77
C ALA D 223 26.31 -9.71 10.03
N TYR D 224 25.22 -8.94 10.09
CA TYR D 224 23.89 -9.53 10.42
C TYR D 224 22.69 -8.82 9.89
N GLY D 225 22.87 -8.02 8.84
CA GLY D 225 21.89 -7.01 8.51
C GLY D 225 21.02 -7.17 7.32
N VAL D 226 21.02 -8.36 6.70
CA VAL D 226 20.27 -8.58 5.49
C VAL D 226 18.91 -9.17 5.97
N LYS D 227 17.89 -8.82 5.22
CA LYS D 227 16.56 -9.38 5.35
C LYS D 227 16.14 -9.90 3.97
N SER D 228 15.46 -11.03 3.94
CA SER D 228 15.04 -11.59 2.66
C SER D 228 13.76 -12.41 2.80
N THR D 229 13.24 -12.91 1.69
CA THR D 229 12.08 -13.79 1.66
C THR D 229 12.51 -15.25 1.45
N LEU D 230 11.66 -16.20 1.75
CA LEU D 230 11.92 -17.59 1.37
C LEU D 230 12.21 -17.78 -0.13
N PRO D 231 11.39 -17.23 -1.06
CA PRO D 231 11.75 -17.47 -2.47
C PRO D 231 13.12 -16.92 -2.87
N ASP D 232 13.49 -15.77 -2.36
CA ASP D 232 14.82 -15.25 -2.66
C ASP D 232 15.93 -16.13 -2.09
N MET D 233 15.76 -16.60 -0.86
CA MET D 233 16.71 -17.49 -0.23
C MET D 233 16.85 -18.80 -0.93
N LEU D 234 15.77 -19.31 -1.54
CA LEU D 234 15.86 -20.52 -2.35
C LEU D 234 16.60 -20.26 -3.68
N SER D 235 16.45 -19.07 -4.26
CA SER D 235 17.23 -18.70 -5.43
C SER D 235 18.66 -18.57 -5.08
N PHE D 236 18.94 -17.97 -3.94
CA PHE D 236 20.31 -17.91 -3.45
C PHE D 236 20.94 -19.31 -3.26
N ILE D 237 20.19 -20.21 -2.68
CA ILE D 237 20.64 -21.61 -2.61
C ILE D 237 20.81 -22.26 -4.00
N HIS D 238 19.86 -22.05 -4.89
CA HIS D 238 19.98 -22.47 -6.31
C HIS D 238 21.27 -21.97 -6.95
N ALA D 239 21.57 -20.69 -6.80
CA ALA D 239 22.82 -20.13 -7.31
C ALA D 239 24.10 -20.83 -6.82
N ASN D 240 24.17 -21.07 -5.51
CA ASN D 240 25.25 -21.80 -4.85
C ASN D 240 25.38 -23.27 -5.34
N LEU D 241 24.25 -23.91 -5.65
CA LEU D 241 24.24 -25.25 -6.21
C LEU D 241 24.58 -25.30 -7.71
N ASN D 242 24.29 -24.26 -8.46
CA ASN D 242 24.47 -24.27 -9.94
C ASN D 242 25.07 -22.99 -10.44
N PRO D 243 26.21 -22.58 -9.89
CA PRO D 243 26.81 -21.30 -10.31
C PRO D 243 27.09 -21.15 -11.83
N GLN D 244 27.41 -22.27 -12.50
CA GLN D 244 27.69 -22.31 -13.97
C GLN D 244 26.53 -21.82 -14.87
N LYS D 245 25.31 -21.84 -14.34
CA LYS D 245 24.16 -21.31 -15.02
C LYS D 245 24.05 -19.77 -14.88
N TYR D 246 24.99 -19.07 -14.21
CA TYR D 246 24.93 -17.63 -13.98
C TYR D 246 26.06 -16.94 -14.73
N PRO D 247 25.92 -15.63 -14.97
CA PRO D 247 26.99 -14.92 -15.66
C PRO D 247 28.32 -14.96 -14.92
N THR D 248 29.39 -14.82 -15.69
CA THR D 248 30.75 -15.10 -15.28
C THR D 248 31.18 -14.36 -13.96
N ASP D 249 30.92 -13.06 -13.82
CA ASP D 249 31.35 -12.26 -12.64
C ASP D 249 30.77 -12.78 -11.30
N ILE D 250 29.47 -13.08 -11.29
CA ILE D 250 28.85 -13.66 -10.11
C ILE D 250 29.08 -15.17 -9.93
N GLN D 251 29.20 -15.90 -11.04
CA GLN D 251 29.61 -17.33 -10.97
C GLN D 251 30.93 -17.50 -10.21
N ARG D 252 31.95 -16.72 -10.58
CA ARG D 252 33.27 -16.76 -9.91
C ARG D 252 33.20 -16.27 -8.43
N ALA D 253 32.41 -15.23 -8.16
CA ALA D 253 32.10 -14.79 -6.80
C ALA D 253 31.57 -15.92 -5.90
N ILE D 254 30.58 -16.65 -6.41
CA ILE D 254 29.97 -17.79 -5.70
C ILE D 254 31.01 -18.89 -5.38
N ASN D 255 31.76 -19.33 -6.39
CA ASN D 255 32.82 -20.35 -6.22
C ASN D 255 33.86 -19.93 -5.20
N GLU D 256 34.25 -18.66 -5.24
CA GLU D 256 35.14 -18.12 -4.24
C GLU D 256 34.67 -18.35 -2.82
N THR D 257 33.34 -18.28 -2.58
CA THR D 257 32.81 -18.55 -1.23
C THR D 257 32.86 -20.03 -0.82
N HIS D 258 33.01 -20.93 -1.77
CA HIS D 258 33.09 -22.39 -1.50
C HIS D 258 34.49 -22.99 -1.22
N GLN D 259 35.53 -22.21 -1.45
CA GLN D 259 36.93 -22.64 -1.19
C GLN D 259 37.22 -22.58 0.31
N GLY D 260 37.44 -23.75 0.91
CA GLY D 260 37.96 -23.84 2.28
C GLY D 260 39.28 -23.08 2.44
N ARG D 261 39.42 -22.32 3.51
CA ARG D 261 40.62 -21.53 3.77
C ARG D 261 41.51 -22.15 4.85
N TYR D 262 40.89 -22.89 5.79
CA TYR D 262 41.57 -23.54 6.90
C TYR D 262 40.57 -24.47 7.60
N GLN D 263 41.07 -25.28 8.53
CA GLN D 263 40.25 -26.26 9.24
C GLN D 263 40.27 -26.01 10.75
N VAL D 264 39.18 -26.44 11.40
CA VAL D 264 39.02 -26.54 12.85
C VAL D 264 38.18 -27.79 13.09
N ASN D 265 38.83 -28.85 13.57
CA ASN D 265 38.20 -30.14 13.80
C ASN D 265 37.60 -30.69 12.54
N THR D 266 36.33 -31.12 12.57
CA THR D 266 35.67 -31.64 11.39
C THR D 266 34.96 -30.60 10.51
N MET D 267 35.25 -29.30 10.71
CA MET D 267 34.71 -28.16 9.92
C MET D 267 35.82 -27.35 9.24
N TYR D 268 35.58 -26.99 7.97
CA TYR D 268 36.44 -26.15 7.17
C TYR D 268 35.82 -24.77 7.04
N GLN D 269 36.55 -23.73 7.42
CA GLN D 269 36.04 -22.37 7.26
C GLN D 269 36.15 -21.90 5.81
N ALA D 270 35.03 -21.77 5.09
CA ALA D 270 35.07 -21.11 3.78
C ALA D 270 34.80 -19.61 3.99
N LEU D 271 34.64 -18.85 2.90
CA LEU D 271 34.35 -17.43 3.00
C LEU D 271 32.84 -17.34 3.36
N GLY D 272 32.54 -16.93 4.60
CA GLY D 272 31.15 -17.00 5.14
C GLY D 272 30.61 -18.39 5.45
N TRP D 273 30.50 -19.25 4.44
CA TRP D 273 29.98 -20.58 4.62
C TRP D 273 30.89 -21.44 5.48
N GLU D 274 30.28 -22.36 6.19
CA GLU D 274 30.99 -23.40 6.93
C GLU D 274 30.87 -24.62 6.08
N GLU D 275 31.96 -25.41 5.99
CA GLU D 275 32.13 -26.51 5.01
C GLU D 275 32.57 -27.80 5.73
N PHE D 276 32.03 -28.90 5.24
CA PHE D 276 32.16 -30.23 5.83
C PHE D 276 32.35 -31.25 4.72
N SER D 277 33.11 -32.32 5.01
CA SER D 277 33.11 -33.50 4.17
C SER D 277 31.73 -34.17 4.17
N TYR D 278 31.28 -34.68 3.03
CA TYR D 278 29.92 -35.23 2.86
C TYR D 278 30.10 -36.66 2.43
N PRO D 279 29.37 -37.63 2.97
CA PRO D 279 28.33 -37.44 4.00
C PRO D 279 28.88 -36.86 5.29
N ALA D 280 28.14 -35.93 5.90
CA ALA D 280 28.54 -35.37 7.18
C ALA D 280 27.60 -36.00 8.19
N THR D 281 28.09 -36.29 9.39
CA THR D 281 27.17 -36.84 10.40
C THR D 281 26.37 -35.71 11.06
N LEU D 282 25.15 -36.05 11.48
CA LEU D 282 24.40 -35.16 12.36
C LEU D 282 25.30 -34.62 13.45
N GLN D 283 26.10 -35.49 14.06
CA GLN D 283 26.91 -35.02 15.17
C GLN D 283 27.99 -34.01 14.73
N THR D 284 28.51 -34.14 13.51
CA THR D 284 29.53 -33.21 13.00
C THR D 284 28.96 -31.77 12.75
N LEU D 285 27.72 -31.76 12.32
CA LEU D 285 27.01 -30.53 12.00
C LEU D 285 26.71 -29.80 13.33
N LEU D 286 26.23 -30.56 14.33
CA LEU D 286 25.94 -30.00 15.64
C LEU D 286 27.19 -29.41 16.23
N ASP D 287 28.28 -30.17 16.17
CA ASP D 287 29.57 -29.70 16.70
C ASP D 287 30.11 -28.41 16.04
N SER D 288 29.81 -28.19 14.75
CA SER D 288 30.19 -26.92 14.08
C SER D 288 29.71 -25.67 14.83
N ASN D 289 28.58 -25.78 15.55
CA ASN D 289 28.01 -24.65 16.29
C ASN D 289 27.97 -24.74 17.84
N SER D 290 28.89 -25.52 18.42
CA SER D 290 29.03 -25.64 19.88
C SER D 290 29.62 -24.37 20.48
N GLU D 291 29.50 -24.21 21.80
CA GLU D 291 30.03 -22.99 22.48
C GLU D 291 31.54 -22.75 22.21
N GLN D 292 32.33 -23.83 22.17
CA GLN D 292 33.80 -23.75 21.97
C GLN D 292 34.17 -23.15 20.61
N ILE D 293 33.41 -23.52 19.57
CA ILE D 293 33.63 -23.01 18.19
C ILE D 293 33.18 -21.55 18.02
N VAL D 294 31.97 -21.29 18.50
CA VAL D 294 31.29 -20.02 18.30
C VAL D 294 31.75 -18.90 19.27
N MET D 295 31.90 -19.25 20.55
CA MET D 295 32.23 -18.23 21.59
C MET D 295 33.72 -18.11 21.89
N LYS D 296 34.39 -19.26 21.95
CA LYS D 296 35.80 -19.34 22.36
C LYS D 296 36.73 -19.21 21.15
N PRO D 297 38.03 -18.86 21.38
CA PRO D 297 39.03 -18.84 20.29
C PRO D 297 39.59 -20.25 20.02
N ASN D 298 40.17 -20.47 18.83
CA ASN D 298 40.66 -21.79 18.40
C ASN D 298 41.78 -21.76 17.36
N LYS D 299 42.82 -22.56 17.61
CA LYS D 299 44.02 -22.59 16.78
C LYS D 299 43.67 -23.06 15.36
N VAL D 300 44.11 -22.33 14.34
CA VAL D 300 43.77 -22.67 12.95
C VAL D 300 44.73 -23.76 12.42
N THR D 301 44.17 -24.83 11.87
CA THR D 301 44.96 -25.89 11.21
C THR D 301 44.91 -25.69 9.69
N ALA D 302 46.05 -25.78 9.01
CA ALA D 302 46.08 -25.73 7.55
C ALA D 302 45.44 -26.99 6.97
N ILE D 303 44.89 -26.86 5.78
CA ILE D 303 44.21 -27.96 5.10
C ILE D 303 45.28 -28.75 4.39
N SER D 304 45.27 -30.07 4.57
CA SER D 304 46.19 -30.99 3.87
C SER D 304 45.54 -31.79 2.72
N LYS D 305 44.24 -32.04 2.84
CA LYS D 305 43.42 -32.44 1.69
C LYS D 305 42.12 -31.64 1.84
N GLU D 306 41.67 -30.94 0.79
CA GLU D 306 40.27 -30.42 0.77
C GLU D 306 39.38 -31.64 0.44
N PRO D 307 38.24 -31.84 1.15
CA PRO D 307 37.44 -33.03 0.85
C PRO D 307 37.03 -33.15 -0.61
N SER D 308 36.94 -34.40 -1.06
CA SER D 308 36.50 -34.75 -2.39
C SER D 308 35.10 -34.19 -2.62
N VAL D 309 34.19 -34.59 -1.73
CA VAL D 309 32.77 -34.20 -1.76
C VAL D 309 32.45 -33.38 -0.48
N LYS D 310 31.71 -32.27 -0.67
CA LYS D 310 31.46 -31.27 0.33
C LYS D 310 29.94 -30.93 0.53
N MET D 311 29.66 -30.31 1.66
CA MET D 311 28.36 -29.67 1.91
C MET D 311 28.69 -28.41 2.70
N TYR D 312 27.70 -27.55 2.84
CA TYR D 312 27.94 -26.30 3.52
C TYR D 312 26.71 -25.92 4.30
N HIS D 313 26.89 -25.16 5.38
CA HIS D 313 25.75 -24.62 6.07
C HIS D 313 26.09 -23.30 6.76
N LYS D 314 25.06 -22.64 7.29
CA LYS D 314 25.28 -21.42 8.06
C LYS D 314 24.05 -21.18 8.88
N THR D 315 24.25 -20.85 10.16
CA THR D 315 23.17 -20.50 11.05
C THR D 315 23.13 -18.97 11.17
N GLY D 316 22.01 -18.46 11.68
CA GLY D 316 21.84 -17.02 11.81
C GLY D 316 20.78 -16.74 12.84
N SER D 317 21.08 -15.78 13.71
CA SER D 317 20.15 -15.34 14.71
C SER D 317 20.25 -13.85 14.90
N THR D 318 19.10 -13.19 15.04
CA THR D 318 19.04 -11.84 15.59
C THR D 318 18.23 -12.01 16.86
N SER D 319 17.86 -10.93 17.52
CA SER D 319 17.18 -11.06 18.76
C SER D 319 15.76 -11.71 18.58
N GLY D 320 15.14 -11.55 17.42
CA GLY D 320 13.78 -12.12 17.21
C GLY D 320 13.66 -13.19 16.12
N PHE D 321 14.78 -13.57 15.48
CA PHE D 321 14.67 -14.43 14.28
C PHE D 321 15.80 -15.52 14.31
N GLY D 322 15.43 -16.68 13.79
CA GLY D 322 16.31 -17.80 13.49
C GLY D 322 16.29 -18.14 12.01
N THR D 323 17.46 -18.54 11.53
CA THR D 323 17.69 -18.83 10.14
C THR D 323 18.69 -20.05 10.10
N TYR D 324 18.48 -20.87 9.11
CA TYR D 324 19.42 -21.96 8.82
C TYR D 324 19.34 -22.24 7.38
N VAL D 325 20.52 -22.27 6.77
CA VAL D 325 20.63 -22.62 5.38
C VAL D 325 21.72 -23.70 5.18
N VAL D 326 21.41 -24.62 4.31
CA VAL D 326 22.33 -25.78 4.08
C VAL D 326 22.17 -26.22 2.67
N PHE D 327 23.28 -26.65 2.02
CA PHE D 327 23.14 -27.26 0.68
C PHE D 327 24.26 -28.33 0.45
N ILE D 328 23.91 -29.25 -0.41
CA ILE D 328 24.78 -30.39 -0.77
C ILE D 328 24.94 -30.51 -2.31
N PRO D 329 26.04 -29.97 -2.90
CA PRO D 329 26.17 -29.96 -4.37
C PRO D 329 26.02 -31.37 -5.01
N LYS D 330 26.74 -32.34 -4.45
CA LYS D 330 26.63 -33.76 -4.86
C LYS D 330 25.17 -34.20 -5.15
N GLU D 331 24.24 -33.85 -4.26
CA GLU D 331 22.83 -34.28 -4.34
C GLU D 331 21.83 -33.27 -5.00
N ASN D 332 22.33 -32.16 -5.54
CA ASN D 332 21.52 -31.04 -6.10
C ASN D 332 20.29 -30.64 -5.19
N ILE D 333 20.59 -30.42 -3.91
CA ILE D 333 19.55 -30.17 -2.92
C ILE D 333 20.00 -29.13 -1.87
N GLY D 334 19.09 -28.26 -1.39
CA GLY D 334 19.38 -27.47 -0.20
C GLY D 334 18.09 -27.16 0.54
N LEU D 335 18.24 -26.55 1.72
CA LEU D 335 17.08 -26.17 2.56
C LEU D 335 17.29 -24.85 3.21
N VAL D 336 16.20 -24.09 3.33
CA VAL D 336 16.22 -22.81 4.03
C VAL D 336 15.11 -22.86 5.11
N MET D 337 15.45 -22.52 6.34
CA MET D 337 14.44 -22.32 7.41
C MET D 337 14.57 -20.91 7.94
N LEU D 338 13.43 -20.24 8.07
CA LEU D 338 13.28 -18.84 8.56
C LEU D 338 12.20 -18.86 9.65
N THR D 339 12.52 -18.37 10.85
CA THR D 339 11.52 -18.26 11.91
C THR D 339 11.60 -16.84 12.48
N ASN D 340 10.50 -16.37 13.01
CA ASN D 340 10.49 -15.09 13.66
C ASN D 340 10.47 -15.22 15.18
N LYS D 341 11.17 -16.24 15.63
CA LYS D 341 11.59 -16.36 17.00
C LYS D 341 12.78 -17.29 16.96
N ARG D 342 13.79 -16.96 17.76
CA ARG D 342 14.96 -17.86 17.92
C ARG D 342 14.51 -19.22 18.41
N ILE D 343 15.03 -20.30 17.80
CA ILE D 343 14.98 -21.67 18.36
C ILE D 343 16.42 -22.21 18.43
N PRO D 344 16.66 -23.21 19.28
CA PRO D 344 18.08 -23.67 19.40
C PRO D 344 18.65 -24.10 18.06
N ASN D 345 19.94 -23.79 17.80
CA ASN D 345 20.60 -24.27 16.57
C ASN D 345 20.46 -25.77 16.34
N GLU D 346 20.59 -26.52 17.44
CA GLU D 346 20.54 -27.97 17.42
C GLU D 346 19.26 -28.42 16.78
N GLU D 347 18.16 -27.73 17.08
CA GLU D 347 16.86 -28.11 16.53
C GLU D 347 16.77 -27.78 15.07
N ARG D 348 17.40 -26.68 14.67
CA ARG D 348 17.35 -26.28 13.23
C ARG D 348 18.08 -27.33 12.35
N ILE D 349 19.30 -27.59 12.79
CA ILE D 349 20.23 -28.53 12.13
C ILE D 349 19.68 -29.94 12.09
N LYS D 350 19.11 -30.41 13.21
CA LYS D 350 18.53 -31.76 13.28
C LYS D 350 17.34 -31.91 12.35
N ALA D 351 16.40 -30.95 12.43
CA ALA D 351 15.20 -31.04 11.63
C ALA D 351 15.56 -30.99 10.14
N ALA D 352 16.51 -30.15 9.76
CA ALA D 352 16.95 -30.10 8.35
C ALA D 352 17.65 -31.44 7.99
N TYR D 353 18.51 -31.91 8.89
CA TYR D 353 19.24 -33.16 8.66
C TYR D 353 18.25 -34.30 8.37
N VAL D 354 17.27 -34.48 9.26
CA VAL D 354 16.26 -35.55 9.10
C VAL D 354 15.57 -35.40 7.74
N VAL D 355 15.15 -34.19 7.39
CA VAL D 355 14.37 -34.00 6.17
C VAL D 355 15.20 -34.33 4.90
N LEU D 356 16.42 -33.79 4.84
CA LEU D 356 17.28 -33.93 3.63
C LEU D 356 17.75 -35.38 3.41
N ASN D 357 18.09 -36.07 4.49
CA ASN D 357 18.40 -37.51 4.53
C ASN D 357 17.18 -38.45 4.45
N ALA D 358 15.96 -37.92 4.60
CA ALA D 358 14.74 -38.71 4.44
C ALA D 358 14.13 -38.60 3.06
N ILE D 359 14.30 -37.46 2.37
CA ILE D 359 13.65 -37.24 1.08
C ILE D 359 14.10 -38.35 0.11
N LYS D 360 13.21 -38.74 -0.80
CA LYS D 360 13.56 -39.59 -1.96
C LYS D 360 14.66 -38.91 -2.79
#